data_7OE3
#
_entry.id   7OE3
#
_cell.length_a   1.00
_cell.length_b   1.00
_cell.length_c   1.00
_cell.angle_alpha   90.00
_cell.angle_beta   90.00
_cell.angle_gamma   90.00
#
_symmetry.space_group_name_H-M   'P 1'
#
loop_
_entity.id
_entity.type
_entity.pdbx_description
1 polymer 'RNA-directed RNA polymerase L'
2 non-polymer 'ZINC ION'
3 non-polymer 'MAGNESIUM ION'
#
_entity_poly.entity_id   1
_entity_poly.type   'polypeptide(L)'
_entity_poly.pdbx_seq_one_letter_code
;MEDDMACVKDLVSKYLADNERLSRQKLAFLVQTEPRMLLMEGLKLLSLCIEIDSCNANGCEHNSEDKSVERILHDHGILT
PSLCFVVPDGYKLTGNVLILLECFVRSSPANFEQKYIEDFKKLEQLKEDLKSVDINLIPLIDGRTSFYNEQIPDWVNDKL
RDTLFSLLRYAQESNSLFEESEYSRLCESLSMTSGRLSGVESLNVLLDNRSSHYEEIIASCHQGINNKLTAHEVKLQIEE
EYQVFRNRLRKGEITGQFLKVDKSRLLNDFNNLYVDEVTATKDNIEHLIYQFKRASPILRFLYANIGEGNGEERHHTIKE
CQMQYWRSFLNKVKSLRILNTRRKLLLIFDALILLASIHDQTRHKCSKGWLGSCFISVNDRLVSLESTKRDLEKWVGRRQ
QSERSNTIQPPDKNQILISMFQKTILKATAALKDVGISVEHYKINMEVICPDSYDLILNFDVSGVVPTISYQRTEDEKFP
FIMGGVELLESTDLERLSSLSLALVNSMKTSSTVKLRQNEFGPARYQVVRCKEAYCQEFLLSGAEFQLIYQKTGECSKCY
AINDNRVGEICSFYADPKRYFPAIFSAEVLQTTVSTMISWVKDCSELEEQLCNINSLTKMILVLILAHPSKRSQKLLQNL
RYFIMAYVSDYHHKDLIDKLREELITDVEFLLYRLVRALVNLILSEDVKSMMTNRFKFILNISYMCHFITKETPDRLTDQ
IKCFEKFLEPKLEFGHVSINPADVATEEELDDMVYNAKKFLSKEGCTSIKGPDYKKPGVSKRFLSLLTSSFNNGSLFKES
EVKREIKDPLVTSGCATALDLASNKSVVVNKYTDGSRVLNYDFNKLTALAVSQLTEVFSRKGKHLLNKQDYDYKVQQAMS
NLVLGPRQNKVGADEADLDEILLDGGASVYFDQLKETVERIIDQYREPVKPGSNPNGGDQPSVNDLDEVVPNKFYIRLIK
GELSNHMVEDFDYDVLPGNFYEEFCDAVYKNNKLKERYFYCGQMSQCPIGELTKAVATRTYFDQEYFQCFKSILLIMNAN
TLMGRYTHYKSRNLNFKFDMGRLSDDVRISERESNSEALSKALSLTNCTTAMLKNLCFYSQESPQSYSSTGPDTGRLKFS
LSYKEQVGGNRELYIGDLRTKMFTRLIEDYFEALSLQLSGSCLNNEREFENAILSMKLNVSLAHVSYSMDHSKWGPMMCP
FLFLATLQNLIFLSKDLQADIKGRDYLSTLLTWHMHKMVEIPFNVVSAMMKSFIKAQLGLKKKTTQSITEDFFYSNFQIG
VVPSHVSSILDMGQGILHNTSDFYALISERFINYAISCICGGTIDAYTSSDDQISLFDQVLTELMQRDPEEFKTLIEFHY
YMSDQLNKFVSPKSVIGRFVAEFKSRFYVWGDEVPLLTKFVAAALHNIKCKEPHQLAETIDTIIDQSVANGVPVHLCNLI
QKRTLSLLQYARYPIDPFLLNCETDVRDWVDGNRSYRIMRQIERLIPDACGRIRSMLRKLYNKLKTGQLHEEFTTNYLSS
EHLSSLSNLCELLGVEPPSESDLEFSWLNLAAHHPLRMVLRQKIIYSGAVNLDDEKVPTIVKTIQNKLSSTFTRGAQKLL
SEAINKSAFQSSIASGFVGLCRTLGSKCVRGPNKESLYIKSIQSLISDIQGIEPLIDSHGVQYWRVPLNIRDGNEGVISY
FRPLLWDYMCISLSTAIELGAWVLGEPKKVRVLEFFKHNPCDYFPLKPAASKLLEDRVGLNHIIHSLRRLYPSVFEKHIL
PFMSDLASTKMKWSPRIKFLDLCVALDVNCEALSLVSHIVKWKREEHYIVLSSELRLSHTRTHEPMVEERVVSTSDAVDN
FMRQIYFESYVRSFVATTRTLGSFTWFPHKTSVPEGEGLQRLGPFSSFVEKAIHKGIERPMFKHDLMMGYAWIDFDIEPA
RFNHNQLIASGLVGPRFDSLEDFFDAVESLPPGSAKLSQTVRFRIKSQDASFKESFAIHLDYTGSINQQTKYLVHEVSAM
YSGAVSPCVLSDCWRLVLSGPTFKGKSAWYVDTEIVNEFLTDTNQLGHVTPVEIVVDMEKLQFTEYDFVLVGPCVEPVPL
VVHRGGLWECDKKLASFTPVVQDQDLEMFVKEVGDSSLDLLIGALSAMILDRLKLRMQWSEVDIVSMLKAAMPSNSVKVL
NAVLEAVDDWVDFKGYALCYSKSRKKVMVHSSGGKLRLKGRTCEELVKEDEGIEDIE
;
_entity_poly.pdbx_strand_id   L
#
loop_
_chem_comp.id
_chem_comp.type
_chem_comp.name
_chem_comp.formula
MG non-polymer 'MAGNESIUM ION' 'Mg 2'
ZN non-polymer 'ZINC ION' 'Zn 2'
#
# COMPACT_ATOMS: atom_id res chain seq x y z
N MET A 1 -16.02 -50.76 -32.99
CA MET A 1 -15.45 -49.43 -32.83
C MET A 1 -15.54 -48.64 -34.14
N GLU A 2 -16.54 -48.95 -34.94
CA GLU A 2 -16.76 -48.28 -36.22
C GLU A 2 -18.08 -47.53 -36.30
N ASP A 3 -19.12 -47.95 -35.56
CA ASP A 3 -20.37 -47.21 -35.54
C ASP A 3 -20.18 -45.81 -34.96
N ASP A 4 -19.24 -45.67 -34.01
CA ASP A 4 -18.93 -44.35 -33.48
C ASP A 4 -18.48 -43.42 -34.59
N MET A 5 -17.63 -43.91 -35.49
CA MET A 5 -17.21 -43.11 -36.64
C MET A 5 -18.42 -42.61 -37.43
N ALA A 6 -19.36 -43.49 -37.72
CA ALA A 6 -20.53 -43.12 -38.52
C ALA A 6 -21.36 -42.06 -37.81
N CYS A 7 -21.67 -42.28 -36.52
CA CYS A 7 -22.56 -41.35 -35.84
C CYS A 7 -21.90 -39.99 -35.66
N VAL A 8 -20.60 -39.96 -35.33
CA VAL A 8 -19.94 -38.67 -35.17
C VAL A 8 -19.78 -37.96 -36.52
N LYS A 9 -19.56 -38.73 -37.59
CA LYS A 9 -19.48 -38.11 -38.91
C LYS A 9 -20.81 -37.48 -39.29
N ASP A 10 -21.92 -38.16 -39.00
CA ASP A 10 -23.23 -37.58 -39.28
C ASP A 10 -23.47 -36.34 -38.44
N LEU A 11 -23.12 -36.40 -37.15
CA LEU A 11 -23.36 -35.27 -36.26
C LEU A 11 -22.56 -34.04 -36.70
N VAL A 12 -21.32 -34.25 -37.17
CA VAL A 12 -20.52 -33.11 -37.60
C VAL A 12 -20.93 -32.67 -39.00
N SER A 13 -21.52 -33.58 -39.79
CA SER A 13 -22.02 -33.17 -41.10
C SER A 13 -23.27 -32.32 -40.98
N LYS A 14 -24.07 -32.55 -39.93
CA LYS A 14 -25.31 -31.82 -39.77
C LYS A 14 -25.18 -30.55 -38.92
N TYR A 15 -24.10 -30.41 -38.16
CA TYR A 15 -23.97 -29.33 -37.19
C TYR A 15 -22.75 -28.46 -37.44
N LEU A 16 -22.44 -28.20 -38.71
CA LEU A 16 -21.34 -27.32 -39.09
C LEU A 16 -21.86 -26.15 -39.91
N ALA A 17 -21.46 -24.94 -39.51
CA ALA A 17 -21.90 -23.74 -40.21
C ALA A 17 -21.30 -23.69 -41.62
N ASP A 18 -22.05 -23.11 -42.55
CA ASP A 18 -21.64 -23.03 -43.95
C ASP A 18 -20.71 -21.84 -44.16
N ASN A 19 -19.43 -22.06 -43.87
CA ASN A 19 -18.40 -21.06 -44.09
C ASN A 19 -17.51 -21.49 -45.26
N GLU A 20 -17.14 -20.51 -46.10
CA GLU A 20 -16.27 -20.81 -47.23
C GLU A 20 -14.88 -21.26 -46.77
N ARG A 21 -14.52 -20.98 -45.52
CA ARG A 21 -13.25 -21.46 -44.99
C ARG A 21 -13.39 -22.82 -44.34
N LEU A 22 -14.53 -23.08 -43.71
CA LEU A 22 -14.75 -24.32 -42.97
C LEU A 22 -15.06 -25.50 -43.86
N SER A 23 -15.68 -25.26 -45.03
CA SER A 23 -16.08 -26.36 -45.89
C SER A 23 -14.88 -27.14 -46.40
N ARG A 24 -13.75 -26.47 -46.62
CA ARG A 24 -12.55 -27.15 -47.07
C ARG A 24 -12.13 -28.23 -46.08
N GLN A 25 -11.93 -27.85 -44.82
CA GLN A 25 -11.54 -28.83 -43.82
C GLN A 25 -12.64 -29.84 -43.56
N LYS A 26 -13.91 -29.42 -43.68
CA LYS A 26 -15.00 -30.36 -43.50
C LYS A 26 -14.94 -31.48 -44.52
N LEU A 27 -14.77 -31.13 -45.80
CA LEU A 27 -14.68 -32.16 -46.83
C LEU A 27 -13.40 -32.97 -46.70
N ALA A 28 -12.30 -32.32 -46.31
CA ALA A 28 -11.04 -33.04 -46.13
C ALA A 28 -11.15 -34.07 -45.01
N PHE A 29 -11.97 -33.78 -44.00
CA PHE A 29 -12.20 -34.74 -42.93
C PHE A 29 -13.17 -35.83 -43.37
N LEU A 30 -14.24 -35.45 -44.07
CA LEU A 30 -15.27 -36.41 -44.42
C LEU A 30 -14.79 -37.40 -45.48
N VAL A 31 -13.79 -37.02 -46.26
CA VAL A 31 -13.28 -37.94 -47.28
C VAL A 31 -12.37 -38.99 -46.66
N GLN A 32 -11.72 -38.69 -45.53
CA GLN A 32 -10.73 -39.58 -44.98
C GLN A 32 -11.37 -40.81 -44.36
N THR A 33 -10.63 -41.92 -44.35
CA THR A 33 -11.08 -43.18 -43.78
C THR A 33 -10.10 -43.78 -42.78
N GLU A 34 -8.81 -43.54 -42.94
CA GLU A 34 -7.82 -44.12 -42.04
C GLU A 34 -7.90 -43.47 -40.67
N PRO A 35 -7.97 -44.27 -39.59
CA PRO A 35 -8.17 -43.68 -38.26
C PRO A 35 -7.13 -42.65 -37.86
N ARG A 36 -5.86 -42.86 -38.19
CA ARG A 36 -4.84 -41.86 -37.87
C ARG A 36 -5.10 -40.55 -38.60
N MET A 37 -5.46 -40.63 -39.88
CA MET A 37 -5.79 -39.43 -40.62
C MET A 37 -7.06 -38.79 -40.07
N LEU A 38 -8.00 -39.60 -39.58
CA LEU A 38 -9.18 -39.04 -38.91
C LEU A 38 -8.78 -38.26 -37.67
N LEU A 39 -7.85 -38.81 -36.87
CA LEU A 39 -7.34 -38.07 -35.72
C LEU A 39 -6.75 -36.73 -36.13
N MET A 40 -5.85 -36.75 -37.10
CA MET A 40 -5.21 -35.52 -37.56
C MET A 40 -6.25 -34.51 -38.04
N GLU A 41 -7.19 -34.95 -38.89
CA GLU A 41 -8.15 -34.02 -39.46
C GLU A 41 -9.10 -33.49 -38.40
N GLY A 42 -9.51 -34.32 -37.45
CA GLY A 42 -10.36 -33.84 -36.39
C GLY A 42 -9.69 -32.79 -35.52
N LEU A 43 -8.43 -33.04 -35.14
CA LEU A 43 -7.69 -32.05 -34.37
C LEU A 43 -7.55 -30.75 -35.15
N LYS A 44 -7.21 -30.85 -36.45
CA LYS A 44 -7.03 -29.66 -37.26
C LYS A 44 -8.34 -28.88 -37.38
N LEU A 45 -9.45 -29.58 -37.60
CA LEU A 45 -10.74 -28.92 -37.73
C LEU A 45 -11.15 -28.25 -36.42
N LEU A 46 -10.93 -28.91 -35.29
CA LEU A 46 -11.28 -28.31 -34.01
C LEU A 46 -10.46 -27.04 -33.77
N SER A 47 -9.15 -27.11 -34.02
CA SER A 47 -8.32 -25.92 -33.90
C SER A 47 -8.82 -24.80 -34.82
N LEU A 48 -9.22 -25.17 -36.04
CA LEU A 48 -9.71 -24.18 -36.99
C LEU A 48 -10.97 -23.50 -36.48
N CYS A 49 -11.92 -24.28 -35.96
CA CYS A 49 -13.14 -23.69 -35.44
C CYS A 49 -12.84 -22.75 -34.27
N ILE A 50 -11.98 -23.17 -33.35
CA ILE A 50 -11.66 -22.32 -32.21
C ILE A 50 -11.03 -21.00 -32.68
N GLU A 51 -10.04 -21.09 -33.57
CA GLU A 51 -9.32 -19.88 -33.96
C GLU A 51 -10.20 -18.97 -34.80
N ILE A 52 -11.10 -19.53 -35.62
CA ILE A 52 -11.96 -18.68 -36.43
C ILE A 52 -13.03 -18.03 -35.56
N ASP A 53 -13.52 -18.73 -34.54
CA ASP A 53 -14.44 -18.10 -33.60
C ASP A 53 -13.78 -16.96 -32.88
N SER A 54 -12.53 -17.15 -32.44
CA SER A 54 -11.81 -16.07 -31.78
C SER A 54 -11.56 -14.90 -32.71
N CYS A 55 -11.20 -15.18 -33.97
CA CYS A 55 -10.90 -14.12 -34.91
C CYS A 55 -12.14 -13.31 -35.27
N ASN A 56 -13.30 -13.97 -35.36
CA ASN A 56 -14.50 -13.26 -35.75
C ASN A 56 -15.19 -12.59 -34.56
N ALA A 57 -14.98 -13.10 -33.34
CA ALA A 57 -15.64 -12.52 -32.18
C ALA A 57 -15.05 -11.17 -31.80
N ASN A 58 -13.73 -11.01 -31.96
CA ASN A 58 -13.05 -9.80 -31.58
C ASN A 58 -13.00 -8.76 -32.70
N GLY A 59 -13.74 -8.96 -33.78
CA GLY A 59 -13.75 -8.03 -34.88
C GLY A 59 -12.39 -7.88 -35.55
N CYS A 60 -11.93 -8.95 -36.20
CA CYS A 60 -10.64 -8.93 -36.87
C CYS A 60 -10.69 -9.88 -38.06
N GLU A 61 -9.69 -9.76 -38.93
CA GLU A 61 -9.57 -10.61 -40.09
C GLU A 61 -8.64 -11.78 -39.78
N HIS A 62 -9.09 -12.99 -40.10
CA HIS A 62 -8.34 -14.19 -39.75
C HIS A 62 -7.25 -14.47 -40.79
N ASN A 63 -6.07 -14.85 -40.29
CA ASN A 63 -4.92 -15.13 -41.16
C ASN A 63 -4.97 -16.60 -41.57
N SER A 64 -5.71 -16.86 -42.64
CA SER A 64 -5.82 -18.23 -43.14
C SER A 64 -4.57 -18.65 -43.90
N GLU A 65 -3.98 -17.73 -44.65
CA GLU A 65 -2.79 -18.05 -45.46
C GLU A 65 -1.52 -18.14 -44.63
N ASP A 66 -1.56 -17.77 -43.35
CA ASP A 66 -0.40 -17.85 -42.45
C ASP A 66 0.76 -17.01 -42.98
N LYS A 67 0.47 -15.77 -43.35
CA LYS A 67 1.50 -14.87 -43.86
C LYS A 67 2.13 -14.06 -42.73
N SER A 68 3.42 -13.83 -42.85
CA SER A 68 4.14 -13.05 -41.85
C SER A 68 3.71 -11.58 -41.91
N VAL A 69 4.11 -10.82 -40.89
CA VAL A 69 3.64 -9.44 -40.78
C VAL A 69 4.21 -8.57 -41.90
N GLU A 70 5.50 -8.73 -42.21
CA GLU A 70 6.10 -7.91 -43.27
C GLU A 70 5.50 -8.26 -44.62
N ARG A 71 5.07 -9.51 -44.80
CA ARG A 71 4.32 -9.87 -46.00
C ARG A 71 3.01 -9.09 -46.07
N ILE A 72 2.28 -9.04 -44.95
CA ILE A 72 1.01 -8.32 -44.92
C ILE A 72 1.23 -6.84 -45.23
N LEU A 73 2.34 -6.27 -44.73
CA LEU A 73 2.65 -4.88 -45.06
C LEU A 73 2.95 -4.73 -46.55
N HIS A 74 3.80 -5.60 -47.11
CA HIS A 74 4.22 -5.45 -48.50
C HIS A 74 3.05 -5.63 -49.46
N ASP A 75 2.14 -6.55 -49.17
CA ASP A 75 0.96 -6.70 -50.02
C ASP A 75 0.10 -5.44 -50.02
N HIS A 76 -0.04 -4.80 -48.86
CA HIS A 76 -0.75 -3.53 -48.76
C HIS A 76 0.09 -2.34 -49.20
N GLY A 77 1.23 -2.58 -49.84
CA GLY A 77 2.09 -1.50 -50.30
C GLY A 77 2.89 -0.81 -49.21
N ILE A 78 2.89 -1.35 -47.99
CA ILE A 78 3.65 -0.79 -46.88
C ILE A 78 5.04 -1.39 -46.91
N LEU A 79 6.04 -0.55 -47.19
CA LEU A 79 7.42 -1.01 -47.29
C LEU A 79 8.11 -0.87 -45.93
N THR A 80 8.80 -1.92 -45.52
CA THR A 80 9.47 -1.99 -44.23
C THR A 80 10.77 -2.77 -44.38
N PRO A 81 11.76 -2.51 -43.52
CA PRO A 81 13.02 -3.27 -43.60
C PRO A 81 12.87 -4.70 -43.09
N SER A 82 13.98 -5.42 -43.00
CA SER A 82 13.93 -6.81 -42.56
C SER A 82 13.56 -6.88 -41.08
N LEU A 83 12.97 -8.02 -40.68
CA LEU A 83 12.42 -8.19 -39.35
C LEU A 83 12.59 -9.63 -38.91
N CYS A 84 12.18 -9.91 -37.68
CA CYS A 84 12.33 -11.25 -37.12
C CYS A 84 11.17 -12.14 -37.53
N PHE A 85 11.26 -13.41 -37.15
CA PHE A 85 10.28 -14.43 -37.51
C PHE A 85 9.03 -14.26 -36.63
N VAL A 86 7.97 -13.71 -37.19
CA VAL A 86 6.70 -13.54 -36.50
C VAL A 86 5.57 -13.89 -37.46
N VAL A 87 4.53 -14.54 -36.95
CA VAL A 87 3.36 -14.90 -37.71
C VAL A 87 2.12 -14.50 -36.93
N PRO A 88 1.30 -13.59 -37.46
CA PRO A 88 0.05 -13.22 -36.78
C PRO A 88 -1.07 -14.20 -37.13
N ASP A 89 -1.92 -14.48 -36.14
CA ASP A 89 -3.08 -15.33 -36.39
C ASP A 89 -4.27 -14.51 -36.88
N GLY A 90 -4.36 -13.26 -36.46
CA GLY A 90 -5.40 -12.37 -36.93
C GLY A 90 -4.86 -10.96 -37.09
N TYR A 91 -5.04 -10.38 -38.28
CA TYR A 91 -4.48 -9.07 -38.59
C TYR A 91 -5.58 -8.17 -39.15
N LYS A 92 -5.52 -6.89 -38.80
CA LYS A 92 -6.49 -5.92 -39.26
C LYS A 92 -5.83 -4.56 -39.41
N LEU A 93 -6.15 -3.88 -40.51
CA LEU A 93 -5.67 -2.53 -40.77
C LEU A 93 -6.86 -1.61 -40.99
N THR A 94 -7.01 -0.61 -40.12
CA THR A 94 -8.12 0.33 -40.23
C THR A 94 -7.57 1.74 -40.05
N GLY A 95 -7.46 2.47 -41.14
CA GLY A 95 -6.86 3.80 -41.08
C GLY A 95 -5.40 3.69 -40.70
N ASN A 96 -5.07 4.19 -39.52
CA ASN A 96 -3.73 4.09 -38.96
C ASN A 96 -3.67 3.13 -37.77
N VAL A 97 -4.66 2.26 -37.62
CA VAL A 97 -4.77 1.36 -36.48
C VAL A 97 -4.49 -0.05 -36.95
N LEU A 98 -3.58 -0.74 -36.27
CA LEU A 98 -3.21 -2.11 -36.58
C LEU A 98 -3.66 -3.02 -35.44
N ILE A 99 -4.26 -4.15 -35.79
CA ILE A 99 -4.82 -5.10 -34.82
C ILE A 99 -4.17 -6.45 -35.06
N LEU A 100 -3.65 -7.05 -33.98
CA LEU A 100 -3.11 -8.40 -33.99
C LEU A 100 -3.85 -9.24 -32.96
N LEU A 101 -4.16 -10.50 -33.31
CA LEU A 101 -5.11 -11.31 -32.57
C LEU A 101 -4.57 -12.71 -32.32
N GLU A 102 -3.36 -12.81 -31.78
CA GLU A 102 -2.85 -14.11 -31.39
C GLU A 102 -3.65 -14.69 -30.22
N CYS A 103 -3.94 -15.98 -30.30
CA CYS A 103 -4.78 -16.64 -29.30
C CYS A 103 -4.29 -18.07 -29.08
N PHE A 104 -4.77 -18.69 -28.01
CA PHE A 104 -4.39 -20.04 -27.65
C PHE A 104 -5.37 -20.57 -26.61
N VAL A 105 -5.20 -21.85 -26.28
CA VAL A 105 -6.04 -22.54 -25.30
C VAL A 105 -5.13 -23.28 -24.32
N ARG A 106 -5.37 -23.10 -23.02
CA ARG A 106 -4.61 -23.77 -21.98
C ARG A 106 -5.54 -24.09 -20.81
N SER A 107 -5.21 -25.16 -20.08
CA SER A 107 -6.01 -25.59 -18.95
C SER A 107 -5.27 -25.49 -17.61
N SER A 108 -3.94 -25.51 -17.62
CA SER A 108 -3.20 -25.42 -16.38
C SER A 108 -2.90 -23.97 -16.04
N PRO A 109 -2.95 -23.61 -14.75
CA PRO A 109 -2.64 -22.24 -14.35
C PRO A 109 -1.22 -21.82 -14.72
N ALA A 110 -0.25 -22.65 -14.35
CA ALA A 110 1.14 -22.33 -14.64
C ALA A 110 1.40 -22.22 -16.13
N ASN A 111 0.88 -23.16 -16.91
CA ASN A 111 1.05 -23.11 -18.36
C ASN A 111 0.41 -21.86 -18.94
N PHE A 112 -0.80 -21.52 -18.48
CA PHE A 112 -1.48 -20.32 -18.94
C PHE A 112 -0.65 -19.07 -18.67
N GLU A 113 -0.14 -18.93 -17.45
CA GLU A 113 0.62 -17.75 -17.10
C GLU A 113 1.93 -17.68 -17.88
N GLN A 114 2.60 -18.82 -18.07
CA GLN A 114 3.85 -18.81 -18.81
C GLN A 114 3.63 -18.43 -20.26
N LYS A 115 2.59 -18.98 -20.90
CA LYS A 115 2.29 -18.63 -22.28
C LYS A 115 1.92 -17.16 -22.41
N TYR A 116 1.13 -16.64 -21.45
CA TYR A 116 0.78 -15.23 -21.47
C TYR A 116 2.02 -14.35 -21.37
N ILE A 117 2.89 -14.64 -20.39
CA ILE A 117 4.11 -13.85 -20.26
C ILE A 117 4.92 -13.91 -21.55
N GLU A 118 5.06 -15.10 -22.13
CA GLU A 118 5.88 -15.26 -23.32
C GLU A 118 5.35 -14.43 -24.49
N ASP A 119 4.08 -14.63 -24.85
CA ASP A 119 3.58 -13.94 -26.04
C ASP A 119 3.40 -12.45 -25.78
N PHE A 120 3.10 -12.06 -24.54
CA PHE A 120 3.03 -10.65 -24.20
C PHE A 120 4.38 -9.97 -24.39
N LYS A 121 5.45 -10.58 -23.88
CA LYS A 121 6.78 -10.01 -24.06
C LYS A 121 7.16 -9.96 -25.54
N LYS A 122 6.87 -11.03 -26.28
CA LYS A 122 7.18 -11.05 -27.70
C LYS A 122 6.45 -9.93 -28.44
N LEU A 123 5.16 -9.73 -28.14
CA LEU A 123 4.39 -8.73 -28.86
C LEU A 123 4.80 -7.32 -28.46
N GLU A 124 5.20 -7.12 -27.19
CA GLU A 124 5.73 -5.82 -26.81
C GLU A 124 7.04 -5.53 -27.54
N GLN A 125 7.91 -6.53 -27.66
CA GLN A 125 9.14 -6.36 -28.43
C GLN A 125 8.82 -5.98 -29.87
N LEU A 126 7.88 -6.69 -30.50
CA LEU A 126 7.55 -6.39 -31.89
C LEU A 126 6.88 -5.03 -32.03
N LYS A 127 6.12 -4.61 -31.02
CA LYS A 127 5.57 -3.26 -31.03
C LYS A 127 6.68 -2.22 -31.00
N GLU A 128 7.71 -2.46 -30.18
CA GLU A 128 8.87 -1.58 -30.19
C GLU A 128 9.54 -1.56 -31.55
N ASP A 129 9.67 -2.73 -32.19
CA ASP A 129 10.33 -2.76 -33.50
C ASP A 129 9.50 -2.03 -34.56
N LEU A 130 8.18 -2.09 -34.47
CA LEU A 130 7.31 -1.49 -35.47
C LEU A 130 6.94 -0.04 -35.16
N LYS A 131 7.32 0.49 -34.00
CA LYS A 131 7.06 1.89 -33.71
C LYS A 131 7.71 2.82 -34.74
N SER A 132 8.81 2.37 -35.36
CA SER A 132 9.49 3.21 -36.35
C SER A 132 8.65 3.43 -37.61
N VAL A 133 7.69 2.54 -37.87
CA VAL A 133 6.84 2.66 -39.05
C VAL A 133 5.94 3.89 -39.01
N ASP A 134 5.76 4.48 -37.82
CA ASP A 134 4.82 5.59 -37.59
C ASP A 134 3.39 5.10 -37.71
N ILE A 135 3.16 3.84 -37.35
CA ILE A 135 1.83 3.25 -37.28
C ILE A 135 1.69 2.60 -35.92
N ASN A 136 0.55 2.83 -35.27
CA ASN A 136 0.33 2.30 -33.92
C ASN A 136 0.04 0.82 -33.96
N LEU A 137 0.38 0.14 -32.87
CA LEU A 137 0.11 -1.28 -32.69
C LEU A 137 -0.58 -1.50 -31.35
N ILE A 138 -1.58 -2.37 -31.33
CA ILE A 138 -2.26 -2.76 -30.09
C ILE A 138 -2.55 -4.26 -30.14
N PRO A 139 -1.84 -5.07 -29.38
CA PRO A 139 -2.11 -6.51 -29.39
C PRO A 139 -3.39 -6.86 -28.64
N LEU A 140 -3.93 -8.02 -28.97
CA LEU A 140 -5.10 -8.56 -28.30
C LEU A 140 -4.90 -10.06 -28.11
N ILE A 141 -5.00 -10.52 -26.86
CA ILE A 141 -4.67 -11.89 -26.50
C ILE A 141 -5.89 -12.50 -25.83
N ASP A 142 -6.33 -13.67 -26.32
CA ASP A 142 -7.46 -14.39 -25.77
C ASP A 142 -7.00 -15.79 -25.39
N GLY A 143 -7.04 -16.09 -24.08
CA GLY A 143 -6.71 -17.41 -23.59
C GLY A 143 -7.91 -18.01 -22.88
N ARG A 144 -8.44 -19.09 -23.45
CA ARG A 144 -9.64 -19.73 -22.94
C ARG A 144 -9.26 -20.99 -22.17
N THR A 145 -10.08 -21.33 -21.17
CA THR A 145 -9.87 -22.50 -20.35
C THR A 145 -10.84 -23.63 -20.68
N SER A 146 -11.37 -23.67 -21.89
CA SER A 146 -12.32 -24.70 -22.28
C SER A 146 -12.39 -24.77 -23.80
N PHE A 147 -12.89 -25.90 -24.29
CA PHE A 147 -13.01 -26.15 -25.72
C PHE A 147 -14.31 -25.65 -26.31
N TYR A 148 -15.14 -24.97 -25.51
CA TYR A 148 -16.41 -24.47 -26.02
C TYR A 148 -16.17 -23.35 -27.05
N ASN A 149 -17.02 -23.32 -28.07
CA ASN A 149 -16.94 -22.29 -29.10
C ASN A 149 -18.36 -22.03 -29.62
N GLU A 150 -18.44 -21.31 -30.74
CA GLU A 150 -19.72 -20.90 -31.32
C GLU A 150 -20.12 -21.73 -32.52
N GLN A 151 -19.18 -22.07 -33.39
CA GLN A 151 -19.53 -22.80 -34.61
C GLN A 151 -20.01 -24.22 -34.34
N ILE A 152 -19.80 -24.72 -33.13
CA ILE A 152 -20.17 -26.10 -32.79
C ILE A 152 -20.96 -26.11 -31.49
N PRO A 153 -21.99 -26.92 -31.36
CA PRO A 153 -22.64 -27.06 -30.05
C PRO A 153 -21.78 -27.88 -29.09
N ASP A 154 -22.21 -27.91 -27.83
CA ASP A 154 -21.34 -28.43 -26.77
C ASP A 154 -21.28 -29.96 -26.78
N TRP A 155 -22.43 -30.62 -26.87
CA TRP A 155 -22.47 -32.07 -26.69
C TRP A 155 -21.72 -32.79 -27.80
N VAL A 156 -21.90 -32.34 -29.05
CA VAL A 156 -21.22 -32.99 -30.17
C VAL A 156 -19.71 -32.79 -30.05
N ASN A 157 -19.28 -31.62 -29.58
CA ASN A 157 -17.85 -31.37 -29.42
C ASN A 157 -17.26 -32.25 -28.32
N ASP A 158 -17.99 -32.37 -27.20
CA ASP A 158 -17.53 -33.21 -26.10
C ASP A 158 -17.41 -34.67 -26.55
N LYS A 159 -18.44 -35.18 -27.23
CA LYS A 159 -18.38 -36.56 -27.69
C LYS A 159 -17.32 -36.74 -28.77
N LEU A 160 -17.07 -35.69 -29.56
CA LEU A 160 -16.00 -35.74 -30.55
C LEU A 160 -14.66 -35.91 -29.90
N ARG A 161 -14.33 -35.07 -28.92
CA ARG A 161 -13.04 -35.21 -28.25
C ARG A 161 -12.96 -36.52 -27.46
N ASP A 162 -14.10 -37.00 -26.95
CA ASP A 162 -14.08 -38.28 -26.23
C ASP A 162 -13.76 -39.44 -27.16
N THR A 163 -14.47 -39.53 -28.29
CA THR A 163 -14.18 -40.59 -29.23
C THR A 163 -12.78 -40.44 -29.83
N LEU A 164 -12.30 -39.20 -29.98
CA LEU A 164 -10.93 -39.00 -30.42
C LEU A 164 -9.95 -39.56 -29.41
N PHE A 165 -10.21 -39.35 -28.12
CA PHE A 165 -9.36 -39.93 -27.08
C PHE A 165 -9.38 -41.45 -27.14
N SER A 166 -10.56 -42.04 -27.35
CA SER A 166 -10.65 -43.50 -27.39
C SER A 166 -9.86 -44.06 -28.56
N LEU A 167 -10.06 -43.50 -29.76
CA LEU A 167 -9.28 -43.95 -30.91
C LEU A 167 -7.79 -43.67 -30.71
N LEU A 168 -7.46 -42.60 -29.98
CA LEU A 168 -6.06 -42.30 -29.71
C LEU A 168 -5.42 -43.41 -28.88
N ARG A 169 -6.04 -43.77 -27.76
CA ARG A 169 -5.48 -44.83 -26.94
C ARG A 169 -5.49 -46.16 -27.68
N TYR A 170 -6.51 -46.41 -28.50
CA TYR A 170 -6.55 -47.65 -29.29
C TYR A 170 -5.36 -47.72 -30.24
N ALA A 171 -5.16 -46.67 -31.05
CA ALA A 171 -4.08 -46.68 -32.02
C ALA A 171 -2.72 -46.67 -31.34
N GLN A 172 -2.63 -46.08 -30.15
CA GLN A 172 -1.37 -46.13 -29.42
C GLN A 172 -1.06 -47.55 -28.96
N GLU A 173 -2.07 -48.27 -28.48
CA GLU A 173 -1.89 -49.66 -28.12
C GLU A 173 -1.75 -50.59 -29.33
N SER A 174 -2.11 -50.11 -30.52
CA SER A 174 -2.08 -50.95 -31.72
C SER A 174 -0.83 -50.73 -32.56
N ASN A 175 -0.59 -49.49 -32.98
CA ASN A 175 0.51 -49.20 -33.89
C ASN A 175 1.69 -48.51 -33.22
N SER A 176 1.49 -47.89 -32.05
CA SER A 176 2.55 -47.17 -31.35
C SER A 176 3.18 -46.10 -32.24
N LEU A 177 2.32 -45.37 -32.95
CA LEU A 177 2.82 -44.33 -33.85
C LEU A 177 3.47 -43.17 -33.12
N PHE A 178 3.21 -43.03 -31.82
CA PHE A 178 3.78 -41.95 -31.03
C PHE A 178 4.70 -42.54 -29.96
N GLU A 179 5.68 -41.75 -29.54
CA GLU A 179 6.55 -42.13 -28.44
C GLU A 179 5.90 -41.70 -27.12
N GLU A 180 6.57 -41.97 -26.00
CA GLU A 180 5.92 -41.84 -24.69
C GLU A 180 5.67 -40.37 -24.35
N SER A 181 6.65 -39.50 -24.61
CA SER A 181 6.54 -38.11 -24.18
C SER A 181 5.40 -37.40 -24.88
N GLU A 182 5.37 -37.43 -26.21
CA GLU A 182 4.33 -36.74 -26.95
C GLU A 182 2.95 -37.36 -26.67
N TYR A 183 2.90 -38.68 -26.52
CA TYR A 183 1.64 -39.34 -26.23
C TYR A 183 1.08 -38.87 -24.88
N SER A 184 1.94 -38.88 -23.85
CA SER A 184 1.50 -38.41 -22.54
C SER A 184 1.11 -36.94 -22.58
N ARG A 185 1.87 -36.12 -23.32
CA ARG A 185 1.52 -34.72 -23.45
C ARG A 185 0.14 -34.54 -24.07
N LEU A 186 -0.15 -35.31 -25.13
CA LEU A 186 -1.45 -35.19 -25.79
C LEU A 186 -2.57 -35.64 -24.87
N CYS A 187 -2.36 -36.72 -24.11
CA CYS A 187 -3.38 -37.14 -23.16
C CYS A 187 -3.64 -36.07 -22.11
N GLU A 188 -2.57 -35.51 -21.53
CA GLU A 188 -2.76 -34.48 -20.50
C GLU A 188 -3.40 -33.23 -21.08
N SER A 189 -3.16 -32.94 -22.36
CA SER A 189 -3.76 -31.76 -22.96
C SER A 189 -5.24 -31.96 -23.22
N LEU A 190 -5.60 -33.00 -23.97
CA LEU A 190 -6.99 -33.22 -24.35
C LEU A 190 -7.82 -33.83 -23.23
N SER A 191 -7.21 -34.17 -22.09
CA SER A 191 -7.98 -34.72 -20.98
C SER A 191 -8.92 -33.69 -20.38
N MET A 192 -8.45 -32.45 -20.25
CA MET A 192 -9.22 -31.34 -19.68
C MET A 192 -9.55 -31.58 -18.21
N THR A 193 -9.06 -32.69 -17.66
CA THR A 193 -9.21 -33.00 -16.24
C THR A 193 -7.89 -33.15 -15.51
N SER A 194 -6.80 -33.40 -16.23
CA SER A 194 -5.48 -33.54 -15.64
C SER A 194 -4.80 -32.20 -15.40
N GLY A 195 -5.50 -31.08 -15.61
CA GLY A 195 -4.89 -29.79 -15.35
C GLY A 195 -4.51 -29.61 -13.90
N ARG A 196 -5.49 -29.72 -13.00
CA ARG A 196 -5.23 -29.62 -11.56
C ARG A 196 -6.32 -30.40 -10.84
N LEU A 197 -5.99 -31.61 -10.39
CA LEU A 197 -6.95 -32.44 -9.66
C LEU A 197 -6.38 -33.11 -8.42
N SER A 198 -5.07 -33.13 -8.22
CA SER A 198 -4.45 -33.83 -7.10
C SER A 198 -3.82 -32.82 -6.14
N GLY A 199 -3.22 -33.36 -5.07
CA GLY A 199 -2.58 -32.54 -4.07
C GLY A 199 -1.10 -32.82 -3.93
N VAL A 200 -0.69 -33.34 -2.78
CA VAL A 200 0.72 -33.61 -2.53
C VAL A 200 1.20 -34.78 -3.39
N GLU A 201 0.30 -35.72 -3.69
CA GLU A 201 0.67 -36.90 -4.47
C GLU A 201 0.94 -36.59 -5.93
N SER A 202 0.82 -35.32 -6.36
CA SER A 202 1.18 -34.97 -7.73
C SER A 202 2.62 -35.32 -8.05
N LEU A 203 3.51 -35.18 -7.06
CA LEU A 203 4.91 -35.53 -7.27
C LEU A 203 5.09 -37.00 -7.63
N ASN A 204 4.06 -37.83 -7.41
CA ASN A 204 4.12 -39.24 -7.78
C ASN A 204 4.01 -39.45 -9.29
N VAL A 205 3.77 -38.40 -10.07
CA VAL A 205 3.60 -38.58 -11.51
C VAL A 205 4.95 -38.75 -12.20
N LEU A 206 5.98 -38.06 -11.70
CA LEU A 206 7.25 -37.98 -12.40
C LEU A 206 8.15 -39.16 -12.01
N LEU A 207 9.41 -39.09 -12.43
CA LEU A 207 10.41 -40.11 -12.16
C LEU A 207 11.45 -39.57 -11.18
N ASP A 208 12.38 -40.44 -10.78
CA ASP A 208 13.30 -40.09 -9.69
C ASP A 208 14.63 -39.52 -10.19
N ASN A 209 15.40 -40.31 -10.94
CA ASN A 209 16.71 -39.92 -11.47
C ASN A 209 17.69 -39.48 -10.39
N ARG A 210 17.40 -39.76 -9.12
CA ARG A 210 18.27 -39.37 -8.01
C ARG A 210 19.40 -40.40 -7.91
N SER A 211 20.55 -40.09 -8.50
CA SER A 211 21.61 -41.08 -8.68
C SER A 211 22.65 -41.08 -7.57
N SER A 212 23.39 -39.99 -7.42
CA SER A 212 24.53 -40.05 -6.51
C SER A 212 24.59 -38.90 -5.51
N HIS A 213 24.25 -37.69 -5.92
CA HIS A 213 24.37 -36.52 -5.05
C HIS A 213 23.50 -36.67 -3.81
N TYR A 214 22.29 -37.19 -3.98
CA TYR A 214 21.36 -37.35 -2.87
C TYR A 214 21.96 -38.22 -1.78
N GLU A 215 22.59 -39.33 -2.16
CA GLU A 215 23.17 -40.23 -1.16
C GLU A 215 24.29 -39.56 -0.39
N GLU A 216 25.18 -38.85 -1.09
CA GLU A 216 26.27 -38.15 -0.42
C GLU A 216 25.74 -37.13 0.56
N ILE A 217 24.74 -36.33 0.16
CA ILE A 217 24.20 -35.32 1.06
C ILE A 217 23.56 -35.97 2.27
N ILE A 218 22.73 -36.99 2.05
CA ILE A 218 22.03 -37.62 3.17
C ILE A 218 23.01 -38.28 4.14
N ALA A 219 24.10 -38.85 3.61
CA ALA A 219 25.11 -39.45 4.48
C ALA A 219 25.85 -38.38 5.27
N SER A 220 26.20 -37.27 4.61
CA SER A 220 26.86 -36.18 5.32
C SER A 220 25.98 -35.63 6.43
N CYS A 221 24.66 -35.70 6.25
CA CYS A 221 23.75 -35.26 7.31
C CYS A 221 23.79 -36.20 8.51
N HIS A 222 24.13 -37.47 8.28
CA HIS A 222 24.10 -38.50 9.30
C HIS A 222 25.48 -38.90 9.80
N GLN A 223 26.52 -38.14 9.46
CA GLN A 223 27.89 -38.61 9.66
C GLN A 223 28.20 -38.82 11.13
N GLY A 224 28.22 -37.75 11.92
CA GLY A 224 28.69 -37.86 13.29
C GLY A 224 27.65 -37.50 14.34
N ILE A 225 26.38 -37.57 13.98
CA ILE A 225 25.28 -37.20 14.86
C ILE A 225 24.77 -38.44 15.57
N ASN A 226 24.61 -38.35 16.89
CA ASN A 226 24.04 -39.41 17.70
C ASN A 226 22.71 -38.91 18.26
N ASN A 227 21.62 -39.60 17.92
CA ASN A 227 20.29 -39.21 18.36
C ASN A 227 19.61 -40.36 19.07
N LYS A 228 20.34 -41.05 19.96
CA LYS A 228 19.80 -42.17 20.71
C LYS A 228 20.07 -42.08 22.20
N LEU A 229 20.79 -41.05 22.67
CA LEU A 229 21.14 -40.95 24.07
C LEU A 229 19.90 -40.81 24.94
N THR A 230 20.02 -41.21 26.20
CA THR A 230 18.91 -41.16 27.13
C THR A 230 18.98 -39.87 27.96
N ALA A 231 17.98 -39.70 28.82
CA ALA A 231 17.90 -38.50 29.64
C ALA A 231 19.05 -38.41 30.63
N HIS A 232 19.63 -39.55 30.99
CA HIS A 232 20.67 -39.54 32.01
C HIS A 232 22.03 -39.14 31.44
N GLU A 233 22.24 -39.36 30.15
CA GLU A 233 23.56 -39.17 29.55
C GLU A 233 23.73 -37.80 28.89
N VAL A 234 22.77 -36.89 29.06
CA VAL A 234 22.91 -35.53 28.56
C VAL A 234 23.23 -34.55 29.69
N LYS A 235 22.69 -34.82 30.88
CA LYS A 235 22.95 -33.96 32.03
C LYS A 235 24.44 -33.90 32.34
N LEU A 236 25.13 -35.03 32.21
CA LEU A 236 26.57 -35.08 32.48
C LEU A 236 27.33 -34.18 31.53
N GLN A 237 26.99 -34.23 30.23
CA GLN A 237 27.66 -33.39 29.26
C GLN A 237 27.37 -31.92 29.53
N ILE A 238 26.13 -31.60 29.90
CA ILE A 238 25.78 -30.23 30.25
C ILE A 238 26.64 -29.74 31.40
N GLU A 239 26.78 -30.57 32.45
CA GLU A 239 27.55 -30.17 33.62
C GLU A 239 29.01 -29.97 33.27
N GLU A 240 29.58 -30.88 32.49
CA GLU A 240 30.99 -30.76 32.09
C GLU A 240 31.21 -29.47 31.29
N GLU A 241 30.32 -29.20 30.34
CA GLU A 241 30.43 -27.98 29.54
C GLU A 241 30.37 -26.75 30.43
N TYR A 242 29.41 -26.71 31.36
CA TYR A 242 29.31 -25.56 32.25
C TYR A 242 30.57 -25.38 33.07
N GLN A 243 31.13 -26.49 33.58
CA GLN A 243 32.34 -26.41 34.39
C GLN A 243 33.49 -25.80 33.61
N VAL A 244 33.78 -26.36 32.44
CA VAL A 244 34.92 -25.88 31.67
C VAL A 244 34.70 -24.44 31.21
N PHE A 245 33.46 -24.09 30.88
CA PHE A 245 33.17 -22.73 30.44
C PHE A 245 33.39 -21.74 31.57
N ARG A 246 32.86 -22.04 32.76
CA ARG A 246 33.04 -21.14 33.88
C ARG A 246 34.52 -20.97 34.23
N ASN A 247 35.28 -22.08 34.18
CA ASN A 247 36.71 -21.98 34.49
C ASN A 247 37.43 -21.09 33.48
N ARG A 248 37.23 -21.35 32.18
CA ARG A 248 37.92 -20.55 31.18
C ARG A 248 37.46 -19.10 31.16
N LEU A 249 36.22 -18.83 31.59
CA LEU A 249 35.77 -17.45 31.68
C LEU A 249 36.40 -16.73 32.86
N ARG A 250 36.46 -17.37 34.02
CA ARG A 250 37.09 -16.77 35.19
C ARG A 250 38.59 -16.59 35.01
N LYS A 251 39.24 -17.47 34.24
CA LYS A 251 40.68 -17.33 34.01
C LYS A 251 41.00 -16.04 33.27
N GLY A 252 40.24 -15.73 32.21
CA GLY A 252 40.46 -14.50 31.47
C GLY A 252 40.71 -14.68 30.00
N GLU A 253 40.26 -15.80 29.42
CA GLU A 253 40.33 -16.02 27.99
C GLU A 253 38.99 -15.74 27.30
N ILE A 254 37.89 -16.20 27.89
CA ILE A 254 36.57 -15.84 27.40
C ILE A 254 36.30 -14.38 27.76
N THR A 255 35.72 -13.63 26.82
CA THR A 255 35.63 -12.19 26.99
C THR A 255 34.48 -11.80 27.92
N GLY A 256 33.26 -12.14 27.55
CA GLY A 256 32.10 -11.65 28.28
C GLY A 256 31.51 -10.42 27.61
N GLN A 257 30.19 -10.38 27.45
CA GLN A 257 29.54 -9.38 26.62
C GLN A 257 28.39 -8.71 27.35
N PHE A 258 28.59 -8.35 28.62
CA PHE A 258 27.53 -7.70 29.38
C PHE A 258 28.13 -6.81 30.45
N LEU A 259 27.50 -5.66 30.66
CA LEU A 259 27.91 -4.70 31.68
C LEU A 259 26.73 -4.37 32.57
N LYS A 260 27.03 -3.94 33.79
CA LYS A 260 25.99 -3.47 34.70
C LYS A 260 25.68 -2.00 34.41
N VAL A 261 24.42 -1.62 34.61
CA VAL A 261 23.98 -0.29 34.22
C VAL A 261 24.62 0.76 35.11
N ASP A 262 24.76 1.97 34.55
CA ASP A 262 25.25 3.13 35.30
C ASP A 262 24.74 4.37 34.58
N LYS A 263 23.78 5.06 35.20
CA LYS A 263 23.09 6.14 34.53
C LYS A 263 24.04 7.30 34.21
N SER A 264 24.91 7.65 35.16
CA SER A 264 25.82 8.76 34.94
C SER A 264 26.76 8.48 33.77
N ARG A 265 27.32 7.27 33.71
CA ARG A 265 28.22 6.93 32.62
C ARG A 265 27.48 6.88 31.29
N LEU A 266 26.24 6.39 31.30
CA LEU A 266 25.46 6.37 30.06
C LEU A 266 25.19 7.76 29.54
N LEU A 267 24.79 8.68 30.42
CA LEU A 267 24.56 10.05 30.00
C LEU A 267 25.85 10.70 29.51
N ASN A 268 26.96 10.46 30.21
CA ASN A 268 28.22 11.07 29.80
C ASN A 268 28.68 10.52 28.45
N ASP A 269 28.37 9.26 28.16
CA ASP A 269 28.71 8.70 26.85
C ASP A 269 27.79 9.26 25.77
N PHE A 270 26.53 9.51 26.10
CA PHE A 270 25.61 10.07 25.11
C PHE A 270 25.98 11.51 24.77
N ASN A 271 26.41 12.29 25.76
CA ASN A 271 26.75 13.68 25.50
C ASN A 271 27.92 13.80 24.53
N ASN A 272 28.98 13.02 24.76
CA ASN A 272 30.17 13.05 23.90
C ASN A 272 30.06 12.03 22.78
N LEU A 273 28.98 12.07 22.02
CA LEU A 273 28.76 11.12 20.94
C LEU A 273 29.36 11.58 19.62
N TYR A 274 29.32 12.88 19.35
CA TYR A 274 29.86 13.42 18.11
C TYR A 274 30.96 14.44 18.39
N VAL A 275 31.89 14.12 19.28
CA VAL A 275 32.87 15.12 19.72
C VAL A 275 34.01 15.09 18.70
N ASP A 276 33.73 15.71 17.56
CA ASP A 276 34.74 16.17 16.62
C ASP A 276 34.43 17.53 16.03
N GLU A 277 33.18 17.95 16.01
CA GLU A 277 32.69 19.20 15.42
C GLU A 277 31.92 20.04 16.43
N VAL A 278 31.12 19.43 17.28
CA VAL A 278 30.42 20.15 18.35
C VAL A 278 31.38 20.19 19.54
N THR A 279 32.27 21.19 19.53
CA THR A 279 33.34 21.28 20.52
C THR A 279 32.84 21.93 21.82
N ALA A 280 31.81 21.31 22.39
CA ALA A 280 31.24 21.77 23.65
C ALA A 280 30.48 20.61 24.29
N THR A 281 30.00 20.85 25.50
CA THR A 281 29.19 19.86 26.20
C THR A 281 27.93 20.52 26.74
N LYS A 282 27.99 21.81 27.03
CA LYS A 282 26.86 22.57 27.51
C LYS A 282 26.47 23.61 26.47
N ASP A 283 25.18 23.96 26.46
CA ASP A 283 24.67 24.94 25.50
C ASP A 283 23.53 25.71 26.14
N ASN A 284 23.64 27.03 26.15
CA ASN A 284 22.58 27.86 26.70
C ASN A 284 21.36 27.82 25.78
N ILE A 285 20.17 27.88 26.39
CA ILE A 285 18.94 27.78 25.61
C ILE A 285 18.73 29.03 24.77
N GLU A 286 19.12 30.19 25.30
CA GLU A 286 18.85 31.44 24.60
C GLU A 286 19.64 31.55 23.30
N HIS A 287 20.91 31.13 23.31
CA HIS A 287 21.70 31.16 22.08
C HIS A 287 21.14 30.21 21.05
N LEU A 288 20.67 29.04 21.48
CA LEU A 288 20.05 28.10 20.55
C LEU A 288 18.78 28.68 19.94
N ILE A 289 17.92 29.27 20.76
CA ILE A 289 16.71 29.91 20.23
C ILE A 289 17.07 31.01 19.26
N TYR A 290 18.11 31.79 19.57
CA TYR A 290 18.51 32.88 18.70
C TYR A 290 18.98 32.37 17.34
N GLN A 291 19.90 31.41 17.34
CA GLN A 291 20.48 30.95 16.09
C GLN A 291 19.61 29.93 15.35
N PHE A 292 18.49 29.50 15.95
CA PHE A 292 17.60 28.61 15.23
C PHE A 292 16.83 29.35 14.14
N LYS A 293 16.44 30.59 14.40
CA LYS A 293 15.63 31.36 13.47
C LYS A 293 16.44 32.01 12.35
N ARG A 294 17.69 31.58 12.13
CA ARG A 294 18.49 32.14 11.06
C ARG A 294 19.28 31.08 10.31
N ALA A 295 18.95 29.80 10.48
CA ALA A 295 19.78 28.73 9.92
C ALA A 295 19.62 28.62 8.41
N SER A 296 18.39 28.42 7.94
CA SER A 296 18.14 28.14 6.54
C SER A 296 17.16 29.17 5.98
N PRO A 297 17.23 29.44 4.66
CA PRO A 297 16.31 30.41 4.07
C PRO A 297 14.85 30.15 4.37
N ILE A 298 14.43 28.88 4.41
CA ILE A 298 13.05 28.57 4.79
C ILE A 298 12.76 29.07 6.20
N LEU A 299 13.66 28.78 7.13
CA LEU A 299 13.44 29.17 8.52
C LEU A 299 13.49 30.69 8.67
N ARG A 300 14.36 31.35 7.92
CA ARG A 300 14.41 32.80 7.97
C ARG A 300 13.10 33.41 7.45
N PHE A 301 12.59 32.89 6.33
CA PHE A 301 11.33 33.39 5.80
C PHE A 301 10.18 33.08 6.73
N LEU A 302 10.27 32.01 7.51
CA LEU A 302 9.17 31.62 8.38
C LEU A 302 8.98 32.61 9.52
N TYR A 303 10.07 33.07 10.12
CA TYR A 303 10.02 33.89 11.32
C TYR A 303 10.35 35.35 11.05
N ALA A 304 10.40 35.76 9.78
CA ALA A 304 10.66 37.15 9.46
C ALA A 304 9.46 38.01 9.87
N ASN A 305 9.59 39.32 9.62
CA ASN A 305 8.54 40.29 9.95
C ASN A 305 8.13 40.99 8.67
N ILE A 306 6.96 40.63 8.15
CA ILE A 306 6.43 41.19 6.91
C ILE A 306 4.99 41.61 7.16
N GLY A 307 4.80 42.90 7.46
CA GLY A 307 3.48 43.41 7.72
C GLY A 307 2.99 44.36 6.65
N GLU A 308 3.22 44.00 5.39
CA GLU A 308 2.80 44.83 4.27
C GLU A 308 1.28 45.00 4.30
N GLY A 309 0.84 46.23 4.07
CA GLY A 309 -0.58 46.55 4.14
C GLY A 309 -0.91 47.44 5.33
N ASN A 310 -1.42 48.62 5.07
CA ASN A 310 -1.77 49.57 6.12
C ASN A 310 -3.17 49.33 6.69
N GLY A 311 -3.91 48.37 6.17
CA GLY A 311 -5.26 48.09 6.62
C GLY A 311 -6.33 48.36 5.60
N GLU A 312 -5.98 48.90 4.43
CA GLU A 312 -6.95 49.16 3.37
C GLU A 312 -6.49 48.56 2.06
N GLU A 313 -5.17 48.44 1.88
CA GLU A 313 -4.63 47.84 0.67
C GLU A 313 -4.92 46.35 0.62
N ARG A 314 -4.90 45.68 1.79
CA ARG A 314 -5.23 44.26 1.83
C ARG A 314 -6.73 44.03 1.65
N HIS A 315 -7.54 45.05 1.90
CA HIS A 315 -8.99 44.90 1.76
C HIS A 315 -9.38 44.59 0.33
N HIS A 316 -8.63 45.11 -0.65
CA HIS A 316 -8.95 44.86 -2.04
C HIS A 316 -8.59 43.45 -2.48
N THR A 317 -7.77 42.73 -1.71
CA THR A 317 -7.34 41.39 -2.10
C THR A 317 -8.45 40.35 -2.02
N ILE A 318 -9.68 40.76 -1.71
CA ILE A 318 -10.80 39.83 -1.65
C ILE A 318 -11.91 40.35 -2.56
N LYS A 319 -11.53 41.04 -3.63
CA LYS A 319 -12.50 41.65 -4.54
C LYS A 319 -12.71 40.87 -5.83
N GLU A 320 -11.71 40.10 -6.28
CA GLU A 320 -11.84 39.23 -7.44
C GLU A 320 -12.20 40.03 -8.70
N CYS A 321 -11.25 40.86 -9.13
CA CYS A 321 -11.44 41.73 -10.28
C CYS A 321 -11.55 40.93 -11.58
N GLN A 322 -11.74 41.64 -12.70
CA GLN A 322 -12.04 40.99 -13.98
C GLN A 322 -10.89 40.15 -14.52
N MET A 323 -9.65 40.50 -14.17
CA MET A 323 -8.50 39.78 -14.71
C MET A 323 -8.55 38.29 -14.34
N GLN A 324 -8.86 37.99 -13.08
CA GLN A 324 -8.92 36.61 -12.66
C GLN A 324 -10.06 35.86 -13.35
N TYR A 325 -11.20 36.53 -13.55
CA TYR A 325 -12.32 35.90 -14.25
C TYR A 325 -11.94 35.55 -15.68
N TRP A 326 -11.32 36.49 -16.39
CA TRP A 326 -10.89 36.23 -17.75
C TRP A 326 -9.86 35.10 -17.79
N ARG A 327 -8.93 35.09 -16.84
CA ARG A 327 -7.91 34.05 -16.79
C ARG A 327 -8.56 32.68 -16.61
N SER A 328 -9.48 32.56 -15.66
CA SER A 328 -10.13 31.28 -15.41
C SER A 328 -10.93 30.83 -16.62
N PHE A 329 -11.68 31.75 -17.25
CA PHE A 329 -12.46 31.38 -18.42
C PHE A 329 -11.56 30.90 -19.55
N LEU A 330 -10.46 31.61 -19.80
CA LEU A 330 -9.56 31.22 -20.87
C LEU A 330 -8.89 29.88 -20.58
N ASN A 331 -8.56 29.62 -19.31
CA ASN A 331 -7.99 28.33 -18.95
C ASN A 331 -8.99 27.20 -19.21
N LYS A 332 -10.23 27.39 -18.76
CA LYS A 332 -11.26 26.37 -18.99
C LYS A 332 -11.48 26.13 -20.48
N VAL A 333 -11.43 27.20 -21.28
CA VAL A 333 -11.62 27.04 -22.72
C VAL A 333 -10.46 26.28 -23.34
N LYS A 334 -9.22 26.68 -23.01
CA LYS A 334 -8.06 26.01 -23.55
C LYS A 334 -7.96 24.56 -23.10
N SER A 335 -8.60 24.21 -21.98
CA SER A 335 -8.65 22.80 -21.57
C SER A 335 -9.30 21.91 -22.63
N LEU A 336 -10.13 22.48 -23.50
CA LEU A 336 -10.71 21.75 -24.61
C LEU A 336 -9.69 21.68 -25.75
N ARG A 337 -10.14 21.28 -26.93
CA ARG A 337 -9.26 21.12 -28.09
C ARG A 337 -9.74 22.00 -29.23
N ILE A 338 -8.95 23.03 -29.55
CA ILE A 338 -9.19 23.90 -30.70
C ILE A 338 -7.98 23.81 -31.60
N LEU A 339 -8.21 23.99 -32.90
CA LEU A 339 -7.17 23.80 -33.90
C LEU A 339 -6.36 25.07 -34.12
N ASN A 340 -5.10 24.89 -34.51
CA ASN A 340 -4.20 25.98 -34.89
C ASN A 340 -3.98 26.97 -33.75
N THR A 341 -3.39 26.47 -32.67
CA THR A 341 -2.98 27.31 -31.55
C THR A 341 -1.54 27.80 -31.68
N ARG A 342 -0.81 27.35 -32.69
CA ARG A 342 0.61 27.64 -32.83
C ARG A 342 0.81 29.12 -33.17
N ARG A 343 1.20 29.90 -32.17
CA ARG A 343 1.56 31.32 -32.31
C ARG A 343 0.41 32.18 -32.81
N LYS A 344 -0.80 31.62 -32.94
CA LYS A 344 -1.96 32.37 -33.38
C LYS A 344 -3.04 32.44 -32.33
N LEU A 345 -3.50 31.30 -31.82
CA LEU A 345 -4.54 31.26 -30.81
C LEU A 345 -3.99 31.34 -29.38
N LEU A 346 -2.76 31.83 -29.23
CA LEU A 346 -2.19 32.09 -27.92
C LEU A 346 -1.96 33.57 -27.66
N LEU A 347 -1.47 34.31 -28.68
CA LEU A 347 -1.28 35.74 -28.55
C LEU A 347 -2.59 36.45 -28.22
N ILE A 348 -3.70 35.98 -28.80
CA ILE A 348 -5.00 36.60 -28.54
C ILE A 348 -5.33 36.51 -27.06
N PHE A 349 -5.00 35.38 -26.43
CA PHE A 349 -5.30 35.20 -25.02
C PHE A 349 -4.54 36.21 -24.16
N ASP A 350 -3.25 36.39 -24.45
CA ASP A 350 -2.47 37.38 -23.72
C ASP A 350 -3.00 38.78 -23.96
N ALA A 351 -3.43 39.07 -25.20
CA ALA A 351 -4.00 40.38 -25.48
C ALA A 351 -5.26 40.62 -24.67
N LEU A 352 -6.13 39.61 -24.59
CA LEU A 352 -7.36 39.77 -23.82
C LEU A 352 -7.07 39.97 -22.34
N ILE A 353 -6.13 39.18 -21.78
CA ILE A 353 -5.79 39.33 -20.38
C ILE A 353 -5.20 40.71 -20.12
N LEU A 354 -4.36 41.20 -21.03
CA LEU A 354 -3.77 42.53 -20.87
C LEU A 354 -4.83 43.61 -20.91
N LEU A 355 -5.79 43.49 -21.82
CA LEU A 355 -6.88 44.47 -21.89
C LEU A 355 -7.71 44.45 -20.61
N ALA A 356 -8.01 43.26 -20.09
CA ALA A 356 -8.76 43.17 -18.84
C ALA A 356 -7.97 43.79 -17.70
N SER A 357 -6.66 43.60 -17.69
CA SER A 357 -5.83 44.19 -16.64
C SER A 357 -5.85 45.70 -16.73
N ILE A 358 -5.74 46.25 -17.94
CA ILE A 358 -5.80 47.71 -18.11
C ILE A 358 -7.14 48.25 -17.63
N HIS A 359 -8.23 47.55 -17.97
CA HIS A 359 -9.55 48.00 -17.56
C HIS A 359 -9.67 48.00 -16.04
N ASP A 360 -9.30 46.88 -15.39
CA ASP A 360 -9.31 46.83 -13.94
C ASP A 360 -8.39 47.88 -13.32
N GLN A 361 -7.33 48.25 -14.04
CA GLN A 361 -6.36 49.20 -13.50
C GLN A 361 -6.92 50.61 -13.48
N THR A 362 -7.28 51.14 -14.64
CA THR A 362 -7.68 52.55 -14.69
C THR A 362 -9.15 52.74 -14.35
N ARG A 363 -9.60 52.11 -13.27
CA ARG A 363 -10.89 52.45 -12.66
C ARG A 363 -10.79 52.58 -11.14
N HIS A 364 -9.98 51.76 -10.48
CA HIS A 364 -9.79 51.88 -9.04
C HIS A 364 -8.34 51.68 -8.62
N LYS A 365 -7.41 51.55 -9.57
CA LYS A 365 -5.98 51.49 -9.30
C LYS A 365 -5.61 50.32 -8.38
N CYS A 366 -5.83 49.11 -8.89
CA CYS A 366 -5.43 47.90 -8.21
C CYS A 366 -4.12 47.39 -8.80
N SER A 367 -3.28 46.79 -7.95
CA SER A 367 -1.97 46.29 -8.36
C SER A 367 -1.91 44.80 -8.02
N LYS A 368 -2.39 43.97 -8.93
CA LYS A 368 -2.34 42.53 -8.77
C LYS A 368 -1.99 41.89 -10.11
N GLY A 369 -1.55 40.64 -10.05
CA GLY A 369 -1.22 39.89 -11.24
C GLY A 369 0.01 40.36 -11.99
N TRP A 370 0.70 41.40 -11.50
CA TRP A 370 1.89 41.92 -12.14
C TRP A 370 3.12 41.59 -11.30
N LEU A 371 4.28 41.60 -11.95
CA LEU A 371 5.54 41.32 -11.27
C LEU A 371 6.65 42.07 -12.03
N GLY A 372 7.03 43.22 -11.51
CA GLY A 372 7.99 44.07 -12.20
C GLY A 372 7.42 44.57 -13.50
N SER A 373 7.89 44.02 -14.62
CA SER A 373 7.28 44.26 -15.93
C SER A 373 7.03 42.88 -16.53
N CYS A 374 5.93 42.26 -16.11
CA CYS A 374 5.53 40.91 -16.50
C CYS A 374 4.17 40.65 -15.88
N PHE A 375 3.40 39.76 -16.51
CA PHE A 375 2.07 39.45 -16.01
C PHE A 375 1.80 37.97 -16.23
N ILE A 376 0.85 37.44 -15.45
CA ILE A 376 0.55 36.01 -15.48
C ILE A 376 -0.32 35.70 -16.68
N SER A 377 0.12 34.75 -17.49
CA SER A 377 -0.56 34.38 -18.72
C SER A 377 -1.58 33.28 -18.44
N VAL A 378 -2.09 32.67 -19.52
CA VAL A 378 -3.16 31.70 -19.38
C VAL A 378 -2.68 30.43 -18.70
N ASN A 379 -1.50 29.93 -19.10
CA ASN A 379 -1.00 28.64 -18.64
C ASN A 379 0.01 28.77 -17.51
N ASP A 380 -0.20 29.74 -16.61
CA ASP A 380 0.69 29.99 -15.49
C ASP A 380 2.10 30.33 -15.96
N ARG A 381 2.16 31.11 -17.04
CA ARG A 381 3.42 31.55 -17.60
C ARG A 381 3.77 32.94 -17.07
N LEU A 382 4.92 33.44 -17.49
CA LEU A 382 5.44 34.72 -17.01
C LEU A 382 5.92 35.55 -18.20
N VAL A 383 5.06 35.66 -19.23
CA VAL A 383 5.45 36.34 -20.45
C VAL A 383 5.77 37.81 -20.18
N SER A 384 6.64 38.36 -21.02
CA SER A 384 7.09 39.75 -20.89
C SER A 384 6.05 40.69 -21.50
N LEU A 385 6.43 41.94 -21.71
CA LEU A 385 5.54 42.96 -22.26
C LEU A 385 5.93 43.39 -23.67
N GLU A 386 7.22 43.70 -23.89
CA GLU A 386 7.64 44.28 -25.17
C GLU A 386 7.55 43.27 -26.30
N SER A 387 8.05 42.05 -26.09
CA SER A 387 7.99 41.02 -27.13
C SER A 387 6.56 40.80 -27.61
N THR A 388 5.59 40.89 -26.70
CA THR A 388 4.20 40.78 -27.12
C THR A 388 3.80 41.92 -28.04
N LYS A 389 4.27 43.14 -27.74
CA LYS A 389 3.98 44.27 -28.60
C LYS A 389 4.57 44.07 -29.98
N ARG A 390 5.80 43.58 -30.05
CA ARG A 390 6.44 43.32 -31.34
C ARG A 390 5.67 42.27 -32.13
N ASP A 391 5.32 41.16 -31.48
CA ASP A 391 4.56 40.12 -32.16
C ASP A 391 3.22 40.65 -32.65
N LEU A 392 2.54 41.45 -31.83
CA LEU A 392 1.23 41.98 -32.20
C LEU A 392 1.34 42.89 -33.42
N GLU A 393 2.29 43.84 -33.39
CA GLU A 393 2.41 44.76 -34.52
C GLU A 393 2.82 44.02 -35.79
N LYS A 394 3.75 43.06 -35.68
CA LYS A 394 4.14 42.28 -36.84
C LYS A 394 2.95 41.53 -37.43
N TRP A 395 2.18 40.86 -36.57
CA TRP A 395 1.06 40.05 -37.04
C TRP A 395 -0.01 40.92 -37.70
N VAL A 396 -0.35 42.06 -37.08
CA VAL A 396 -1.41 42.88 -37.64
C VAL A 396 -0.96 43.51 -38.96
N GLY A 397 0.29 43.99 -39.03
CA GLY A 397 0.79 44.53 -40.28
C GLY A 397 0.81 43.50 -41.39
N ARG A 398 1.25 42.28 -41.08
CA ARG A 398 1.28 41.23 -42.08
C ARG A 398 -0.13 40.89 -42.57
N ARG A 399 -1.06 40.67 -41.64
CA ARG A 399 -2.41 40.29 -42.05
C ARG A 399 -3.10 41.42 -42.82
N GLN A 400 -2.79 42.67 -42.49
CA GLN A 400 -3.41 43.79 -43.20
C GLN A 400 -2.84 43.94 -44.61
N GLN A 401 -1.50 44.00 -44.72
CA GLN A 401 -0.88 44.11 -46.03
C GLN A 401 -1.04 42.85 -46.87
N SER A 402 -1.55 41.76 -46.29
CA SER A 402 -1.90 40.60 -47.09
C SER A 402 -3.03 40.92 -48.07
N GLU A 403 -3.98 41.73 -47.64
CA GLU A 403 -5.10 42.13 -48.49
C GLU A 403 -4.61 43.01 -49.64
N PRO A 410 -7.31 50.63 -46.56
CA PRO A 410 -8.73 50.90 -46.29
C PRO A 410 -9.21 50.49 -44.88
N PRO A 411 -8.87 49.30 -44.38
CA PRO A 411 -9.33 48.92 -43.04
C PRO A 411 -8.53 49.64 -41.96
N ASP A 412 -9.01 49.49 -40.73
CA ASP A 412 -8.39 50.12 -39.57
C ASP A 412 -7.89 49.04 -38.61
N LYS A 413 -6.81 49.37 -37.90
CA LYS A 413 -6.19 48.40 -36.99
C LYS A 413 -7.16 47.92 -35.92
N ASN A 414 -7.81 48.87 -35.23
CA ASN A 414 -8.78 48.49 -34.21
C ASN A 414 -9.88 47.61 -34.77
N GLN A 415 -10.27 47.86 -36.02
CA GLN A 415 -11.30 47.02 -36.65
C GLN A 415 -10.82 45.59 -36.81
N ILE A 416 -9.59 45.40 -37.27
CA ILE A 416 -9.04 44.05 -37.42
C ILE A 416 -8.97 43.37 -36.05
N LEU A 417 -8.51 44.10 -35.05
CA LEU A 417 -8.39 43.52 -33.71
C LEU A 417 -9.76 43.08 -33.17
N ILE A 418 -10.76 43.94 -33.28
CA ILE A 418 -12.07 43.60 -32.73
C ILE A 418 -12.72 42.48 -33.54
N SER A 419 -12.47 42.44 -34.84
CA SER A 419 -12.99 41.34 -35.66
C SER A 419 -12.41 40.01 -35.22
N MET A 420 -11.08 39.95 -35.09
CA MET A 420 -10.44 38.73 -34.62
C MET A 420 -10.96 38.31 -33.25
N PHE A 421 -11.02 39.28 -32.32
CA PHE A 421 -11.48 38.99 -30.97
C PHE A 421 -12.90 38.44 -30.96
N GLN A 422 -13.80 39.09 -31.69
CA GLN A 422 -15.20 38.68 -31.69
C GLN A 422 -15.37 37.32 -32.33
N LYS A 423 -14.65 37.05 -33.43
CA LYS A 423 -14.77 35.75 -34.07
C LYS A 423 -14.29 34.63 -33.14
N THR A 424 -13.12 34.84 -32.50
CA THR A 424 -12.61 33.81 -31.60
C THR A 424 -13.53 33.62 -30.40
N ILE A 425 -14.06 34.72 -29.87
CA ILE A 425 -14.96 34.63 -28.71
C ILE A 425 -16.25 33.90 -29.08
N LEU A 426 -16.76 34.15 -30.29
CA LEU A 426 -17.96 33.46 -30.72
C LEU A 426 -17.71 31.97 -30.87
N LYS A 427 -16.59 31.60 -31.50
CA LYS A 427 -16.22 30.18 -31.57
C LYS A 427 -16.16 29.56 -30.19
N ALA A 428 -15.51 30.24 -29.25
CA ALA A 428 -15.34 29.69 -27.91
C ALA A 428 -16.67 29.53 -27.19
N THR A 429 -17.53 30.56 -27.24
CA THR A 429 -18.79 30.49 -26.52
C THR A 429 -19.73 29.45 -27.14
N ALA A 430 -19.66 29.27 -28.47
CA ALA A 430 -20.44 28.22 -29.09
C ALA A 430 -19.95 26.85 -28.64
N ALA A 431 -18.64 26.62 -28.67
CA ALA A 431 -18.09 25.34 -28.24
C ALA A 431 -18.39 25.07 -26.76
N LEU A 432 -18.51 26.13 -25.96
CA LEU A 432 -18.79 25.94 -24.54
C LEU A 432 -20.26 25.65 -24.30
N LYS A 433 -21.15 26.43 -24.92
CA LYS A 433 -22.58 26.13 -24.84
C LYS A 433 -22.90 24.75 -25.41
N ASP A 434 -22.04 24.23 -26.29
CA ASP A 434 -22.29 22.93 -26.89
C ASP A 434 -22.54 21.85 -25.85
N VAL A 435 -21.72 21.79 -24.80
CA VAL A 435 -21.74 20.60 -23.96
C VAL A 435 -22.75 20.70 -22.82
N GLY A 436 -22.52 21.56 -21.83
CA GLY A 436 -23.50 21.67 -20.77
C GLY A 436 -23.62 22.98 -20.02
N ILE A 437 -22.88 24.00 -20.42
CA ILE A 437 -22.73 25.20 -19.60
C ILE A 437 -22.96 26.44 -20.45
N SER A 438 -23.57 27.46 -19.86
CA SER A 438 -23.66 28.78 -20.45
C SER A 438 -22.42 29.58 -20.06
N VAL A 439 -22.33 30.83 -20.51
CA VAL A 439 -21.16 31.65 -20.27
C VAL A 439 -21.45 32.82 -19.33
N GLU A 440 -22.69 32.93 -18.85
CA GLU A 440 -23.05 34.02 -17.96
C GLU A 440 -22.74 33.71 -16.50
N HIS A 441 -22.29 32.50 -16.19
CA HIS A 441 -21.95 32.12 -14.82
C HIS A 441 -20.50 32.42 -14.46
N TYR A 442 -19.73 32.99 -15.38
CA TYR A 442 -18.34 33.35 -15.12
C TYR A 442 -18.17 34.82 -14.75
N LYS A 443 -19.25 35.59 -14.76
CA LYS A 443 -19.24 37.00 -14.35
C LYS A 443 -18.29 37.83 -15.21
N ILE A 444 -18.16 37.45 -16.47
CA ILE A 444 -17.36 38.19 -17.43
C ILE A 444 -18.27 39.11 -18.23
N ASN A 445 -17.71 40.22 -18.71
CA ASN A 445 -18.46 41.18 -19.51
C ASN A 445 -17.63 41.60 -20.70
N MET A 446 -18.30 41.80 -21.83
CA MET A 446 -17.64 42.25 -23.05
C MET A 446 -17.55 43.77 -23.10
N GLU A 447 -17.04 44.37 -22.02
CA GLU A 447 -16.82 45.80 -21.96
C GLU A 447 -15.35 46.19 -22.04
N VAL A 448 -14.43 45.30 -21.65
CA VAL A 448 -13.01 45.60 -21.73
C VAL A 448 -12.56 45.79 -23.16
N ILE A 449 -13.35 45.36 -24.14
CA ILE A 449 -13.02 45.55 -25.56
C ILE A 449 -13.58 46.92 -25.94
N CYS A 450 -12.80 47.95 -25.66
CA CYS A 450 -13.19 49.31 -26.02
C CYS A 450 -13.17 49.48 -27.53
N PRO A 451 -13.87 50.50 -28.06
CA PRO A 451 -13.81 50.73 -29.51
C PRO A 451 -12.39 50.92 -30.02
N ASP A 452 -11.51 51.50 -29.22
CA ASP A 452 -10.10 51.66 -29.56
C ASP A 452 -9.27 50.90 -28.54
N SER A 453 -8.53 49.92 -29.01
CA SER A 453 -7.70 49.10 -28.12
C SER A 453 -6.24 49.02 -28.56
N TYR A 454 -5.99 48.97 -29.88
CA TYR A 454 -4.62 48.83 -30.36
C TYR A 454 -3.76 50.01 -29.93
N ASP A 455 -4.26 51.23 -30.09
CA ASP A 455 -3.54 52.40 -29.63
C ASP A 455 -3.31 52.35 -28.12
N LEU A 456 -4.28 51.81 -27.37
CA LEU A 456 -4.10 51.67 -25.94
C LEU A 456 -3.00 50.68 -25.60
N ILE A 457 -2.95 49.56 -26.33
CA ILE A 457 -1.86 48.60 -26.16
C ILE A 457 -0.52 49.27 -26.43
N LEU A 458 -0.44 50.04 -27.51
CA LEU A 458 0.81 50.68 -27.89
C LEU A 458 1.18 51.86 -27.01
N ASN A 459 0.32 52.26 -26.08
CA ASN A 459 0.60 53.43 -25.24
C ASN A 459 0.52 53.08 -23.76
N PHE A 460 1.09 51.96 -23.36
CA PHE A 460 1.13 51.55 -21.97
C PHE A 460 2.57 51.41 -21.51
N ASP A 461 2.77 51.56 -20.20
CA ASP A 461 4.11 51.48 -19.62
C ASP A 461 4.00 51.26 -18.13
N VAL A 462 4.96 50.53 -17.58
CA VAL A 462 5.02 50.25 -16.14
C VAL A 462 6.46 50.42 -15.67
N SER A 463 6.62 50.43 -14.35
CA SER A 463 7.94 50.55 -13.74
C SER A 463 7.98 49.69 -12.49
N GLY A 464 9.12 49.02 -12.28
CA GLY A 464 9.28 48.14 -11.14
C GLY A 464 10.69 47.60 -11.01
N VAL A 465 10.81 46.31 -10.71
CA VAL A 465 12.10 45.65 -10.59
C VAL A 465 12.11 44.43 -11.50
N VAL A 466 13.18 43.66 -11.48
CA VAL A 466 13.30 42.44 -12.26
C VAL A 466 13.20 41.25 -11.30
N PRO A 467 12.32 40.29 -11.53
CA PRO A 467 12.28 39.09 -10.70
C PRO A 467 13.32 38.08 -11.17
N THR A 468 14.27 37.78 -10.29
CA THR A 468 15.44 36.98 -10.64
C THR A 468 15.43 35.65 -9.91
N ILE A 469 16.39 34.81 -10.26
CA ILE A 469 16.67 33.55 -9.59
C ILE A 469 18.18 33.41 -9.48
N SER A 470 18.66 33.05 -8.28
CA SER A 470 20.09 32.94 -8.02
C SER A 470 20.42 31.50 -7.64
N TYR A 471 21.47 30.96 -8.26
CA TYR A 471 21.96 29.61 -7.99
C TYR A 471 23.12 29.76 -7.02
N GLN A 472 22.81 30.07 -5.76
CA GLN A 472 23.80 30.33 -4.72
C GLN A 472 24.81 31.38 -5.17
N ASP A 476 27.48 36.21 0.82
CA ASP A 476 26.72 36.46 2.04
C ASP A 476 25.23 36.61 1.73
N GLU A 477 24.40 36.37 2.75
CA GLU A 477 22.95 36.41 2.60
C GLU A 477 22.43 37.70 3.24
N LYS A 478 21.96 38.61 2.39
CA LYS A 478 21.41 39.90 2.83
C LYS A 478 19.89 39.82 2.75
N PHE A 479 19.26 39.57 3.88
CA PHE A 479 17.81 39.40 3.90
C PHE A 479 17.13 40.77 3.81
N PRO A 480 16.10 40.91 2.96
CA PRO A 480 15.44 42.22 2.82
C PRO A 480 14.60 42.63 4.02
N PHE A 481 14.35 41.75 4.96
CA PHE A 481 13.51 42.05 6.11
C PHE A 481 14.30 41.84 7.41
N ILE A 482 13.60 41.95 8.52
CA ILE A 482 14.19 41.69 9.84
C ILE A 482 14.04 40.21 10.15
N MET A 483 15.08 39.63 10.78
CA MET A 483 15.18 38.18 10.86
C MET A 483 14.11 37.57 11.75
N GLY A 484 14.09 37.94 13.02
CA GLY A 484 13.18 37.27 13.94
C GLY A 484 12.38 38.17 14.85
N GLY A 485 11.06 38.11 14.73
CA GLY A 485 10.19 38.87 15.60
C GLY A 485 8.90 38.15 15.96
N VAL A 486 8.81 36.87 15.61
CA VAL A 486 7.60 36.08 15.81
C VAL A 486 7.81 35.16 17.00
N GLU A 487 6.96 35.29 18.01
CA GLU A 487 7.07 34.47 19.20
C GLU A 487 6.70 33.02 18.90
N LEU A 488 7.38 32.10 19.57
CA LEU A 488 7.16 30.68 19.34
C LEU A 488 5.83 30.19 19.91
N LEU A 489 5.25 30.92 20.86
CA LEU A 489 4.04 30.45 21.53
C LEU A 489 2.81 30.55 20.63
N GLU A 490 2.84 31.40 19.61
CA GLU A 490 1.70 31.57 18.72
C GLU A 490 1.70 30.46 17.68
N SER A 491 0.84 30.58 16.67
CA SER A 491 0.66 29.57 15.64
C SER A 491 0.68 30.21 14.26
N THR A 492 1.68 31.04 14.01
CA THR A 492 1.80 31.70 12.71
C THR A 492 2.75 30.96 11.76
N ASP A 493 3.88 30.49 12.28
CA ASP A 493 4.83 29.77 11.44
C ASP A 493 4.21 28.52 10.84
N LEU A 494 3.32 27.86 11.59
CA LEU A 494 2.66 26.66 11.05
C LEU A 494 1.76 27.01 9.87
N GLU A 495 1.05 28.13 9.95
CA GLU A 495 0.19 28.53 8.84
C GLU A 495 1.02 28.93 7.62
N ARG A 496 2.11 29.66 7.85
CA ARG A 496 3.00 30.00 6.75
C ARG A 496 3.55 28.74 6.09
N LEU A 497 3.97 27.77 6.88
CA LEU A 497 4.47 26.51 6.34
C LEU A 497 3.39 25.78 5.56
N SER A 498 2.16 25.79 6.06
CA SER A 498 1.06 25.14 5.36
C SER A 498 0.85 25.75 3.99
N SER A 499 0.79 27.09 3.92
CA SER A 499 0.57 27.74 2.63
C SER A 499 1.72 27.49 1.67
N LEU A 500 2.96 27.59 2.15
CA LEU A 500 4.11 27.36 1.29
C LEU A 500 4.14 25.93 0.78
N SER A 501 3.82 24.97 1.63
CA SER A 501 3.81 23.57 1.21
C SER A 501 2.70 23.31 0.21
N LEU A 502 1.53 23.96 0.38
CA LEU A 502 0.47 23.81 -0.60
C LEU A 502 0.91 24.33 -1.96
N ALA A 503 1.58 25.49 -1.99
CA ALA A 503 2.11 26.00 -3.25
C ALA A 503 3.13 25.03 -3.85
N LEU A 504 4.02 24.49 -3.02
CA LEU A 504 5.05 23.59 -3.53
C LEU A 504 4.43 22.33 -4.12
N VAL A 505 3.39 21.79 -3.49
CA VAL A 505 2.72 20.61 -4.03
C VAL A 505 2.00 20.95 -5.32
N ASN A 506 1.30 22.09 -5.36
CA ASN A 506 0.62 22.50 -6.58
C ASN A 506 1.57 22.74 -7.74
N SER A 507 2.84 23.05 -7.46
CA SER A 507 3.80 23.33 -8.52
C SER A 507 4.01 22.17 -9.49
N MET A 508 3.43 21.00 -9.23
CA MET A 508 3.62 19.84 -10.09
C MET A 508 2.57 19.71 -11.18
N LYS A 509 1.53 20.55 -11.16
CA LYS A 509 0.43 20.38 -12.11
C LYS A 509 0.81 20.82 -13.52
N THR A 510 1.75 21.75 -13.64
CA THR A 510 2.06 22.34 -14.94
C THR A 510 2.56 21.27 -15.91
N SER A 511 2.03 21.31 -17.13
CA SER A 511 2.42 20.38 -18.18
C SER A 511 3.57 20.93 -19.00
N SER A 512 4.09 20.11 -19.90
CA SER A 512 5.24 20.47 -20.71
C SER A 512 4.80 21.35 -21.88
N THR A 513 5.71 21.57 -22.83
CA THR A 513 5.42 22.38 -24.01
C THR A 513 4.43 21.67 -24.93
N CYS A 531 14.77 36.24 -20.94
CA CYS A 531 13.74 35.42 -20.30
C CYS A 531 13.37 34.25 -21.19
N LYS A 532 14.01 33.10 -20.95
CA LYS A 532 13.73 31.89 -21.71
C LYS A 532 12.29 31.44 -21.49
N GLU A 533 11.98 31.01 -20.27
CA GLU A 533 10.64 30.61 -19.88
C GLU A 533 10.60 30.45 -18.37
N ALA A 534 9.60 31.05 -17.74
CA ALA A 534 9.48 31.00 -16.28
C ALA A 534 8.03 30.74 -15.89
N TYR A 535 7.85 29.89 -14.90
CA TYR A 535 6.54 29.53 -14.39
C TYR A 535 6.39 30.02 -12.96
N CYS A 536 5.17 30.35 -12.57
CA CYS A 536 4.93 31.01 -11.30
C CYS A 536 3.61 30.54 -10.69
N GLN A 537 3.63 30.36 -9.37
CA GLN A 537 2.43 30.11 -8.58
C GLN A 537 2.31 31.22 -7.54
N GLU A 538 1.11 31.41 -7.01
CA GLU A 538 0.82 32.55 -6.17
C GLU A 538 0.23 32.10 -4.84
N PHE A 539 0.61 32.79 -3.76
CA PHE A 539 -0.03 32.58 -2.47
C PHE A 539 0.01 33.88 -1.68
N LEU A 540 -0.64 33.88 -0.52
CA LEU A 540 -0.72 35.07 0.30
C LEU A 540 -0.99 34.67 1.74
N LEU A 541 -0.31 35.32 2.69
CA LEU A 541 -0.39 34.92 4.09
C LEU A 541 -1.46 35.70 4.84
N SER A 542 -1.28 37.00 4.97
CA SER A 542 -2.32 37.81 5.60
C SER A 542 -2.66 39.06 4.80
N GLY A 543 -1.66 39.72 4.22
CA GLY A 543 -1.89 40.92 3.44
C GLY A 543 -1.50 40.74 1.99
N ALA A 544 -0.30 41.22 1.64
CA ALA A 544 0.19 41.13 0.28
C ALA A 544 0.38 39.66 -0.12
N GLU A 545 0.69 39.46 -1.40
CA GLU A 545 0.84 38.12 -1.96
C GLU A 545 2.25 37.95 -2.50
N PHE A 546 2.74 36.71 -2.39
CA PHE A 546 4.07 36.34 -2.87
C PHE A 546 3.95 35.34 -4.01
N GLN A 547 5.01 35.25 -4.80
CA GLN A 547 5.05 34.41 -5.98
C GLN A 547 6.20 33.41 -5.87
N LEU A 548 5.87 32.13 -6.01
CA LEU A 548 6.86 31.06 -6.08
C LEU A 548 7.22 30.85 -7.54
N ILE A 549 8.49 31.03 -7.89
CA ILE A 549 8.95 31.02 -9.27
C ILE A 549 9.86 29.83 -9.48
N TYR A 550 9.68 29.15 -10.61
CA TYR A 550 10.55 28.05 -11.00
C TYR A 550 10.68 28.05 -12.52
N GLN A 551 11.63 27.23 -13.02
CA GLN A 551 12.00 27.26 -14.42
C GLN A 551 12.14 25.85 -15.00
N LYS A 552 11.32 24.91 -14.55
CA LYS A 552 11.41 23.54 -15.04
C LYS A 552 10.15 22.79 -14.62
N THR A 553 9.67 21.92 -15.51
CA THR A 553 8.48 21.14 -15.26
C THR A 553 8.87 19.76 -14.74
N GLY A 554 7.89 18.89 -14.55
CA GLY A 554 8.13 17.54 -14.08
C GLY A 554 8.12 17.44 -12.57
N GLU A 555 8.28 16.21 -12.11
CA GLU A 555 8.32 15.89 -10.68
C GLU A 555 9.74 15.44 -10.34
N CYS A 556 10.59 16.41 -9.99
CA CYS A 556 11.97 16.13 -9.66
C CYS A 556 12.52 17.32 -8.89
N SER A 557 13.67 17.10 -8.24
CA SER A 557 14.33 18.17 -7.51
C SER A 557 14.68 19.32 -8.45
N LYS A 558 14.45 20.54 -8.01
CA LYS A 558 14.68 21.71 -8.84
C LYS A 558 14.81 22.94 -7.96
N CYS A 559 15.30 24.02 -8.56
CA CYS A 559 15.49 25.26 -7.84
C CYS A 559 14.20 26.06 -7.78
N TYR A 560 13.95 26.66 -6.62
CA TYR A 560 12.78 27.51 -6.42
C TYR A 560 13.22 28.88 -5.91
N ALA A 561 12.46 29.92 -6.26
CA ALA A 561 12.70 31.26 -5.76
C ALA A 561 11.40 31.85 -5.27
N ILE A 562 11.51 32.83 -4.36
CA ILE A 562 10.36 33.55 -3.83
C ILE A 562 10.50 35.02 -4.21
N ASN A 563 9.44 35.60 -4.75
CA ASN A 563 9.49 36.97 -5.23
C ASN A 563 8.26 37.74 -4.76
N ASP A 564 8.41 39.06 -4.73
CA ASP A 564 7.34 39.98 -4.38
C ASP A 564 7.47 41.21 -5.26
N ASN A 565 6.36 41.95 -5.40
CA ASN A 565 6.37 43.09 -6.30
C ASN A 565 7.13 44.27 -5.72
N ARG A 566 7.17 44.40 -4.39
CA ARG A 566 7.91 45.49 -3.78
C ARG A 566 9.41 45.27 -3.90
N VAL A 567 9.90 44.17 -3.33
CA VAL A 567 11.32 43.80 -3.39
C VAL A 567 11.41 42.36 -3.87
N GLY A 568 11.99 42.16 -5.05
CA GLY A 568 12.09 40.84 -5.62
C GLY A 568 13.23 40.02 -5.03
N GLU A 569 13.17 38.71 -5.27
CA GLU A 569 14.19 37.76 -4.82
C GLU A 569 14.34 37.82 -3.30
N ILE A 570 13.28 37.42 -2.61
CA ILE A 570 13.36 37.31 -1.15
C ILE A 570 14.35 36.22 -0.75
N CYS A 571 14.23 35.05 -1.36
CA CYS A 571 15.13 33.93 -1.08
C CYS A 571 14.99 32.90 -2.18
N SER A 572 15.86 31.89 -2.14
CA SER A 572 15.86 30.81 -3.10
C SER A 572 16.41 29.57 -2.44
N PHE A 573 15.96 28.40 -2.91
CA PHE A 573 16.38 27.15 -2.30
C PHE A 573 16.24 26.03 -3.32
N TYR A 574 16.50 24.80 -2.87
CA TYR A 574 16.67 23.62 -3.71
C TYR A 574 15.88 22.44 -3.14
N ALA A 575 14.61 22.68 -2.83
CA ALA A 575 13.79 21.65 -2.21
C ALA A 575 13.31 20.63 -3.23
N ASP A 576 12.53 19.66 -2.76
CA ASP A 576 11.96 18.61 -3.60
C ASP A 576 10.45 18.58 -3.38
N PRO A 577 9.63 18.51 -4.43
CA PRO A 577 8.19 18.74 -4.24
C PRO A 577 7.44 17.63 -3.53
N LYS A 578 7.74 16.37 -3.85
CA LYS A 578 6.87 15.26 -3.44
C LYS A 578 7.08 14.83 -1.99
N ARG A 579 7.71 15.65 -1.16
CA ARG A 579 7.93 15.29 0.24
C ARG A 579 7.29 16.26 1.22
N TYR A 580 6.42 17.15 0.76
CA TYR A 580 5.89 18.22 1.60
C TYR A 580 4.39 18.09 1.81
N PHE A 581 3.87 16.87 1.88
CA PHE A 581 2.44 16.68 2.07
C PHE A 581 1.96 16.82 3.51
N PRO A 582 2.61 16.18 4.50
CA PRO A 582 1.96 16.06 5.82
C PRO A 582 1.55 17.37 6.48
N ALA A 583 1.93 18.52 5.94
CA ALA A 583 1.53 19.82 6.47
C ALA A 583 0.86 20.59 5.34
N ILE A 584 -0.46 20.44 5.21
CA ILE A 584 -1.21 21.18 4.20
C ILE A 584 -2.28 22.01 4.88
N PHE A 585 -3.20 21.35 5.58
CA PHE A 585 -4.20 22.05 6.38
C PHE A 585 -4.12 21.66 7.85
N SER A 586 -3.12 20.89 8.24
CA SER A 586 -2.99 20.42 9.62
C SER A 586 -2.23 21.44 10.46
N ALA A 587 -2.78 22.65 10.50
CA ALA A 587 -2.20 23.72 11.31
C ALA A 587 -2.71 23.73 12.74
N GLU A 588 -3.97 23.34 12.96
CA GLU A 588 -4.55 23.30 14.30
C GLU A 588 -4.47 21.92 14.92
N VAL A 589 -3.86 20.95 14.25
CA VAL A 589 -3.74 19.60 14.77
C VAL A 589 -2.43 19.41 15.53
N LEU A 590 -1.33 19.92 14.98
CA LEU A 590 -0.04 19.75 15.63
C LEU A 590 0.04 20.57 16.92
N GLN A 591 -0.61 21.75 16.94
CA GLN A 591 -0.64 22.55 18.16
C GLN A 591 -1.26 21.79 19.30
N THR A 592 -2.41 21.15 19.06
CA THR A 592 -3.05 20.36 20.10
C THR A 592 -2.19 19.16 20.49
N THR A 593 -1.49 18.59 19.52
CA THR A 593 -0.57 17.48 19.80
C THR A 593 0.47 17.91 20.83
N VAL A 594 1.18 19.01 20.57
CA VAL A 594 2.20 19.47 21.48
C VAL A 594 1.59 19.85 22.82
N SER A 595 0.43 20.52 22.80
CA SER A 595 -0.19 20.98 24.03
C SER A 595 -0.58 19.82 24.93
N THR A 596 -1.07 18.72 24.34
CA THR A 596 -1.44 17.58 25.16
C THR A 596 -0.24 16.72 25.54
N MET A 597 0.85 16.77 24.76
CA MET A 597 2.05 16.06 25.15
C MET A 597 2.76 16.77 26.30
N ILE A 598 2.60 18.09 26.39
CA ILE A 598 3.24 18.84 27.47
C ILE A 598 2.54 18.55 28.80
N SER A 599 1.21 18.41 28.76
CA SER A 599 0.44 18.29 30.00
C SER A 599 0.81 17.07 30.83
N TRP A 600 1.56 16.12 30.26
CA TRP A 600 1.95 14.94 31.02
C TRP A 600 2.93 15.30 32.13
N VAL A 601 4.07 15.87 31.76
CA VAL A 601 5.07 16.31 32.76
C VAL A 601 4.73 17.76 33.07
N LYS A 602 3.78 17.94 33.99
CA LYS A 602 3.35 19.28 34.38
C LYS A 602 3.31 19.43 35.88
N ASP A 603 3.11 18.33 36.59
CA ASP A 603 3.00 18.34 38.05
C ASP A 603 4.28 17.92 38.75
N CYS A 604 5.36 17.70 38.01
CA CYS A 604 6.64 17.40 38.65
C CYS A 604 7.07 18.58 39.52
N SER A 605 7.15 18.34 40.83
CA SER A 605 7.37 19.42 41.79
C SER A 605 8.74 20.06 41.64
N GLU A 606 9.64 19.49 40.83
CA GLU A 606 10.96 20.04 40.62
C GLU A 606 11.19 20.32 39.14
N LEU A 607 10.14 20.75 38.44
CA LEU A 607 10.26 21.10 37.02
C LEU A 607 9.55 22.38 36.65
N GLU A 608 8.86 23.04 37.59
CA GLU A 608 8.08 24.23 37.24
C GLU A 608 8.97 25.35 36.76
N GLU A 609 10.13 25.55 37.39
CA GLU A 609 11.00 26.66 37.03
C GLU A 609 11.53 26.51 35.61
N GLN A 610 11.49 25.30 35.06
CA GLN A 610 11.90 25.05 33.67
C GLN A 610 10.71 24.41 32.96
N LEU A 611 9.82 25.23 32.46
CA LEU A 611 8.63 24.75 31.75
C LEU A 611 8.46 25.40 30.39
N CYS A 612 8.88 26.65 30.22
CA CYS A 612 8.82 27.28 28.91
C CYS A 612 9.91 26.73 27.99
N ASN A 613 11.06 26.37 28.56
CA ASN A 613 12.13 25.79 27.76
C ASN A 613 11.69 24.48 27.11
N ILE A 614 10.94 23.66 27.84
CA ILE A 614 10.46 22.39 27.29
C ILE A 614 9.55 22.65 26.10
N ASN A 615 8.61 23.59 26.26
CA ASN A 615 7.70 23.92 25.17
C ASN A 615 8.47 24.42 23.95
N SER A 616 9.40 25.35 24.17
CA SER A 616 10.18 25.88 23.06
C SER A 616 10.94 24.78 22.34
N LEU A 617 11.59 23.90 23.11
CA LEU A 617 12.38 22.83 22.49
C LEU A 617 11.51 21.89 21.69
N THR A 618 10.36 21.49 22.23
CA THR A 618 9.48 20.57 21.50
C THR A 618 8.98 21.21 20.22
N LYS A 619 8.50 22.45 20.30
CA LYS A 619 8.00 23.12 19.10
C LYS A 619 9.09 23.28 18.05
N MET A 620 10.30 23.62 18.49
CA MET A 620 11.40 23.80 17.55
C MET A 620 11.75 22.49 16.87
N ILE A 621 11.79 21.39 17.64
CA ILE A 621 12.06 20.08 17.04
C ILE A 621 11.02 19.74 15.99
N LEU A 622 9.74 19.94 16.34
CA LEU A 622 8.67 19.59 15.40
C LEU A 622 8.78 20.41 14.11
N VAL A 623 8.93 21.73 14.24
CA VAL A 623 9.00 22.59 13.06
C VAL A 623 10.22 22.24 12.21
N LEU A 624 11.36 22.00 12.87
CA LEU A 624 12.58 21.67 12.14
C LEU A 624 12.44 20.36 11.38
N ILE A 625 11.79 19.36 12.00
CA ILE A 625 11.68 18.08 11.32
C ILE A 625 10.64 18.15 10.20
N LEU A 626 9.69 19.08 10.30
CA LEU A 626 8.72 19.25 9.22
C LEU A 626 9.24 20.12 8.09
N ALA A 627 10.28 20.91 8.34
CA ALA A 627 10.78 21.83 7.32
C ALA A 627 11.81 21.17 6.38
N HIS A 628 12.72 20.38 6.92
CA HIS A 628 13.78 19.73 6.13
C HIS A 628 13.72 18.23 6.34
N PRO A 629 12.82 17.53 5.64
CA PRO A 629 12.70 16.08 5.79
C PRO A 629 13.85 15.37 5.10
N SER A 630 14.57 14.54 5.86
CA SER A 630 15.68 13.76 5.34
C SER A 630 15.70 12.39 6.01
N LYS A 631 16.50 11.49 5.45
CA LYS A 631 16.59 10.14 5.99
C LYS A 631 17.47 10.09 7.24
N ARG A 632 18.52 10.91 7.27
CA ARG A 632 19.44 10.88 8.40
C ARG A 632 18.77 11.33 9.68
N SER A 633 17.96 12.38 9.61
CA SER A 633 17.19 12.80 10.79
C SER A 633 16.25 11.71 11.24
N GLN A 634 15.65 10.98 10.30
CA GLN A 634 14.77 9.87 10.64
C GLN A 634 15.51 8.80 11.42
N LYS A 635 16.69 8.40 10.93
CA LYS A 635 17.46 7.38 11.65
C LYS A 635 17.89 7.88 13.02
N LEU A 636 18.35 9.13 13.11
CA LEU A 636 18.80 9.66 14.39
C LEU A 636 17.67 9.69 15.40
N LEU A 637 16.47 10.10 14.97
CA LEU A 637 15.34 10.13 15.89
C LEU A 637 14.88 8.72 16.25
N GLN A 638 14.98 7.78 15.33
CA GLN A 638 14.59 6.41 15.65
C GLN A 638 15.53 5.77 16.65
N ASN A 639 16.81 6.13 16.62
CA ASN A 639 17.76 5.48 17.52
C ASN A 639 17.61 5.91 18.99
N LEU A 640 16.57 6.62 19.41
CA LEU A 640 16.48 7.08 20.79
C LEU A 640 15.78 6.09 21.71
N ARG A 641 14.90 5.25 21.17
CA ARG A 641 14.16 4.33 22.02
C ARG A 641 15.06 3.29 22.65
N TYR A 642 16.10 2.86 21.93
CA TYR A 642 17.05 1.90 22.51
C TYR A 642 17.79 2.52 23.69
N PHE A 643 18.20 3.79 23.56
CA PHE A 643 18.85 4.46 24.67
C PHE A 643 17.92 4.61 25.86
N ILE A 644 16.68 5.04 25.62
CA ILE A 644 15.77 5.25 26.74
C ILE A 644 15.39 3.91 27.39
N MET A 645 15.39 2.83 26.62
CA MET A 645 15.12 1.52 27.21
C MET A 645 16.30 1.04 28.05
N ALA A 646 17.52 1.23 27.54
CA ALA A 646 18.70 0.82 28.29
C ALA A 646 18.87 1.64 29.57
N TYR A 647 18.43 2.90 29.56
CA TYR A 647 18.65 3.77 30.71
C TYR A 647 17.94 3.29 31.97
N VAL A 648 16.90 2.47 31.85
CA VAL A 648 16.09 2.10 33.00
C VAL A 648 16.10 0.60 33.22
N SER A 649 17.20 -0.04 32.87
CA SER A 649 17.33 -1.49 33.00
C SER A 649 18.50 -1.82 33.93
N ASP A 650 18.81 -3.12 34.03
CA ASP A 650 19.89 -3.60 34.89
C ASP A 650 21.16 -3.90 34.11
N TYR A 651 21.08 -4.69 33.06
CA TYR A 651 22.23 -5.04 32.25
C TYR A 651 21.96 -4.66 30.80
N HIS A 652 23.04 -4.52 30.03
CA HIS A 652 22.91 -4.24 28.60
C HIS A 652 24.19 -4.67 27.91
N HIS A 653 24.09 -4.85 26.58
CA HIS A 653 25.23 -5.24 25.79
C HIS A 653 26.33 -4.18 25.86
N LYS A 654 27.57 -4.62 25.73
CA LYS A 654 28.68 -3.69 25.81
C LYS A 654 28.85 -2.89 24.54
N ASP A 655 28.51 -3.48 23.39
CA ASP A 655 28.62 -2.79 22.10
C ASP A 655 27.33 -2.08 21.72
N LEU A 656 26.80 -1.27 22.63
CA LEU A 656 25.55 -0.55 22.41
C LEU A 656 25.78 0.87 21.91
N ILE A 657 26.59 1.65 22.61
CA ILE A 657 26.78 3.05 22.27
C ILE A 657 27.31 3.19 20.85
N ASP A 658 28.28 2.36 20.48
CA ASP A 658 28.86 2.42 19.14
C ASP A 658 27.81 2.17 18.06
N LYS A 659 26.70 1.54 18.39
CA LYS A 659 25.64 1.28 17.42
C LYS A 659 24.67 2.44 17.26
N LEU A 660 24.77 3.47 18.10
CA LEU A 660 23.84 4.59 18.06
C LEU A 660 24.37 5.76 17.24
N ARG A 661 25.55 5.64 16.64
CA ARG A 661 26.16 6.73 15.90
C ARG A 661 26.09 6.46 14.41
N GLU A 662 25.78 7.49 13.64
CA GLU A 662 25.70 7.41 12.19
C GLU A 662 26.19 8.72 11.59
N GLU A 663 26.47 8.68 10.29
CA GLU A 663 27.10 9.82 9.63
C GLU A 663 26.08 10.93 9.38
N LEU A 664 26.45 12.15 9.79
CA LEU A 664 25.68 13.35 9.50
C LEU A 664 26.50 14.28 8.63
N ILE A 665 25.83 15.07 7.80
CA ILE A 665 26.54 15.89 6.82
C ILE A 665 26.24 17.38 7.01
N THR A 666 24.97 17.76 6.86
CA THR A 666 24.61 19.16 6.91
C THR A 666 24.54 19.66 8.35
N ASP A 667 24.53 20.98 8.48
CA ASP A 667 24.51 21.61 9.81
C ASP A 667 23.13 21.57 10.45
N VAL A 668 22.07 21.45 9.64
CA VAL A 668 20.73 21.33 10.21
C VAL A 668 20.63 20.09 11.08
N GLU A 669 21.25 19.00 10.65
CA GLU A 669 21.24 17.78 11.46
C GLU A 669 22.00 17.97 12.76
N PHE A 670 23.11 18.70 12.74
CA PHE A 670 23.85 18.98 13.97
C PHE A 670 23.02 19.83 14.92
N LEU A 671 22.30 20.82 14.39
CA LEU A 671 21.42 21.62 15.23
C LEU A 671 20.32 20.75 15.84
N LEU A 672 19.76 19.84 15.05
CA LEU A 672 18.76 18.91 15.59
C LEU A 672 19.34 18.07 16.71
N TYR A 673 20.57 17.57 16.53
CA TYR A 673 21.20 16.77 17.58
C TYR A 673 21.42 17.60 18.84
N ARG A 674 21.82 18.85 18.68
CA ARG A 674 22.02 19.71 19.84
C ARG A 674 20.71 19.95 20.58
N LEU A 675 19.62 20.15 19.84
CA LEU A 675 18.32 20.31 20.49
C LEU A 675 17.92 19.06 21.26
N VAL A 676 18.10 17.89 20.64
CA VAL A 676 17.75 16.64 21.32
C VAL A 676 18.60 16.46 22.57
N ARG A 677 19.89 16.78 22.48
CA ARG A 677 20.77 16.65 23.65
C ARG A 677 20.31 17.56 24.78
N ALA A 678 20.01 18.82 24.46
CA ALA A 678 19.55 19.75 25.50
C ALA A 678 18.27 19.26 26.15
N LEU A 679 17.32 18.77 25.34
CA LEU A 679 16.06 18.30 25.89
C LEU A 679 16.27 17.08 26.79
N VAL A 680 17.06 16.11 26.34
CA VAL A 680 17.25 14.90 27.12
C VAL A 680 18.06 15.18 28.37
N ASN A 681 18.88 16.24 28.37
CA ASN A 681 19.58 16.61 29.59
C ASN A 681 18.67 17.32 30.56
N LEU A 682 17.75 18.16 30.05
CA LEU A 682 16.80 18.84 30.92
C LEU A 682 15.84 17.85 31.57
N ILE A 683 15.41 16.83 30.82
CA ILE A 683 14.40 15.91 31.34
C ILE A 683 15.02 14.93 32.33
N LEU A 684 15.97 14.11 31.86
CA LEU A 684 16.55 13.06 32.69
C LEU A 684 17.81 13.54 33.41
N SER A 685 17.71 14.66 34.12
CA SER A 685 18.82 15.16 34.90
C SER A 685 18.83 14.47 36.27
N GLU A 686 19.61 14.99 37.20
CA GLU A 686 19.53 14.55 38.58
C GLU A 686 18.44 15.34 39.31
N ASP A 687 18.38 15.15 40.63
CA ASP A 687 17.47 15.88 41.50
C ASP A 687 16.00 15.71 41.11
N VAL A 688 15.68 14.63 40.40
CA VAL A 688 14.31 14.34 39.98
C VAL A 688 13.98 12.91 40.40
N LYS A 689 12.97 12.76 41.26
CA LYS A 689 12.62 11.44 41.76
C LYS A 689 11.11 11.23 41.86
N SER A 690 10.32 12.10 41.23
CA SER A 690 8.88 12.09 41.48
C SER A 690 8.18 11.00 40.68
N MET A 691 8.22 11.10 39.35
CA MET A 691 7.45 10.20 38.48
C MET A 691 8.35 9.77 37.33
N MET A 692 8.75 8.51 37.34
CA MET A 692 9.59 7.98 36.27
C MET A 692 8.76 7.54 35.07
N THR A 693 7.55 7.01 35.30
CA THR A 693 6.73 6.51 34.21
C THR A 693 6.35 7.62 33.24
N ASN A 694 5.99 8.79 33.77
CA ASN A 694 5.58 9.90 32.91
C ASN A 694 6.72 10.37 32.03
N ARG A 695 7.91 10.52 32.61
CA ARG A 695 9.06 10.94 31.81
C ARG A 695 9.44 9.87 30.79
N PHE A 696 9.33 8.60 31.15
CA PHE A 696 9.59 7.53 30.19
C PHE A 696 8.64 7.62 29.01
N LYS A 697 7.34 7.76 29.28
CA LYS A 697 6.36 7.91 28.21
C LYS A 697 6.65 9.12 27.36
N PHE A 698 7.05 10.24 27.99
CA PHE A 698 7.34 11.45 27.25
C PHE A 698 8.51 11.25 26.29
N ILE A 699 9.61 10.66 26.79
CA ILE A 699 10.77 10.44 25.95
C ILE A 699 10.44 9.47 24.82
N LEU A 700 9.64 8.45 25.11
CA LEU A 700 9.27 7.49 24.07
C LEU A 700 8.44 8.16 22.97
N ASN A 701 7.48 8.99 23.36
CA ASN A 701 6.67 9.70 22.37
C ASN A 701 7.50 10.68 21.57
N ILE A 702 8.50 11.31 22.20
CA ILE A 702 9.40 12.17 21.45
C ILE A 702 10.19 11.36 20.45
N SER A 703 10.65 10.17 20.84
CA SER A 703 11.43 9.33 19.93
C SER A 703 10.60 8.86 18.75
N TYR A 704 9.31 8.65 18.98
CA TYR A 704 8.44 8.14 17.91
C TYR A 704 7.96 9.22 16.96
N MET A 705 8.61 10.38 16.93
CA MET A 705 8.26 11.42 15.97
C MET A 705 8.83 11.17 14.58
N CYS A 706 9.71 10.18 14.43
CA CYS A 706 10.32 9.90 13.13
C CYS A 706 9.30 9.46 12.08
N HIS A 707 8.09 9.11 12.49
CA HIS A 707 7.05 8.70 11.56
C HIS A 707 6.43 9.86 10.79
N PHE A 708 6.76 11.09 11.15
CA PHE A 708 6.18 12.26 10.51
C PHE A 708 6.82 12.62 9.19
N ILE A 709 7.94 12.00 8.82
CA ILE A 709 8.70 12.49 7.67
C ILE A 709 8.12 11.97 6.37
N THR A 710 8.23 10.66 6.15
CA THR A 710 7.77 10.01 4.92
C THR A 710 8.10 8.53 5.04
N LYS A 711 7.67 7.77 4.04
CA LYS A 711 8.05 6.38 3.91
C LYS A 711 8.83 6.08 2.63
N GLU A 712 8.70 6.91 1.60
CA GLU A 712 9.29 6.62 0.31
C GLU A 712 10.78 6.93 0.32
N THR A 713 11.43 6.69 -0.84
CA THR A 713 12.88 6.83 -0.95
C THR A 713 13.25 8.13 -1.65
N PRO A 714 14.34 8.76 -1.23
CA PRO A 714 14.79 9.99 -1.90
C PRO A 714 15.47 9.71 -3.23
N ASP A 715 16.20 8.60 -3.30
CA ASP A 715 16.87 8.18 -4.52
C ASP A 715 16.67 6.68 -4.72
N ARG A 716 16.62 6.25 -5.98
CA ARG A 716 16.33 4.87 -6.33
C ARG A 716 17.59 4.04 -6.57
N LEU A 717 18.58 4.58 -7.29
CA LEU A 717 19.75 3.79 -7.63
C LEU A 717 20.59 3.47 -6.40
N THR A 718 20.79 4.45 -5.52
CA THR A 718 21.62 4.23 -4.34
C THR A 718 21.03 3.17 -3.43
N ASP A 719 19.70 3.13 -3.32
CA ASP A 719 19.07 2.10 -2.49
C ASP A 719 19.26 0.71 -3.08
N GLN A 720 19.17 0.59 -4.40
CA GLN A 720 19.45 -0.69 -5.04
C GLN A 720 20.89 -1.13 -4.79
N ILE A 721 21.83 -0.20 -4.92
CA ILE A 721 23.24 -0.54 -4.67
C ILE A 721 23.42 -0.98 -3.22
N LYS A 722 22.80 -0.28 -2.28
CA LYS A 722 22.94 -0.64 -0.87
C LYS A 722 22.35 -2.01 -0.59
N CYS A 723 21.18 -2.30 -1.15
CA CYS A 723 20.56 -3.60 -0.91
C CYS A 723 21.37 -4.73 -1.50
N PHE A 724 21.89 -4.55 -2.71
CA PHE A 724 22.72 -5.58 -3.31
C PHE A 724 24.01 -5.78 -2.52
N GLU A 725 24.58 -4.70 -2.00
CA GLU A 725 25.78 -4.81 -1.17
C GLU A 725 25.48 -5.59 0.10
N LYS A 726 24.35 -5.31 0.74
CA LYS A 726 23.96 -6.05 1.93
C LYS A 726 23.75 -7.52 1.61
N PHE A 727 23.20 -7.82 0.44
CA PHE A 727 22.98 -9.21 0.06
C PHE A 727 24.29 -9.93 -0.21
N LEU A 728 25.26 -9.24 -0.81
CA LEU A 728 26.50 -9.89 -1.24
C LEU A 728 27.57 -9.92 -0.17
N GLU A 729 27.49 -9.08 0.85
CA GLU A 729 28.59 -8.99 1.81
C GLU A 729 28.88 -10.29 2.54
N PRO A 730 27.95 -10.89 3.29
CA PRO A 730 28.32 -12.01 4.16
C PRO A 730 28.64 -13.31 3.44
N LYS A 731 28.73 -13.31 2.11
CA LYS A 731 29.10 -14.50 1.37
C LYS A 731 30.53 -14.47 0.86
N LEU A 732 31.22 -13.33 0.97
CA LEU A 732 32.59 -13.22 0.48
C LEU A 732 33.64 -13.52 1.53
N GLU A 733 33.23 -13.97 2.71
CA GLU A 733 34.15 -14.47 3.72
C GLU A 733 33.98 -15.96 3.98
N PHE A 734 32.75 -16.47 3.91
CA PHE A 734 32.54 -17.91 3.92
C PHE A 734 33.20 -18.58 2.72
N GLY A 735 33.41 -17.83 1.64
CA GLY A 735 34.13 -18.36 0.49
C GLY A 735 33.34 -19.33 -0.36
N HIS A 736 32.12 -18.97 -0.74
CA HIS A 736 31.29 -19.81 -1.61
C HIS A 736 30.33 -18.91 -2.39
N VAL A 737 30.69 -18.62 -3.64
CA VAL A 737 29.83 -17.88 -4.55
C VAL A 737 29.98 -18.48 -5.94
N SER A 738 28.87 -18.84 -6.56
CA SER A 738 28.86 -19.38 -7.90
C SER A 738 28.50 -18.27 -8.88
N ILE A 739 29.19 -18.22 -10.00
CA ILE A 739 29.03 -17.16 -10.98
C ILE A 739 28.49 -17.76 -12.28
N ASN A 740 27.27 -17.39 -12.65
CA ASN A 740 26.61 -17.84 -13.86
C ASN A 740 26.63 -19.36 -13.96
N PRO A 741 25.87 -20.07 -13.11
CA PRO A 741 25.87 -21.52 -13.18
C PRO A 741 25.09 -22.02 -14.38
N ALA A 742 25.52 -23.15 -14.92
CA ALA A 742 24.86 -23.76 -16.06
C ALA A 742 23.65 -24.58 -15.61
N ASP A 743 22.74 -24.83 -16.55
CA ASP A 743 21.55 -25.61 -16.22
C ASP A 743 21.90 -27.07 -15.99
N VAL A 744 22.82 -27.61 -16.78
CA VAL A 744 23.36 -28.95 -16.56
C VAL A 744 24.54 -28.79 -15.59
N ALA A 745 24.29 -29.01 -14.31
CA ALA A 745 25.29 -28.76 -13.29
C ALA A 745 26.51 -29.66 -13.48
N THR A 746 27.69 -29.05 -13.50
CA THR A 746 28.93 -29.79 -13.60
C THR A 746 29.36 -30.30 -12.23
N GLU A 747 30.27 -31.28 -12.24
CA GLU A 747 30.80 -31.82 -11.00
C GLU A 747 31.60 -30.79 -10.22
N GLU A 748 32.23 -29.84 -10.93
CA GLU A 748 33.04 -28.81 -10.27
C GLU A 748 32.22 -27.99 -9.30
N GLU A 749 30.91 -27.89 -9.52
CA GLU A 749 30.02 -27.21 -8.60
C GLU A 749 29.45 -28.15 -7.53
N LEU A 750 29.15 -29.39 -7.89
CA LEU A 750 28.54 -30.31 -6.92
C LEU A 750 29.51 -30.69 -5.82
N ASP A 751 30.77 -30.97 -6.18
CA ASP A 751 31.74 -31.33 -5.15
C ASP A 751 32.02 -30.15 -4.23
N ASP A 752 32.04 -28.93 -4.78
CA ASP A 752 32.19 -27.74 -3.94
C ASP A 752 31.01 -27.56 -3.01
N MET A 753 29.79 -27.80 -3.52
CA MET A 753 28.61 -27.73 -2.67
C MET A 753 28.72 -28.71 -1.51
N VAL A 754 29.12 -29.95 -1.79
CA VAL A 754 29.26 -30.94 -0.73
C VAL A 754 30.35 -30.56 0.25
N TYR A 755 31.46 -30.02 -0.26
CA TYR A 755 32.57 -29.61 0.60
C TYR A 755 32.15 -28.50 1.55
N ASN A 756 31.44 -27.49 1.03
CA ASN A 756 30.99 -26.39 1.89
C ASN A 756 29.90 -26.86 2.85
N ALA A 757 29.07 -27.81 2.43
CA ALA A 757 28.09 -28.39 3.35
C ALA A 757 28.78 -29.08 4.51
N LYS A 758 29.86 -29.81 4.23
CA LYS A 758 30.61 -30.42 5.32
C LYS A 758 31.27 -29.38 6.20
N LYS A 759 31.79 -28.31 5.59
CA LYS A 759 32.45 -27.26 6.38
C LYS A 759 31.46 -26.56 7.30
N PHE A 760 30.20 -26.43 6.88
CA PHE A 760 29.20 -25.75 7.69
C PHE A 760 29.00 -26.40 9.05
N LEU A 761 29.38 -27.66 9.21
CA LEU A 761 29.16 -28.41 10.44
C LEU A 761 30.47 -28.70 11.18
N SER A 762 31.36 -27.71 11.23
CA SER A 762 32.68 -27.88 11.81
C SER A 762 33.02 -26.71 12.73
N LYS A 763 32.09 -26.35 13.61
CA LYS A 763 32.29 -25.26 14.56
C LYS A 763 32.78 -25.82 15.88
N GLU A 764 33.82 -25.20 16.44
CA GLU A 764 34.41 -25.60 17.70
C GLU A 764 33.98 -24.64 18.81
N GLY A 765 34.25 -25.03 20.05
CA GLY A 765 34.00 -24.14 21.16
C GLY A 765 34.26 -24.69 22.54
N CYS A 766 34.95 -23.90 23.37
CA CYS A 766 35.07 -24.10 24.81
C CYS A 766 35.88 -25.34 25.18
N THR A 767 36.24 -26.16 24.20
CA THR A 767 37.03 -27.36 24.46
C THR A 767 38.09 -27.52 23.38
N SER A 768 38.75 -26.41 23.04
CA SER A 768 39.76 -26.40 22.00
C SER A 768 40.90 -25.50 22.44
N ILE A 769 41.79 -25.19 21.50
CA ILE A 769 42.94 -24.34 21.78
C ILE A 769 42.60 -22.86 21.63
N LYS A 770 42.04 -22.49 20.47
CA LYS A 770 41.73 -21.10 20.22
C LYS A 770 40.49 -20.63 20.97
N GLY A 771 39.69 -21.55 21.50
CA GLY A 771 38.47 -21.18 22.20
C GLY A 771 37.35 -20.86 21.24
N PRO A 772 36.20 -20.46 21.78
CA PRO A 772 35.05 -20.16 20.92
C PRO A 772 35.25 -18.86 20.14
N ASP A 773 34.63 -18.81 18.97
CA ASP A 773 34.61 -17.62 18.14
C ASP A 773 33.16 -17.20 17.90
N TYR A 774 32.91 -15.90 17.96
CA TYR A 774 31.55 -15.39 17.97
C TYR A 774 31.16 -14.83 16.61
N LYS A 775 29.87 -14.93 16.29
CA LYS A 775 29.28 -14.37 15.08
C LYS A 775 29.92 -14.96 13.82
N LYS A 776 29.79 -16.28 13.70
CA LYS A 776 30.25 -17.01 12.53
C LYS A 776 29.20 -18.07 12.23
N PRO A 777 28.71 -18.15 10.99
CA PRO A 777 27.68 -19.14 10.68
C PRO A 777 28.21 -20.57 10.80
N GLY A 778 27.41 -21.43 11.38
CA GLY A 778 27.76 -22.82 11.59
C GLY A 778 27.01 -23.40 12.77
N VAL A 779 27.08 -24.73 12.88
CA VAL A 779 26.44 -25.47 13.96
C VAL A 779 27.41 -26.51 14.48
N SER A 780 27.37 -26.74 15.80
CA SER A 780 28.23 -27.74 16.41
C SER A 780 27.52 -29.09 16.47
N LYS A 781 28.30 -30.16 16.35
CA LYS A 781 27.72 -31.50 16.34
C LYS A 781 27.19 -31.90 17.71
N ARG A 782 27.90 -31.50 18.78
CA ARG A 782 27.50 -31.90 20.12
C ARG A 782 26.11 -31.41 20.46
N PHE A 783 25.85 -30.12 20.21
CA PHE A 783 24.56 -29.55 20.61
C PHE A 783 23.44 -30.05 19.71
N LEU A 784 23.73 -30.30 18.44
CA LEU A 784 22.73 -30.90 17.56
C LEU A 784 22.35 -32.29 18.05
N SER A 785 23.35 -33.10 18.41
CA SER A 785 23.07 -34.42 18.96
C SER A 785 22.25 -34.32 20.23
N LEU A 786 22.62 -33.41 21.12
CA LEU A 786 21.89 -33.24 22.38
C LEU A 786 20.43 -32.87 22.12
N LEU A 787 20.20 -31.91 21.22
CA LEU A 787 18.84 -31.48 20.93
C LEU A 787 18.02 -32.61 20.33
N THR A 788 18.57 -33.31 19.35
CA THR A 788 17.84 -34.42 18.74
C THR A 788 17.52 -35.50 19.75
N SER A 789 18.48 -35.87 20.59
CA SER A 789 18.25 -36.92 21.58
C SER A 789 17.20 -36.50 22.60
N SER A 790 17.27 -35.25 23.07
CA SER A 790 16.31 -34.79 24.06
C SER A 790 14.92 -34.66 23.48
N PHE A 791 14.81 -34.38 22.18
CA PHE A 791 13.49 -34.38 21.55
C PHE A 791 12.97 -35.78 21.32
N ASN A 792 13.87 -36.73 21.05
CA ASN A 792 13.44 -38.09 20.75
C ASN A 792 13.00 -38.84 22.01
N ASN A 793 13.86 -38.89 23.03
CA ASN A 793 13.50 -39.65 24.22
C ASN A 793 12.32 -39.04 24.95
N GLY A 794 12.11 -37.74 24.78
CA GLY A 794 10.96 -37.05 25.34
C GLY A 794 11.30 -36.30 26.60
N SER A 795 11.55 -35.00 26.45
CA SER A 795 11.79 -34.13 27.59
C SER A 795 11.22 -32.74 27.41
N LEU A 796 10.52 -32.47 26.31
CA LEU A 796 10.07 -31.12 25.97
C LEU A 796 8.55 -31.04 25.85
N PHE A 797 7.83 -31.96 26.47
CA PHE A 797 6.38 -32.01 26.38
C PHE A 797 5.76 -31.83 27.76
N LYS A 798 4.71 -31.05 27.83
CA LYS A 798 3.94 -30.89 29.06
C LYS A 798 3.01 -32.10 29.22
N GLU A 799 2.12 -32.04 30.21
CA GLU A 799 1.21 -33.15 30.43
C GLU A 799 0.22 -33.31 29.28
N SER A 800 -0.23 -32.19 28.71
CA SER A 800 -1.26 -32.20 27.67
C SER A 800 -0.70 -32.40 26.27
N GLU A 801 0.51 -32.95 26.15
CA GLU A 801 1.13 -33.15 24.85
C GLU A 801 1.42 -34.61 24.51
N VAL A 802 1.81 -35.43 25.49
CA VAL A 802 2.12 -36.83 25.21
C VAL A 802 0.89 -37.63 24.80
N LYS A 803 -0.31 -37.10 25.06
CA LYS A 803 -1.53 -37.81 24.72
C LYS A 803 -1.83 -37.78 23.23
N ARG A 804 -1.20 -36.89 22.47
CA ARG A 804 -1.47 -36.79 21.04
C ARG A 804 -0.28 -37.27 20.22
N ASN A 1087 8.05 -38.10 -38.29
CA ASN A 1087 8.15 -37.13 -37.20
C ASN A 1087 7.38 -35.87 -37.53
N CYS A 1088 6.69 -35.87 -38.67
CA CYS A 1088 5.88 -34.72 -39.07
C CYS A 1088 4.77 -34.45 -38.06
N THR A 1089 4.29 -35.49 -37.38
CA THR A 1089 3.23 -35.30 -36.39
C THR A 1089 3.63 -34.30 -35.32
N THR A 1090 4.92 -34.21 -35.01
CA THR A 1090 5.38 -33.21 -34.04
C THR A 1090 5.09 -31.80 -34.53
N ALA A 1091 5.40 -31.51 -35.80
CA ALA A 1091 5.10 -30.19 -36.34
C ALA A 1091 3.60 -29.97 -36.45
N MET A 1092 2.86 -31.02 -36.81
CA MET A 1092 1.40 -30.92 -36.80
C MET A 1092 0.89 -30.47 -35.44
N LEU A 1093 1.32 -31.14 -34.37
CA LEU A 1093 0.96 -30.72 -33.03
C LEU A 1093 1.39 -29.29 -32.75
N LYS A 1094 2.60 -28.93 -33.18
CA LYS A 1094 3.09 -27.57 -32.99
C LYS A 1094 2.18 -26.55 -33.67
N ASN A 1095 1.45 -26.97 -34.71
CA ASN A 1095 0.51 -26.06 -35.36
C ASN A 1095 -0.75 -25.87 -34.52
N LEU A 1096 -1.05 -26.83 -33.65
CA LEU A 1096 -2.29 -26.78 -32.88
C LEU A 1096 -2.29 -25.60 -31.91
N CYS A 1097 -3.43 -25.41 -31.23
CA CYS A 1097 -3.61 -24.32 -30.29
C CYS A 1097 -3.89 -24.77 -28.87
N PHE A 1098 -3.94 -26.08 -28.62
CA PHE A 1098 -4.20 -26.59 -27.27
C PHE A 1098 -3.22 -27.69 -26.89
N TYR A 1099 -2.11 -27.83 -27.62
CA TYR A 1099 -1.09 -28.81 -27.31
C TYR A 1099 0.02 -28.13 -26.50
N SER A 1100 0.04 -28.38 -25.20
CA SER A 1100 0.96 -27.71 -24.30
C SER A 1100 2.35 -28.35 -24.36
N GLN A 1101 3.35 -27.58 -23.96
CA GLN A 1101 4.74 -28.03 -23.96
C GLN A 1101 5.50 -27.64 -22.71
N GLU A 1102 4.81 -27.22 -21.64
CA GLU A 1102 5.45 -26.64 -20.47
C GLU A 1102 5.03 -27.37 -19.20
N SER A 1103 5.09 -28.70 -19.24
CA SER A 1103 4.84 -29.52 -18.07
C SER A 1103 6.06 -30.37 -17.75
N PRO A 1104 6.44 -30.49 -16.49
CA PRO A 1104 7.61 -31.32 -16.16
C PRO A 1104 7.30 -32.80 -16.26
N GLN A 1105 8.32 -33.58 -16.58
CA GLN A 1105 8.18 -35.02 -16.76
C GLN A 1105 8.95 -35.84 -15.74
N SER A 1106 10.08 -35.34 -15.27
CA SER A 1106 10.89 -36.04 -14.28
C SER A 1106 11.76 -35.05 -13.54
N TYR A 1107 11.95 -35.28 -12.26
CA TYR A 1107 12.78 -34.41 -11.44
C TYR A 1107 14.17 -35.03 -11.27
N SER A 1108 15.02 -34.34 -10.51
CA SER A 1108 16.37 -34.80 -10.25
C SER A 1108 16.78 -34.28 -8.87
N SER A 1109 18.07 -34.32 -8.58
CA SER A 1109 18.58 -33.84 -7.30
C SER A 1109 18.69 -32.33 -7.23
N THR A 1110 18.56 -31.63 -8.34
CA THR A 1110 18.70 -30.18 -8.40
C THR A 1110 17.48 -29.54 -9.06
N GLY A 1111 16.28 -29.98 -8.67
CA GLY A 1111 15.07 -29.41 -9.18
C GLY A 1111 14.50 -30.17 -10.36
N PRO A 1112 13.38 -29.69 -10.89
CA PRO A 1112 12.76 -30.35 -12.05
C PRO A 1112 13.65 -30.28 -13.28
N ASP A 1113 13.21 -30.97 -14.33
CA ASP A 1113 13.98 -31.03 -15.56
C ASP A 1113 13.97 -29.72 -16.33
N THR A 1114 12.95 -28.88 -16.12
CA THR A 1114 12.90 -27.60 -16.82
C THR A 1114 14.06 -26.70 -16.41
N GLY A 1115 14.37 -26.66 -15.11
CA GLY A 1115 15.48 -25.87 -14.64
C GLY A 1115 15.34 -25.59 -13.16
N ARG A 1116 16.48 -25.24 -12.56
CA ARG A 1116 16.50 -24.91 -11.13
C ARG A 1116 15.62 -23.70 -10.85
N LEU A 1117 15.13 -23.62 -9.62
CA LEU A 1117 14.29 -22.49 -9.22
C LEU A 1117 15.06 -21.19 -9.37
N LYS A 1118 14.38 -20.16 -9.85
CA LYS A 1118 14.98 -18.85 -10.08
C LYS A 1118 14.19 -17.80 -9.32
N PHE A 1119 14.90 -16.80 -8.79
CA PHE A 1119 14.27 -15.73 -8.04
C PHE A 1119 14.85 -14.38 -8.48
N SER A 1120 14.07 -13.34 -8.28
CA SER A 1120 14.49 -11.97 -8.54
C SER A 1120 14.54 -11.21 -7.22
N LEU A 1121 15.41 -10.20 -7.15
CA LEU A 1121 15.74 -9.51 -5.93
C LEU A 1121 15.30 -8.06 -6.02
N SER A 1122 14.63 -7.56 -4.99
CA SER A 1122 14.21 -6.17 -4.99
C SER A 1122 13.90 -5.73 -3.56
N TYR A 1123 14.00 -4.43 -3.31
CA TYR A 1123 13.86 -3.91 -1.96
C TYR A 1123 12.44 -3.42 -1.69
N LYS A 1124 12.09 -3.38 -0.41
CA LYS A 1124 10.80 -2.89 0.05
C LYS A 1124 11.03 -1.76 1.06
N GLU A 1125 10.31 -0.67 0.89
CA GLU A 1125 10.52 0.54 1.67
C GLU A 1125 10.01 0.37 3.09
N GLN A 1126 10.67 1.05 4.03
CA GLN A 1126 10.28 1.00 5.43
C GLN A 1126 10.91 2.18 6.16
N VAL A 1127 10.30 2.55 7.29
CA VAL A 1127 10.84 3.61 8.12
C VAL A 1127 12.17 3.16 8.70
N GLY A 1128 13.20 3.97 8.53
CA GLY A 1128 14.54 3.59 8.92
C GLY A 1128 15.27 2.90 7.80
N GLY A 1129 15.55 1.61 7.95
CA GLY A 1129 16.17 0.83 6.91
C GLY A 1129 15.15 0.27 5.93
N ASN A 1130 15.67 -0.36 4.88
CA ASN A 1130 14.85 -0.97 3.84
C ASN A 1130 15.01 -2.48 3.90
N ARG A 1131 13.91 -3.20 3.65
CA ARG A 1131 13.93 -4.64 3.72
C ARG A 1131 14.20 -5.24 2.36
N GLU A 1132 14.68 -6.49 2.36
CA GLU A 1132 14.95 -7.22 1.13
C GLU A 1132 13.71 -8.03 0.74
N LEU A 1133 13.65 -8.42 -0.52
CA LEU A 1133 12.47 -9.12 -1.04
C LEU A 1133 12.86 -10.01 -2.20
N TYR A 1134 12.39 -11.25 -2.15
CA TYR A 1134 12.58 -12.23 -3.19
C TYR A 1134 11.27 -12.49 -3.91
N ILE A 1135 11.32 -12.64 -5.22
CA ILE A 1135 10.13 -12.83 -6.04
C ILE A 1135 10.35 -14.05 -6.94
N GLY A 1136 9.36 -14.94 -6.96
CA GLY A 1136 9.41 -16.13 -7.77
C GLY A 1136 8.21 -16.23 -8.70
N ASP A 1137 8.20 -17.32 -9.48
CA ASP A 1137 7.12 -17.57 -10.42
C ASP A 1137 5.94 -18.19 -9.68
N LEU A 1138 4.96 -18.69 -10.45
CA LEU A 1138 3.78 -19.29 -9.83
C LEU A 1138 3.99 -20.75 -9.48
N ARG A 1139 4.63 -21.51 -10.38
CA ARG A 1139 4.93 -22.90 -10.07
C ARG A 1139 5.83 -23.02 -8.85
N THR A 1140 6.79 -22.11 -8.71
CA THR A 1140 7.67 -22.12 -7.55
C THR A 1140 6.90 -21.87 -6.26
N LYS A 1141 5.98 -20.91 -6.28
CA LYS A 1141 5.16 -20.65 -5.11
C LYS A 1141 4.27 -21.84 -4.77
N MET A 1142 3.70 -22.48 -5.79
CA MET A 1142 2.89 -23.67 -5.56
C MET A 1142 3.73 -24.79 -4.95
N PHE A 1143 5.00 -24.87 -5.34
CA PHE A 1143 5.87 -25.91 -4.78
C PHE A 1143 6.23 -25.59 -3.33
N THR A 1144 6.50 -24.32 -3.02
CA THR A 1144 6.91 -23.95 -1.68
C THR A 1144 5.76 -24.03 -0.68
N ARG A 1145 4.54 -23.78 -1.14
CA ARG A 1145 3.39 -23.77 -0.23
C ARG A 1145 3.23 -25.10 0.51
N LEU A 1146 3.65 -26.20 -0.11
CA LEU A 1146 3.54 -27.50 0.54
C LEU A 1146 4.40 -27.56 1.79
N ILE A 1147 5.69 -27.25 1.66
CA ILE A 1147 6.55 -27.17 2.83
C ILE A 1147 5.98 -26.20 3.85
N GLU A 1148 5.51 -25.03 3.38
CA GLU A 1148 5.03 -24.00 4.28
C GLU A 1148 3.90 -24.51 5.16
N ASP A 1149 2.82 -25.00 4.55
CA ASP A 1149 1.68 -25.39 5.36
C ASP A 1149 1.92 -26.69 6.11
N TYR A 1150 2.76 -27.59 5.60
CA TYR A 1150 3.13 -28.76 6.39
C TYR A 1150 3.79 -28.34 7.70
N PHE A 1151 4.82 -27.49 7.61
CA PHE A 1151 5.49 -27.05 8.83
C PHE A 1151 4.57 -26.22 9.72
N GLU A 1152 3.66 -25.45 9.12
CA GLU A 1152 2.71 -24.69 9.94
C GLU A 1152 1.81 -25.62 10.75
N ALA A 1153 1.30 -26.67 10.13
CA ALA A 1153 0.50 -27.64 10.86
C ALA A 1153 1.32 -28.33 11.94
N LEU A 1154 2.55 -28.72 11.60
CA LEU A 1154 3.41 -29.38 12.59
C LEU A 1154 3.66 -28.49 13.79
N SER A 1155 3.83 -27.20 13.57
CA SER A 1155 4.03 -26.27 14.68
C SER A 1155 2.75 -26.08 15.48
N LEU A 1156 1.60 -26.01 14.78
CA LEU A 1156 0.32 -25.90 15.47
C LEU A 1156 0.07 -27.10 16.37
N GLN A 1157 0.61 -28.26 16.01
CA GLN A 1157 0.51 -29.43 16.88
C GLN A 1157 1.07 -29.13 18.27
N LEU A 1158 2.12 -28.33 18.34
CA LEU A 1158 2.73 -27.93 19.61
C LEU A 1158 2.08 -26.64 20.10
N SER A 1159 2.68 -26.02 21.12
CA SER A 1159 2.15 -24.80 21.71
C SER A 1159 3.29 -23.88 22.08
N GLY A 1160 3.05 -22.57 21.95
CA GLY A 1160 4.02 -21.57 22.34
C GLY A 1160 4.33 -20.55 21.27
N SER A 1161 4.00 -20.85 20.02
CA SER A 1161 4.29 -19.93 18.94
C SER A 1161 3.26 -18.81 18.88
N CYS A 1162 3.67 -17.69 18.28
CA CYS A 1162 2.80 -16.51 18.20
C CYS A 1162 2.86 -15.84 16.84
N LEU A 1163 3.27 -16.55 15.79
CA LEU A 1163 3.42 -15.92 14.48
C LEU A 1163 2.06 -15.61 13.86
N ASN A 1164 1.27 -16.66 13.60
CA ASN A 1164 -0.05 -16.49 13.00
C ASN A 1164 -1.20 -16.86 13.93
N ASN A 1165 -0.97 -17.70 14.92
CA ASN A 1165 -2.00 -18.00 15.90
C ASN A 1165 -2.39 -16.72 16.64
N GLU A 1166 -3.66 -16.62 17.02
CA GLU A 1166 -4.17 -15.45 17.72
C GLU A 1166 -4.61 -15.75 19.14
N ARG A 1167 -4.58 -17.01 19.57
CA ARG A 1167 -4.92 -17.33 20.94
C ARG A 1167 -3.74 -17.15 21.88
N GLU A 1168 -2.52 -17.47 21.42
CA GLU A 1168 -1.36 -17.39 22.28
C GLU A 1168 -0.94 -15.96 22.57
N PHE A 1169 -1.30 -15.00 21.72
CA PHE A 1169 -0.91 -13.61 21.94
C PHE A 1169 -1.54 -13.07 23.22
N GLU A 1170 -2.80 -13.43 23.47
CA GLU A 1170 -3.46 -12.96 24.69
C GLU A 1170 -2.83 -13.58 25.92
N ASN A 1171 -2.47 -14.85 25.86
CA ASN A 1171 -1.76 -15.48 26.98
C ASN A 1171 -0.42 -14.81 27.22
N ALA A 1172 0.29 -14.48 26.14
CA ALA A 1172 1.56 -13.77 26.29
C ALA A 1172 1.36 -12.43 26.97
N ILE A 1173 0.34 -11.68 26.55
CA ILE A 1173 0.09 -10.37 27.16
C ILE A 1173 -0.27 -10.51 28.62
N LEU A 1174 -1.08 -11.51 28.95
CA LEU A 1174 -1.46 -11.73 30.34
C LEU A 1174 -0.24 -12.07 31.20
N SER A 1175 0.61 -12.96 30.71
CA SER A 1175 1.80 -13.33 31.46
C SER A 1175 2.73 -12.15 31.65
N MET A 1176 2.90 -11.33 30.60
CA MET A 1176 3.72 -10.14 30.72
C MET A 1176 3.16 -9.18 31.76
N LYS A 1177 1.84 -8.95 31.72
CA LYS A 1177 1.21 -8.07 32.70
C LYS A 1177 1.43 -8.56 34.11
N LEU A 1178 1.20 -9.86 34.35
CA LEU A 1178 1.36 -10.40 35.70
C LEU A 1178 2.81 -10.31 36.16
N ASN A 1179 3.76 -10.68 35.29
CA ASN A 1179 5.16 -10.63 35.66
C ASN A 1179 5.60 -9.22 36.00
N VAL A 1180 5.16 -8.24 35.21
CA VAL A 1180 5.50 -6.85 35.52
C VAL A 1180 4.85 -6.43 36.83
N SER A 1181 3.63 -6.90 37.09
CA SER A 1181 2.95 -6.56 38.34
C SER A 1181 3.73 -7.08 39.55
N LEU A 1182 4.26 -8.30 39.44
CA LEU A 1182 4.96 -8.90 40.58
C LEU A 1182 6.43 -8.47 40.66
N ALA A 1183 6.90 -7.62 39.75
CA ALA A 1183 8.25 -7.07 39.79
C ALA A 1183 9.31 -8.17 39.69
N HIS A 1184 9.17 -9.03 38.68
CA HIS A 1184 10.13 -10.08 38.41
C HIS A 1184 11.11 -9.60 37.32
N VAL A 1185 11.94 -10.51 36.85
CA VAL A 1185 12.95 -10.20 35.84
C VAL A 1185 12.41 -10.59 34.48
N SER A 1186 12.63 -9.74 33.49
CA SER A 1186 12.19 -9.97 32.13
C SER A 1186 13.33 -9.74 31.16
N TYR A 1187 13.45 -10.61 30.16
CA TYR A 1187 14.49 -10.54 29.15
C TYR A 1187 13.82 -10.31 27.80
N SER A 1188 14.06 -9.15 27.20
CA SER A 1188 13.52 -8.80 25.90
C SER A 1188 14.66 -8.84 24.88
N MET A 1189 14.52 -9.68 23.86
CA MET A 1189 15.62 -9.91 22.94
C MET A 1189 15.13 -9.94 21.50
N ASP A 1190 15.95 -9.40 20.61
CA ASP A 1190 15.80 -9.56 19.18
C ASP A 1190 17.09 -10.13 18.62
N HIS A 1191 16.96 -10.97 17.61
CA HIS A 1191 18.12 -11.57 16.98
C HIS A 1191 18.53 -10.77 15.75
N SER A 1192 19.82 -10.80 15.44
CA SER A 1192 20.39 -9.99 14.38
C SER A 1192 20.78 -10.87 13.20
N LYS A 1193 20.59 -10.34 11.99
CA LYS A 1193 20.93 -11.05 10.75
C LYS A 1193 20.28 -12.43 10.72
N TRP A 1194 18.98 -12.46 11.02
CA TRP A 1194 18.26 -13.73 11.06
C TRP A 1194 18.12 -14.34 9.67
N GLY A 1195 17.80 -13.50 8.69
CA GLY A 1195 17.59 -13.96 7.33
C GLY A 1195 18.81 -14.54 6.66
N PRO A 1196 19.84 -13.71 6.47
CA PRO A 1196 20.99 -14.16 5.65
C PRO A 1196 21.98 -15.04 6.40
N MET A 1197 21.59 -15.59 7.53
CA MET A 1197 22.46 -16.51 8.27
C MET A 1197 21.88 -17.91 8.40
N MET A 1198 20.58 -18.10 8.23
CA MET A 1198 20.00 -19.43 8.26
C MET A 1198 20.34 -20.19 6.99
N CYS A 1199 19.83 -21.42 6.88
CA CYS A 1199 20.20 -22.29 5.77
C CYS A 1199 19.19 -23.41 5.65
N PRO A 1200 18.73 -23.74 4.44
CA PRO A 1200 17.87 -24.92 4.27
C PRO A 1200 18.57 -26.21 4.66
N PHE A 1201 19.90 -26.27 4.53
CA PHE A 1201 20.63 -27.45 4.97
C PHE A 1201 20.40 -27.73 6.45
N LEU A 1202 20.34 -26.68 7.26
CA LEU A 1202 20.08 -26.88 8.69
C LEU A 1202 18.71 -27.49 8.93
N PHE A 1203 17.69 -27.00 8.22
CA PHE A 1203 16.36 -27.55 8.37
C PHE A 1203 16.30 -29.00 7.92
N LEU A 1204 16.99 -29.32 6.81
CA LEU A 1204 17.01 -30.70 6.34
C LEU A 1204 17.69 -31.63 7.35
N ALA A 1205 18.84 -31.20 7.87
CA ALA A 1205 19.58 -32.04 8.82
C ALA A 1205 18.81 -32.18 10.13
N THR A 1206 18.01 -31.17 10.49
CA THR A 1206 17.19 -31.29 11.69
C THR A 1206 16.03 -32.25 11.46
N LEU A 1207 15.40 -32.18 10.28
CA LEU A 1207 14.28 -33.07 9.99
C LEU A 1207 14.73 -34.52 9.87
N GLN A 1208 15.94 -34.74 9.34
CA GLN A 1208 16.40 -36.11 9.14
C GLN A 1208 16.79 -36.82 10.42
N ASN A 1209 16.54 -36.30 11.62
CA ASN A 1209 16.93 -37.00 12.85
C ASN A 1209 15.82 -37.04 13.89
N LEU A 1210 14.59 -36.71 13.52
CA LEU A 1210 13.47 -36.76 14.45
C LEU A 1210 12.64 -38.02 14.20
N ILE A 1211 12.17 -38.62 15.28
CA ILE A 1211 11.40 -39.86 15.24
C ILE A 1211 10.02 -39.59 15.82
N PHE A 1212 8.99 -39.82 15.00
CA PHE A 1212 7.61 -39.66 15.44
C PHE A 1212 7.03 -41.00 15.85
N LEU A 1213 5.81 -40.96 16.40
CA LEU A 1213 5.17 -42.12 17.01
C LEU A 1213 3.86 -42.41 16.30
N SER A 1214 3.83 -43.49 15.52
CA SER A 1214 2.63 -44.00 14.87
C SER A 1214 1.92 -42.91 14.08
N LYS A 1215 2.60 -42.43 13.05
CA LYS A 1215 2.13 -41.31 12.23
C LYS A 1215 2.10 -41.72 10.76
N ASP A 1216 1.47 -42.87 10.48
CA ASP A 1216 1.39 -43.46 9.15
C ASP A 1216 2.80 -43.74 8.62
N LEU A 1217 3.45 -44.69 9.29
CA LEU A 1217 4.88 -44.94 9.12
C LEU A 1217 5.30 -45.02 7.65
N GLN A 1218 4.53 -45.74 6.82
CA GLN A 1218 4.86 -45.79 5.41
C GLN A 1218 4.60 -44.45 4.74
N ALA A 1219 3.44 -43.85 4.99
CA ALA A 1219 3.18 -42.50 4.51
C ALA A 1219 4.14 -41.51 5.15
N ASP A 1220 4.57 -41.77 6.39
CA ASP A 1220 5.59 -40.95 7.02
C ASP A 1220 6.88 -40.97 6.22
N ILE A 1221 7.32 -42.16 5.80
CA ILE A 1221 8.54 -42.29 5.00
C ILE A 1221 8.36 -41.57 3.67
N LYS A 1222 7.20 -41.75 3.03
CA LYS A 1222 6.98 -41.12 1.74
C LYS A 1222 6.98 -39.59 1.85
N GLY A 1223 6.34 -39.06 2.91
CA GLY A 1223 6.34 -37.63 3.11
C GLY A 1223 7.71 -37.09 3.46
N ARG A 1224 8.49 -37.85 4.23
CA ARG A 1224 9.86 -37.45 4.50
C ARG A 1224 10.67 -37.39 3.22
N ASP A 1225 10.46 -38.35 2.31
CA ASP A 1225 11.15 -38.32 1.03
C ASP A 1225 10.74 -37.09 0.22
N TYR A 1226 9.44 -36.79 0.18
CA TYR A 1226 8.97 -35.61 -0.55
C TYR A 1226 9.60 -34.34 0.01
N LEU A 1227 9.58 -34.18 1.34
CA LEU A 1227 10.11 -32.98 1.95
C LEU A 1227 11.62 -32.86 1.73
N SER A 1228 12.35 -33.98 1.85
CA SER A 1228 13.78 -33.95 1.61
C SER A 1228 14.08 -33.54 0.18
N THR A 1229 13.31 -34.06 -0.77
CA THR A 1229 13.50 -33.66 -2.17
C THR A 1229 13.24 -32.18 -2.37
N LEU A 1230 12.18 -31.65 -1.76
CA LEU A 1230 11.86 -30.24 -1.94
C LEU A 1230 12.92 -29.35 -1.30
N LEU A 1231 13.44 -29.75 -0.13
CA LEU A 1231 14.48 -28.95 0.50
C LEU A 1231 15.79 -29.01 -0.29
N THR A 1232 16.12 -30.17 -0.84
CA THR A 1232 17.26 -30.26 -1.74
C THR A 1232 17.08 -29.36 -2.95
N TRP A 1233 15.84 -29.26 -3.44
CA TRP A 1233 15.53 -28.31 -4.50
C TRP A 1233 15.86 -26.88 -4.08
N HIS A 1234 15.32 -26.47 -2.93
CA HIS A 1234 15.53 -25.11 -2.44
C HIS A 1234 17.01 -24.82 -2.22
N MET A 1235 17.80 -25.84 -1.87
CA MET A 1235 19.22 -25.61 -1.59
C MET A 1235 19.98 -25.15 -2.83
N HIS A 1236 19.47 -25.46 -4.02
CA HIS A 1236 20.18 -25.19 -5.27
C HIS A 1236 19.57 -24.04 -6.05
N LYS A 1237 19.02 -23.03 -5.39
CA LYS A 1237 18.32 -21.98 -6.12
C LYS A 1237 19.31 -20.99 -6.73
N MET A 1238 18.76 -20.06 -7.51
CA MET A 1238 19.53 -19.00 -8.16
C MET A 1238 18.81 -17.67 -8.01
N VAL A 1239 19.59 -16.60 -7.91
CA VAL A 1239 19.08 -15.25 -7.70
C VAL A 1239 19.60 -14.36 -8.83
N GLU A 1240 18.74 -13.50 -9.34
CA GLU A 1240 19.09 -12.62 -10.46
C GLU A 1240 19.64 -11.30 -9.96
N ILE A 1241 20.68 -10.82 -10.61
CA ILE A 1241 21.27 -9.52 -10.29
C ILE A 1241 20.49 -8.44 -11.05
N PRO A 1242 20.15 -7.32 -10.41
CA PRO A 1242 19.45 -6.24 -11.14
C PRO A 1242 20.29 -5.72 -12.29
N PHE A 1243 19.62 -5.02 -13.22
CA PHE A 1243 20.28 -4.54 -14.42
C PHE A 1243 20.88 -3.16 -14.23
N ASN A 1244 20.20 -2.30 -13.46
CA ASN A 1244 20.71 -0.95 -13.24
C ASN A 1244 22.06 -0.97 -12.54
N VAL A 1245 22.23 -1.88 -11.57
CA VAL A 1245 23.47 -1.91 -10.80
C VAL A 1245 24.65 -2.32 -11.68
N VAL A 1246 24.47 -3.35 -12.52
CA VAL A 1246 25.57 -3.80 -13.37
C VAL A 1246 25.86 -2.76 -14.44
N SER A 1247 24.82 -2.13 -15.00
CA SER A 1247 25.05 -1.07 -15.97
C SER A 1247 25.85 0.07 -15.35
N ALA A 1248 25.46 0.51 -14.15
CA ALA A 1248 26.16 1.60 -13.49
C ALA A 1248 27.59 1.21 -13.15
N MET A 1249 27.80 -0.03 -12.71
CA MET A 1249 29.16 -0.46 -12.37
C MET A 1249 30.04 -0.52 -13.61
N MET A 1250 29.49 -0.98 -14.74
CA MET A 1250 30.26 -0.98 -15.98
C MET A 1250 30.61 0.44 -16.40
N LYS A 1251 29.65 1.36 -16.31
CA LYS A 1251 29.93 2.75 -16.66
C LYS A 1251 31.01 3.34 -15.76
N SER A 1252 30.93 3.07 -14.45
CA SER A 1252 31.92 3.60 -13.52
C SER A 1252 33.30 3.02 -13.78
N PHE A 1253 33.35 1.71 -14.09
CA PHE A 1253 34.63 1.08 -14.42
C PHE A 1253 35.25 1.75 -15.65
N ILE A 1254 34.47 1.88 -16.72
CA ILE A 1254 34.99 2.47 -17.95
C ILE A 1254 35.44 3.92 -17.69
N LYS A 1255 34.67 4.66 -16.91
CA LYS A 1255 35.02 6.04 -16.61
C LYS A 1255 36.33 6.12 -15.82
N ALA A 1256 36.33 5.58 -14.61
CA ALA A 1256 37.53 5.61 -13.78
C ALA A 1256 38.38 4.36 -13.97
N GLN A 1257 38.65 4.01 -15.22
CA GLN A 1257 39.67 3.04 -15.56
C GLN A 1257 40.76 3.63 -16.46
N LEU A 1258 40.43 4.61 -17.29
CA LEU A 1258 41.41 5.31 -18.10
C LEU A 1258 41.79 6.66 -17.53
N GLY A 1259 41.07 7.16 -16.53
CA GLY A 1259 41.38 8.44 -15.93
C GLY A 1259 41.13 8.47 -14.43
N THR A 1264 41.24 3.87 -4.94
CA THR A 1264 41.28 4.62 -3.70
C THR A 1264 40.50 3.90 -2.60
N THR A 1265 39.23 4.30 -2.43
CA THR A 1265 38.37 3.63 -1.47
C THR A 1265 38.13 2.18 -1.86
N GLN A 1266 37.60 1.97 -3.07
CA GLN A 1266 37.48 0.64 -3.67
C GLN A 1266 36.66 -0.31 -2.79
N SER A 1267 35.37 0.02 -2.69
CA SER A 1267 34.42 -0.87 -2.04
C SER A 1267 34.57 -2.29 -2.55
N ILE A 1268 34.46 -3.25 -1.63
CA ILE A 1268 34.81 -4.63 -1.94
C ILE A 1268 33.92 -5.19 -3.04
N THR A 1269 32.67 -4.74 -3.10
CA THR A 1269 31.80 -5.16 -4.21
C THR A 1269 32.29 -4.60 -5.54
N GLU A 1270 32.72 -3.34 -5.55
CA GLU A 1270 33.33 -2.78 -6.74
C GLU A 1270 34.60 -3.55 -7.13
N ASP A 1271 35.35 -4.01 -6.14
CA ASP A 1271 36.53 -4.83 -6.43
C ASP A 1271 36.11 -6.17 -7.04
N PHE A 1272 35.02 -6.76 -6.56
CA PHE A 1272 34.51 -7.98 -7.15
C PHE A 1272 34.13 -7.78 -8.60
N PHE A 1273 33.43 -6.69 -8.90
CA PHE A 1273 33.07 -6.40 -10.29
C PHE A 1273 34.31 -6.15 -11.14
N TYR A 1274 35.27 -5.38 -10.63
CA TYR A 1274 36.47 -5.08 -11.40
C TYR A 1274 37.27 -6.35 -11.67
N SER A 1275 37.29 -7.27 -10.71
CA SER A 1275 37.96 -8.54 -10.92
C SER A 1275 37.25 -9.34 -12.01
N ASN A 1276 35.96 -9.63 -11.82
CA ASN A 1276 35.22 -10.40 -12.82
C ASN A 1276 34.59 -9.46 -13.84
N PHE A 1277 35.39 -8.49 -14.29
CA PHE A 1277 35.03 -7.64 -15.42
C PHE A 1277 36.10 -7.61 -16.49
N GLN A 1278 37.37 -7.72 -16.11
CA GLN A 1278 38.47 -7.53 -17.03
C GLN A 1278 38.96 -8.82 -17.68
N ILE A 1279 38.49 -9.99 -17.22
CA ILE A 1279 38.88 -11.25 -17.84
C ILE A 1279 37.84 -11.73 -18.84
N GLY A 1280 36.79 -10.97 -19.08
CA GLY A 1280 35.79 -11.32 -20.07
C GLY A 1280 34.54 -11.97 -19.51
N VAL A 1281 34.03 -11.50 -18.38
CA VAL A 1281 32.83 -12.08 -17.78
C VAL A 1281 31.93 -10.96 -17.29
N VAL A 1282 30.61 -11.16 -17.38
CA VAL A 1282 29.63 -10.21 -16.91
C VAL A 1282 28.69 -10.96 -15.96
N PRO A 1283 28.71 -10.69 -14.66
CA PRO A 1283 27.85 -11.43 -13.73
C PRO A 1283 26.37 -11.21 -14.00
N SER A 1284 25.60 -12.29 -14.03
CA SER A 1284 24.15 -12.21 -14.18
C SER A 1284 23.41 -12.98 -13.10
N HIS A 1285 23.92 -14.13 -12.67
CA HIS A 1285 23.31 -14.94 -11.64
C HIS A 1285 24.36 -15.32 -10.60
N VAL A 1286 23.91 -15.46 -9.36
CA VAL A 1286 24.79 -15.81 -8.25
C VAL A 1286 24.06 -16.83 -7.38
N SER A 1287 24.74 -17.93 -7.06
CA SER A 1287 24.18 -18.97 -6.22
C SER A 1287 25.18 -19.34 -5.13
N SER A 1288 24.65 -19.72 -3.97
CA SER A 1288 25.46 -20.09 -2.82
C SER A 1288 24.63 -21.02 -1.94
N ILE A 1289 25.11 -21.26 -0.72
CA ILE A 1289 24.43 -22.15 0.21
C ILE A 1289 23.96 -21.36 1.42
N LEU A 1290 24.63 -20.24 1.71
CA LEU A 1290 24.47 -19.58 2.99
C LEU A 1290 23.18 -18.79 3.13
N ASP A 1291 22.48 -18.49 2.05
CA ASP A 1291 21.35 -17.56 2.09
C ASP A 1291 20.03 -18.32 2.09
N MET A 1292 19.28 -18.17 3.18
CA MET A 1292 17.91 -18.64 3.23
C MET A 1292 16.99 -17.60 2.60
N GLY A 1293 15.98 -18.07 1.89
CA GLY A 1293 15.03 -17.18 1.25
C GLY A 1293 14.35 -16.26 2.24
N GLN A 1294 14.69 -14.97 2.18
CA GLN A 1294 14.14 -14.00 3.11
C GLN A 1294 12.63 -13.87 2.90
N GLY A 1295 11.86 -14.31 3.89
CA GLY A 1295 10.42 -14.25 3.83
C GLY A 1295 9.74 -15.40 3.11
N ILE A 1296 10.48 -16.15 2.30
CA ILE A 1296 9.89 -17.30 1.61
C ILE A 1296 9.64 -18.44 2.58
N LEU A 1297 10.71 -18.97 3.18
CA LEU A 1297 10.61 -20.02 4.18
C LEU A 1297 10.48 -19.36 5.55
N HIS A 1298 9.27 -19.30 6.06
CA HIS A 1298 9.00 -18.57 7.29
C HIS A 1298 8.56 -19.46 8.45
N ASN A 1299 7.57 -20.32 8.23
CA ASN A 1299 7.03 -21.12 9.33
C ASN A 1299 8.03 -22.16 9.82
N THR A 1300 8.85 -22.69 8.90
CA THR A 1300 9.86 -23.67 9.30
C THR A 1300 10.87 -23.05 10.27
N SER A 1301 11.31 -21.82 9.99
CA SER A 1301 12.21 -21.14 10.91
C SER A 1301 11.54 -20.90 12.26
N ASP A 1302 10.24 -20.63 12.25
CA ASP A 1302 9.51 -20.48 13.50
C ASP A 1302 9.54 -21.77 14.32
N PHE A 1303 9.28 -22.90 13.66
CA PHE A 1303 9.34 -24.19 14.35
C PHE A 1303 10.73 -24.45 14.92
N TYR A 1304 11.76 -24.17 14.12
CA TYR A 1304 13.13 -24.38 14.59
C TYR A 1304 13.45 -23.52 15.80
N ALA A 1305 13.08 -22.24 15.75
CA ALA A 1305 13.30 -21.36 16.90
C ALA A 1305 12.55 -21.86 18.12
N LEU A 1306 11.33 -22.36 17.93
CA LEU A 1306 10.56 -22.89 19.05
C LEU A 1306 11.31 -24.01 19.74
N ILE A 1307 11.70 -25.04 18.98
CA ILE A 1307 12.34 -26.19 19.62
C ILE A 1307 13.69 -25.80 20.22
N SER A 1308 14.43 -24.91 19.54
CA SER A 1308 15.73 -24.50 20.05
C SER A 1308 15.59 -23.79 21.39
N GLU A 1309 14.67 -22.82 21.48
CA GLU A 1309 14.48 -22.10 22.73
C GLU A 1309 13.97 -23.02 23.83
N ARG A 1310 13.12 -23.99 23.49
CA ARG A 1310 12.66 -24.93 24.50
C ARG A 1310 13.82 -25.74 25.05
N PHE A 1311 14.71 -26.23 24.18
CA PHE A 1311 15.86 -26.99 24.66
C PHE A 1311 16.79 -26.14 25.50
N ILE A 1312 17.03 -24.90 25.08
CA ILE A 1312 17.94 -24.02 25.83
C ILE A 1312 17.38 -23.74 27.22
N ASN A 1313 16.08 -23.46 27.31
CA ASN A 1313 15.48 -23.25 28.62
C ASN A 1313 15.55 -24.51 29.48
N TYR A 1314 15.36 -25.68 28.86
CA TYR A 1314 15.48 -26.93 29.62
C TYR A 1314 16.88 -27.08 30.20
N ALA A 1315 17.91 -26.80 29.39
CA ALA A 1315 19.27 -26.91 29.90
C ALA A 1315 19.55 -25.93 31.03
N ILE A 1316 19.16 -24.66 30.84
CA ILE A 1316 19.38 -23.67 31.88
C ILE A 1316 18.67 -24.06 33.16
N SER A 1317 17.48 -24.67 33.04
CA SER A 1317 16.78 -25.14 34.23
C SER A 1317 17.49 -26.32 34.86
N CYS A 1318 18.11 -27.17 34.05
CA CYS A 1318 18.81 -28.31 34.60
C CYS A 1318 20.12 -27.91 35.29
N ILE A 1319 20.67 -26.75 34.96
CA ILE A 1319 21.89 -26.30 35.64
C ILE A 1319 21.55 -25.72 37.02
N CYS A 1320 20.72 -24.68 37.06
CA CYS A 1320 20.38 -24.00 38.30
C CYS A 1320 19.11 -24.62 38.89
N GLY A 1321 18.53 -23.95 39.87
CA GLY A 1321 17.31 -24.43 40.49
C GLY A 1321 16.08 -23.59 40.19
N GLY A 1322 15.95 -23.15 38.94
CA GLY A 1322 14.81 -22.34 38.54
C GLY A 1322 14.29 -22.74 37.17
N THR A 1323 13.17 -22.13 36.80
CA THR A 1323 12.52 -22.41 35.52
C THR A 1323 12.23 -21.09 34.82
N ILE A 1324 11.98 -21.18 33.51
CA ILE A 1324 11.81 -20.02 32.64
C ILE A 1324 10.63 -20.27 31.70
N ASP A 1325 9.88 -19.23 31.39
CA ASP A 1325 8.88 -19.26 30.33
C ASP A 1325 9.35 -18.41 29.15
N ALA A 1326 8.93 -18.78 27.96
CA ALA A 1326 9.42 -18.12 26.75
C ALA A 1326 8.29 -17.95 25.74
N TYR A 1327 8.38 -16.88 24.96
CA TYR A 1327 7.49 -16.65 23.84
C TYR A 1327 8.30 -16.06 22.69
N THR A 1328 7.95 -16.45 21.46
CA THR A 1328 8.73 -16.07 20.31
C THR A 1328 7.90 -16.19 19.04
N SER A 1329 8.08 -15.22 18.12
CA SER A 1329 7.54 -15.32 16.77
C SER A 1329 8.66 -15.02 15.77
N SER A 1330 9.51 -16.02 15.56
CA SER A 1330 10.40 -16.16 14.40
C SER A 1330 11.52 -15.14 14.31
N ASP A 1331 11.42 -14.01 15.02
CA ASP A 1331 12.57 -13.11 15.10
C ASP A 1331 12.64 -12.33 16.41
N ASP A 1332 11.72 -12.49 17.34
CA ASP A 1332 11.67 -11.69 18.54
C ASP A 1332 11.29 -12.61 19.68
N GLN A 1333 11.85 -12.35 20.86
CA GLN A 1333 11.65 -13.28 21.96
C GLN A 1333 11.53 -12.51 23.26
N ILE A 1334 10.64 -13.00 24.13
CA ILE A 1334 10.52 -12.49 25.50
C ILE A 1334 10.57 -13.68 26.44
N SER A 1335 11.45 -13.59 27.44
CA SER A 1335 11.63 -14.64 28.43
C SER A 1335 11.29 -14.09 29.80
N LEU A 1336 10.52 -14.87 30.56
CA LEU A 1336 10.07 -14.50 31.89
C LEU A 1336 10.65 -15.47 32.90
N PHE A 1337 11.31 -14.94 33.92
CA PHE A 1337 11.97 -15.72 34.94
C PHE A 1337 11.08 -15.86 36.17
N ASP A 1338 11.37 -16.86 36.99
CA ASP A 1338 10.57 -17.16 38.15
C ASP A 1338 11.10 -16.38 39.36
N GLN A 1339 10.62 -16.72 40.55
CA GLN A 1339 11.03 -16.02 41.76
C GLN A 1339 12.45 -16.37 42.17
N VAL A 1340 12.87 -17.61 41.94
CA VAL A 1340 14.19 -18.06 42.39
C VAL A 1340 15.29 -17.24 41.73
N LEU A 1341 15.22 -17.08 40.40
CA LEU A 1341 16.25 -16.32 39.70
C LEU A 1341 16.23 -14.84 40.10
N THR A 1342 15.02 -14.28 40.27
CA THR A 1342 14.91 -12.89 40.70
C THR A 1342 15.58 -12.67 42.04
N GLU A 1343 15.39 -13.61 42.98
CA GLU A 1343 16.09 -13.53 44.26
C GLU A 1343 17.58 -13.70 44.07
N LEU A 1344 17.98 -14.59 43.16
CA LEU A 1344 19.40 -14.85 42.92
C LEU A 1344 20.12 -13.63 42.37
N MET A 1345 19.40 -12.75 41.65
CA MET A 1345 20.05 -11.61 41.03
C MET A 1345 20.70 -10.69 42.05
N GLN A 1346 19.95 -10.28 43.09
CA GLN A 1346 20.44 -9.33 44.07
C GLN A 1346 20.98 -10.01 45.31
N ARG A 1347 21.49 -11.24 45.19
CA ARG A 1347 22.09 -11.93 46.33
C ARG A 1347 23.46 -12.46 45.95
N ASP A 1348 23.66 -12.77 44.67
CA ASP A 1348 24.94 -13.28 44.17
C ASP A 1348 25.12 -12.75 42.75
N PRO A 1349 25.65 -11.54 42.60
CA PRO A 1349 25.78 -10.94 41.27
C PRO A 1349 26.75 -11.64 40.34
N GLU A 1350 27.39 -12.73 40.78
CA GLU A 1350 28.34 -13.44 39.93
C GLU A 1350 27.71 -14.63 39.22
N GLU A 1351 26.92 -15.43 39.94
CA GLU A 1351 26.25 -16.56 39.31
C GLU A 1351 25.26 -16.09 38.25
N PHE A 1352 24.58 -14.97 38.50
CA PHE A 1352 23.66 -14.43 37.51
C PHE A 1352 24.39 -14.09 36.21
N LYS A 1353 25.51 -13.37 36.31
CA LYS A 1353 26.24 -12.98 35.11
C LYS A 1353 26.81 -14.19 34.40
N THR A 1354 27.29 -15.19 35.15
CA THR A 1354 27.82 -16.39 34.51
C THR A 1354 26.72 -17.15 33.78
N LEU A 1355 25.53 -17.25 34.38
CA LEU A 1355 24.42 -17.91 33.71
C LEU A 1355 24.03 -17.17 32.45
N ILE A 1356 24.04 -15.83 32.48
CA ILE A 1356 23.68 -15.05 31.30
C ILE A 1356 24.70 -15.27 30.18
N GLU A 1357 25.99 -15.25 30.54
CA GLU A 1357 27.01 -15.48 29.53
C GLU A 1357 26.92 -16.89 28.96
N PHE A 1358 26.58 -17.86 29.80
CA PHE A 1358 26.39 -19.22 29.30
C PHE A 1358 25.21 -19.32 28.36
N HIS A 1359 24.12 -18.61 28.67
CA HIS A 1359 22.98 -18.55 27.75
C HIS A 1359 23.40 -17.97 26.41
N TYR A 1360 24.17 -16.90 26.43
CA TYR A 1360 24.66 -16.30 25.19
C TYR A 1360 25.51 -17.29 24.40
N TYR A 1361 26.43 -17.96 25.08
CA TYR A 1361 27.30 -18.93 24.41
C TYR A 1361 26.49 -20.07 23.80
N MET A 1362 25.55 -20.62 24.56
CA MET A 1362 24.70 -21.69 24.05
C MET A 1362 23.91 -21.24 22.82
N SER A 1363 23.26 -20.07 22.90
CA SER A 1363 22.51 -19.56 21.76
C SER A 1363 23.41 -19.41 20.54
N ASP A 1364 24.64 -18.94 20.75
CA ASP A 1364 25.58 -18.82 19.63
C ASP A 1364 25.93 -20.19 19.06
N GLN A 1365 25.97 -21.20 19.92
CA GLN A 1365 26.34 -22.54 19.46
C GLN A 1365 25.33 -23.12 18.47
N LEU A 1366 24.07 -22.68 18.56
CA LEU A 1366 23.01 -23.21 17.71
C LEU A 1366 22.63 -22.25 16.58
N ASN A 1367 23.57 -21.41 16.15
CA ASN A 1367 23.36 -20.49 15.02
C ASN A 1367 22.23 -19.51 15.30
N LYS A 1368 22.29 -18.87 16.48
CA LYS A 1368 21.37 -17.79 16.83
C LYS A 1368 22.18 -16.72 17.55
N PHE A 1369 22.17 -15.51 17.01
CA PHE A 1369 22.97 -14.41 17.55
C PHE A 1369 22.05 -13.39 18.20
N VAL A 1370 22.42 -12.97 19.41
CA VAL A 1370 21.65 -11.98 20.15
C VAL A 1370 22.12 -10.59 19.72
N SER A 1371 21.16 -9.71 19.42
CA SER A 1371 21.51 -8.38 18.95
C SER A 1371 21.92 -7.49 20.11
N PRO A 1372 22.78 -6.51 19.86
CA PRO A 1372 23.21 -5.59 20.94
C PRO A 1372 22.10 -4.72 21.49
N LYS A 1373 20.86 -4.87 21.02
CA LYS A 1373 19.74 -4.06 21.50
C LYS A 1373 18.84 -4.82 22.46
N SER A 1374 19.28 -5.95 22.98
CA SER A 1374 18.47 -6.70 23.94
C SER A 1374 18.70 -6.16 25.34
N VAL A 1375 17.75 -6.43 26.24
CA VAL A 1375 17.75 -5.83 27.57
C VAL A 1375 17.17 -6.79 28.59
N ILE A 1376 17.83 -6.88 29.74
CA ILE A 1376 17.33 -7.59 30.91
C ILE A 1376 16.98 -6.55 31.96
N GLY A 1377 15.79 -6.67 32.55
CA GLY A 1377 15.40 -5.64 33.50
C GLY A 1377 14.18 -6.03 34.30
N ARG A 1378 13.77 -5.10 35.17
CA ARG A 1378 12.63 -5.30 36.05
C ARG A 1378 11.60 -4.19 35.96
N PHE A 1379 11.85 -3.15 35.16
CA PHE A 1379 10.98 -1.98 35.13
C PHE A 1379 9.99 -2.00 33.97
N VAL A 1380 10.33 -2.60 32.84
CA VAL A 1380 9.48 -2.58 31.66
C VAL A 1380 9.68 -3.88 30.90
N ALA A 1381 8.69 -4.22 30.08
CA ALA A 1381 8.75 -5.38 29.19
C ALA A 1381 8.15 -5.01 27.85
N GLU A 1382 8.66 -5.61 26.78
CA GLU A 1382 8.23 -5.27 25.43
C GLU A 1382 8.23 -6.52 24.57
N PHE A 1383 7.20 -6.66 23.75
CA PHE A 1383 7.09 -7.77 22.82
C PHE A 1383 6.24 -7.33 21.64
N LYS A 1384 6.80 -7.42 20.43
CA LYS A 1384 6.11 -7.01 19.21
C LYS A 1384 5.70 -5.54 19.26
N SER A 1385 6.59 -4.70 19.80
CA SER A 1385 6.36 -3.26 19.94
C SER A 1385 5.09 -2.99 20.75
N ARG A 1386 5.09 -3.47 21.99
CA ARG A 1386 3.98 -3.25 22.91
C ARG A 1386 4.57 -3.19 24.32
N PHE A 1387 4.73 -1.98 24.84
CA PHE A 1387 5.40 -1.77 26.12
C PHE A 1387 4.40 -1.84 27.26
N TYR A 1388 4.86 -2.32 28.41
CA TYR A 1388 4.01 -2.51 29.58
C TYR A 1388 4.73 -2.06 30.84
N VAL A 1389 4.01 -1.36 31.71
CA VAL A 1389 4.54 -0.84 32.97
C VAL A 1389 3.55 -1.21 34.07
N TRP A 1390 4.05 -1.22 35.31
CA TRP A 1390 3.24 -1.69 36.43
C TRP A 1390 1.98 -0.86 36.61
N GLY A 1391 2.12 0.43 36.91
CA GLY A 1391 0.98 1.23 37.29
C GLY A 1391 0.57 2.29 36.28
N ASP A 1392 0.64 1.95 35.00
CA ASP A 1392 0.25 2.89 33.94
C ASP A 1392 0.15 2.10 32.64
N GLU A 1393 -0.07 2.83 31.55
CA GLU A 1393 -0.07 2.26 30.21
C GLU A 1393 0.60 3.23 29.25
N VAL A 1394 1.22 2.69 28.20
CA VAL A 1394 2.08 3.47 27.32
C VAL A 1394 1.41 3.54 25.95
N PRO A 1395 0.71 4.64 25.62
CA PRO A 1395 0.21 4.81 24.26
C PRO A 1395 1.20 5.52 23.37
N LEU A 1396 1.13 5.19 22.07
CA LEU A 1396 1.98 5.80 21.06
C LEU A 1396 1.14 6.80 20.27
N LEU A 1397 1.05 8.02 20.81
CA LEU A 1397 0.14 9.01 20.26
C LEU A 1397 0.65 9.53 18.91
N THR A 1398 1.89 10.01 18.87
CA THR A 1398 2.41 10.60 17.65
C THR A 1398 2.43 9.60 16.51
N LYS A 1399 2.64 8.31 16.82
CA LYS A 1399 2.63 7.28 15.79
C LYS A 1399 1.28 7.24 15.08
N PHE A 1400 0.19 7.16 15.84
CA PHE A 1400 -1.13 7.07 15.23
C PHE A 1400 -1.50 8.37 14.53
N VAL A 1401 -1.13 9.52 15.12
CA VAL A 1401 -1.44 10.79 14.47
C VAL A 1401 -0.75 10.87 13.11
N ALA A 1402 0.55 10.56 13.07
CA ALA A 1402 1.29 10.63 11.81
C ALA A 1402 0.77 9.60 10.81
N ALA A 1403 0.36 8.42 11.29
CA ALA A 1403 -0.19 7.43 10.38
C ALA A 1403 -1.50 7.91 9.78
N ALA A 1404 -2.32 8.60 10.57
CA ALA A 1404 -3.61 9.07 10.06
C ALA A 1404 -3.46 10.28 9.15
N LEU A 1405 -2.38 11.06 9.32
CA LEU A 1405 -2.24 12.29 8.56
C LEU A 1405 -2.17 12.04 7.05
N HIS A 1406 -1.12 11.38 6.58
CA HIS A 1406 -0.93 11.16 5.15
C HIS A 1406 -1.32 9.73 4.78
N ASN A 1407 -2.64 9.51 4.70
CA ASN A 1407 -3.18 8.20 4.37
C ASN A 1407 -4.36 8.33 3.42
N ILE A 1408 -4.22 9.15 2.38
CA ILE A 1408 -5.28 9.32 1.40
C ILE A 1408 -4.82 8.75 0.06
N LYS A 1409 -5.79 8.40 -0.78
CA LYS A 1409 -5.53 7.83 -2.09
C LYS A 1409 -6.55 8.38 -3.08
N CYS A 1410 -6.25 8.22 -4.37
CA CYS A 1410 -7.10 8.71 -5.44
C CYS A 1410 -8.13 7.65 -5.78
N LYS A 1411 -9.29 7.72 -5.12
CA LYS A 1411 -10.37 6.78 -5.33
C LYS A 1411 -11.69 7.53 -5.22
N GLU A 1412 -12.78 6.78 -5.14
CA GLU A 1412 -14.09 7.40 -5.00
C GLU A 1412 -14.25 7.97 -3.60
N PRO A 1413 -14.75 9.20 -3.47
CA PRO A 1413 -14.71 9.88 -2.17
C PRO A 1413 -15.56 9.26 -1.08
N HIS A 1414 -16.24 8.15 -1.33
CA HIS A 1414 -17.01 7.51 -0.27
C HIS A 1414 -16.29 6.32 0.35
N GLN A 1415 -15.07 6.01 -0.09
CA GLN A 1415 -14.27 4.96 0.52
C GLN A 1415 -13.13 5.50 1.37
N LEU A 1416 -12.62 6.69 1.04
CA LEU A 1416 -11.68 7.36 1.91
C LEU A 1416 -12.29 7.62 3.28
N ALA A 1417 -13.58 7.95 3.32
CA ALA A 1417 -14.25 8.11 4.60
C ALA A 1417 -14.24 6.82 5.40
N GLU A 1418 -14.51 5.69 4.75
CA GLU A 1418 -14.47 4.41 5.44
C GLU A 1418 -13.06 4.11 5.98
N THR A 1419 -12.05 4.35 5.15
CA THR A 1419 -10.68 4.09 5.59
C THR A 1419 -10.30 4.94 6.80
N ILE A 1420 -10.61 6.24 6.76
CA ILE A 1420 -10.28 7.13 7.87
C ILE A 1420 -11.09 6.74 9.11
N ASP A 1421 -12.34 6.34 8.92
CA ASP A 1421 -13.16 5.90 10.05
C ASP A 1421 -12.54 4.69 10.72
N THR A 1422 -12.12 3.70 9.94
CA THR A 1422 -11.49 2.51 10.52
C THR A 1422 -10.20 2.88 11.24
N ILE A 1423 -9.39 3.76 10.65
CA ILE A 1423 -8.13 4.14 11.27
C ILE A 1423 -8.38 4.83 12.62
N ILE A 1424 -9.35 5.74 12.66
CA ILE A 1424 -9.61 6.46 13.90
C ILE A 1424 -10.21 5.53 14.94
N ASP A 1425 -11.05 4.59 14.51
CA ASP A 1425 -11.61 3.62 15.45
C ASP A 1425 -10.51 2.75 16.05
N GLN A 1426 -9.53 2.36 15.23
CA GLN A 1426 -8.41 1.60 15.75
C GLN A 1426 -7.57 2.44 16.71
N SER A 1427 -7.42 3.73 16.41
CA SER A 1427 -6.54 4.56 17.23
C SER A 1427 -7.17 4.94 18.56
N VAL A 1428 -8.49 5.14 18.60
CA VAL A 1428 -9.13 5.58 19.84
C VAL A 1428 -8.99 4.54 20.93
N ALA A 1429 -8.95 3.27 20.56
CA ALA A 1429 -8.90 2.18 21.53
C ALA A 1429 -7.59 2.13 22.32
N ASN A 1430 -6.64 3.02 22.05
CA ASN A 1430 -5.36 2.99 22.74
C ASN A 1430 -5.15 4.14 23.72
N GLY A 1431 -5.91 5.22 23.60
CA GLY A 1431 -5.81 6.29 24.59
C GLY A 1431 -5.81 7.70 24.02
N VAL A 1432 -5.92 7.82 22.71
CA VAL A 1432 -5.91 9.15 22.09
C VAL A 1432 -7.20 9.88 22.47
N PRO A 1433 -7.13 11.14 22.89
CA PRO A 1433 -8.36 11.89 23.17
C PRO A 1433 -9.19 12.10 21.92
N VAL A 1434 -10.43 12.55 22.12
CA VAL A 1434 -11.41 12.55 21.04
C VAL A 1434 -11.27 13.80 20.17
N HIS A 1435 -11.05 14.96 20.79
CA HIS A 1435 -11.02 16.20 20.02
C HIS A 1435 -9.91 16.18 18.98
N LEU A 1436 -8.82 15.46 19.24
CA LEU A 1436 -7.80 15.27 18.21
C LEU A 1436 -8.39 14.56 16.98
N CYS A 1437 -9.17 13.50 17.22
CA CYS A 1437 -9.80 12.80 16.10
C CYS A 1437 -10.79 13.70 15.37
N ASN A 1438 -11.53 14.52 16.12
CA ASN A 1438 -12.44 15.47 15.48
C ASN A 1438 -11.68 16.43 14.58
N LEU A 1439 -10.54 16.93 15.05
CA LEU A 1439 -9.73 17.83 14.22
C LEU A 1439 -9.19 17.13 12.99
N ILE A 1440 -8.83 15.85 13.13
CA ILE A 1440 -8.36 15.09 11.97
C ILE A 1440 -9.47 14.95 10.93
N GLN A 1441 -10.68 14.63 11.38
CA GLN A 1441 -11.81 14.53 10.47
C GLN A 1441 -12.09 15.86 9.79
N LYS A 1442 -11.99 16.96 10.54
CA LYS A 1442 -12.18 18.28 9.94
C LYS A 1442 -11.12 18.55 8.87
N ARG A 1443 -9.87 18.16 9.14
CA ARG A 1443 -8.83 18.33 8.13
C ARG A 1443 -9.16 17.55 6.86
N THR A 1444 -9.64 16.31 7.01
CA THR A 1444 -10.01 15.53 5.84
C THR A 1444 -11.13 16.20 5.06
N LEU A 1445 -12.14 16.71 5.76
CA LEU A 1445 -13.24 17.39 5.10
C LEU A 1445 -12.76 18.64 4.35
N SER A 1446 -11.83 19.37 4.94
CA SER A 1446 -11.29 20.56 4.27
C SER A 1446 -10.49 20.17 3.04
N LEU A 1447 -9.72 19.09 3.13
CA LEU A 1447 -8.99 18.59 1.97
C LEU A 1447 -9.94 18.22 0.84
N LEU A 1448 -11.10 17.67 1.19
CA LEU A 1448 -12.10 17.37 0.16
C LEU A 1448 -12.72 18.65 -0.40
N GLN A 1449 -13.03 19.62 0.47
CA GLN A 1449 -13.65 20.85 0.03
C GLN A 1449 -12.75 21.61 -0.93
N TYR A 1450 -11.43 21.52 -0.74
CA TYR A 1450 -10.52 22.22 -1.64
C TYR A 1450 -10.63 21.72 -3.08
N ALA A 1451 -11.06 20.48 -3.28
CA ALA A 1451 -11.19 19.91 -4.61
C ALA A 1451 -12.52 20.22 -5.28
N ARG A 1452 -13.33 21.10 -4.67
CA ARG A 1452 -14.62 21.51 -5.21
C ARG A 1452 -15.54 20.30 -5.44
N TYR A 1453 -15.87 19.63 -4.34
CA TYR A 1453 -16.75 18.48 -4.35
C TYR A 1453 -17.86 18.72 -3.32
N PRO A 1454 -19.12 18.56 -3.69
CA PRO A 1454 -20.20 18.85 -2.74
C PRO A 1454 -20.24 17.84 -1.61
N ILE A 1455 -20.43 18.33 -0.40
CA ILE A 1455 -20.38 17.52 0.81
C ILE A 1455 -21.80 17.12 1.20
N ASP A 1456 -22.03 15.82 1.33
CA ASP A 1456 -23.31 15.25 1.69
C ASP A 1456 -23.23 14.61 3.07
N PRO A 1457 -24.37 14.49 3.78
CA PRO A 1457 -24.36 13.98 5.15
C PRO A 1457 -24.19 12.46 5.24
N PHE A 1458 -23.24 11.93 4.48
CA PHE A 1458 -22.94 10.50 4.54
C PHE A 1458 -21.45 10.25 4.42
N LEU A 1459 -20.62 11.18 4.89
CA LEU A 1459 -19.17 11.05 4.80
C LEU A 1459 -18.52 10.91 6.17
N LEU A 1460 -18.73 11.88 7.07
CA LEU A 1460 -18.07 11.86 8.36
C LEU A 1460 -18.93 12.61 9.37
N ASN A 1461 -18.62 12.41 10.65
CA ASN A 1461 -19.34 13.04 11.76
C ASN A 1461 -18.30 13.61 12.72
N CYS A 1462 -18.01 14.90 12.61
CA CYS A 1462 -17.01 15.53 13.46
C CYS A 1462 -17.61 16.16 14.71
N GLU A 1463 -18.46 15.40 15.41
CA GLU A 1463 -18.99 15.85 16.70
C GLU A 1463 -19.12 14.69 17.68
N THR A 1464 -18.34 13.64 17.49
CA THR A 1464 -18.51 12.42 18.26
C THR A 1464 -18.09 12.62 19.72
N ASP A 1465 -18.35 11.59 20.52
CA ASP A 1465 -17.90 11.52 21.90
C ASP A 1465 -17.46 10.10 22.18
N VAL A 1466 -17.30 9.76 23.46
CA VAL A 1466 -16.71 8.48 23.82
C VAL A 1466 -17.64 7.32 23.48
N ARG A 1467 -18.93 7.46 23.80
CA ARG A 1467 -19.85 6.35 23.62
C ARG A 1467 -20.05 6.00 22.14
N ASP A 1468 -19.91 6.98 21.24
CA ASP A 1468 -20.13 6.71 19.83
C ASP A 1468 -19.06 5.81 19.23
N TRP A 1469 -17.96 5.57 19.93
CA TRP A 1469 -16.90 4.70 19.43
C TRP A 1469 -16.84 3.35 20.13
N VAL A 1470 -17.29 3.27 21.39
CA VAL A 1470 -17.22 2.03 22.14
C VAL A 1470 -18.41 1.15 21.79
N ASP A 1471 -19.61 1.64 22.07
CA ASP A 1471 -20.81 0.83 21.88
C ASP A 1471 -21.23 0.77 20.41
N GLY A 1472 -21.42 1.92 19.78
CA GLY A 1472 -21.96 1.98 18.44
C GLY A 1472 -20.98 1.48 17.40
N ASN A 1473 -21.32 1.78 16.14
CA ASN A 1473 -20.52 1.36 15.00
C ASN A 1473 -20.67 2.42 13.92
N ARG A 1474 -20.31 2.06 12.68
CA ARG A 1474 -20.25 3.05 11.60
C ARG A 1474 -21.60 3.72 11.37
N SER A 1475 -22.69 2.96 11.46
CA SER A 1475 -23.99 3.51 11.11
C SER A 1475 -24.56 4.37 12.23
N TYR A 1476 -24.17 4.10 13.48
CA TYR A 1476 -24.69 4.89 14.59
C TYR A 1476 -24.28 6.35 14.48
N ARG A 1477 -23.04 6.60 14.04
CA ARG A 1477 -22.58 7.98 13.90
C ARG A 1477 -23.34 8.71 12.79
N ILE A 1478 -23.65 8.00 11.70
CA ILE A 1478 -24.44 8.61 10.63
C ILE A 1478 -25.84 8.94 11.12
N MET A 1479 -26.44 8.02 11.88
CA MET A 1479 -27.75 8.30 12.46
C MET A 1479 -27.68 9.51 13.38
N ARG A 1480 -26.63 9.62 14.18
CA ARG A 1480 -26.49 10.76 15.08
C ARG A 1480 -26.35 12.06 14.31
N GLN A 1481 -25.59 12.04 13.21
CA GLN A 1481 -25.46 13.24 12.39
C GLN A 1481 -26.79 13.66 11.79
N ILE A 1482 -27.55 12.70 11.26
CA ILE A 1482 -28.85 13.02 10.69
C ILE A 1482 -29.79 13.56 11.76
N GLU A 1483 -29.75 12.98 12.96
CA GLU A 1483 -30.58 13.48 14.05
C GLU A 1483 -30.19 14.90 14.44
N ARG A 1484 -28.89 15.21 14.38
CA ARG A 1484 -28.45 16.57 14.67
C ARG A 1484 -28.88 17.54 13.59
N LEU A 1485 -29.01 17.07 12.34
CA LEU A 1485 -29.39 17.98 11.26
C LEU A 1485 -30.82 18.47 11.42
N ILE A 1486 -31.79 17.56 11.43
CA ILE A 1486 -33.19 17.95 11.42
C ILE A 1486 -33.95 17.35 12.60
N PRO A 1487 -33.91 17.98 13.76
CA PRO A 1487 -34.72 17.50 14.89
C PRO A 1487 -36.19 17.82 14.71
N ASP A 1488 -37.00 17.52 15.72
CA ASP A 1488 -38.45 17.75 15.76
C ASP A 1488 -39.22 16.86 14.79
N ALA A 1489 -38.54 16.05 14.00
CA ALA A 1489 -39.18 15.14 13.05
C ALA A 1489 -38.73 13.71 13.21
N CYS A 1490 -37.52 13.49 13.72
CA CYS A 1490 -37.02 12.13 13.90
C CYS A 1490 -37.73 11.39 15.03
N GLY A 1491 -38.27 12.11 16.02
CA GLY A 1491 -38.96 11.44 17.11
C GLY A 1491 -40.26 10.79 16.68
N ARG A 1492 -41.00 11.46 15.79
CA ARG A 1492 -42.23 10.88 15.28
C ARG A 1492 -41.98 9.57 14.54
N ILE A 1493 -40.92 9.54 13.73
CA ILE A 1493 -40.55 8.30 13.07
C ILE A 1493 -40.02 7.29 14.07
N ARG A 1494 -39.35 7.75 15.13
CA ARG A 1494 -38.74 6.83 16.08
C ARG A 1494 -39.79 6.09 16.89
N SER A 1495 -40.90 6.77 17.21
CA SER A 1495 -41.99 6.09 17.92
C SER A 1495 -42.59 4.98 17.08
N MET A 1496 -42.87 5.28 15.80
CA MET A 1496 -43.38 4.26 14.90
C MET A 1496 -42.38 3.11 14.73
N LEU A 1497 -41.09 3.44 14.68
CA LEU A 1497 -40.07 2.40 14.55
C LEU A 1497 -40.03 1.51 15.79
N ARG A 1498 -40.19 2.13 16.97
CA ARG A 1498 -40.25 1.34 18.21
C ARG A 1498 -41.43 0.37 18.17
N LYS A 1499 -42.61 0.87 17.80
CA LYS A 1499 -43.78 0.01 17.74
C LYS A 1499 -43.59 -1.11 16.70
N LEU A 1500 -43.02 -0.77 15.55
CA LEU A 1500 -42.86 -1.76 14.49
C LEU A 1500 -41.85 -2.83 14.89
N TYR A 1501 -40.75 -2.43 15.55
CA TYR A 1501 -39.78 -3.42 16.00
C TYR A 1501 -40.37 -4.30 17.08
N ASN A 1502 -41.14 -3.72 18.00
CA ASN A 1502 -41.79 -4.52 19.04
C ASN A 1502 -42.77 -5.52 18.44
N LYS A 1503 -43.46 -5.12 17.36
CA LYS A 1503 -44.38 -6.04 16.70
C LYS A 1503 -43.63 -7.13 15.94
N LEU A 1504 -42.56 -6.76 15.24
CA LEU A 1504 -41.84 -7.69 14.39
C LEU A 1504 -40.95 -8.66 15.16
N LYS A 1505 -40.59 -8.31 16.41
CA LYS A 1505 -39.77 -9.21 17.20
C LYS A 1505 -40.46 -10.56 17.40
N THR A 1506 -41.76 -10.54 17.70
CA THR A 1506 -42.53 -11.76 17.83
C THR A 1506 -42.87 -12.40 16.49
N GLY A 1507 -42.31 -11.89 15.39
CA GLY A 1507 -42.57 -12.44 14.08
C GLY A 1507 -44.02 -12.38 13.65
N GLN A 1508 -44.65 -11.21 13.78
CA GLN A 1508 -46.05 -11.09 13.44
C GLN A 1508 -46.30 -11.07 11.95
N LEU A 1509 -45.82 -10.07 11.23
CA LEU A 1509 -46.10 -10.00 9.80
C LEU A 1509 -44.98 -10.59 8.96
N HIS A 1510 -43.81 -9.94 8.99
CA HIS A 1510 -42.59 -10.35 8.32
C HIS A 1510 -42.72 -10.46 6.81
N GLU A 1511 -43.92 -10.24 6.25
CA GLU A 1511 -44.14 -10.37 4.81
C GLU A 1511 -44.81 -9.14 4.21
N GLU A 1512 -45.75 -8.54 4.94
CA GLU A 1512 -46.38 -7.30 4.46
C GLU A 1512 -45.33 -6.22 4.27
N PHE A 1513 -44.36 -6.15 5.17
CA PHE A 1513 -43.28 -5.18 5.03
C PHE A 1513 -42.27 -5.62 3.97
N THR A 1514 -42.09 -6.92 3.78
CA THR A 1514 -41.01 -7.42 2.94
C THR A 1514 -41.22 -7.03 1.48
N THR A 1515 -42.46 -7.07 1.00
CA THR A 1515 -42.76 -6.83 -0.41
C THR A 1515 -43.69 -5.66 -0.66
N ASN A 1516 -44.80 -5.55 0.08
CA ASN A 1516 -45.80 -4.54 -0.24
C ASN A 1516 -45.26 -3.13 -0.06
N TYR A 1517 -44.56 -2.86 1.04
CA TYR A 1517 -44.07 -1.52 1.33
C TYR A 1517 -42.63 -1.31 0.89
N LEU A 1518 -41.74 -2.26 1.18
CA LEU A 1518 -40.33 -2.07 0.86
C LEU A 1518 -40.10 -2.00 -0.64
N SER A 1519 -40.77 -2.87 -1.40
CA SER A 1519 -40.60 -2.90 -2.86
C SER A 1519 -41.72 -2.12 -3.55
N SER A 1520 -41.76 -0.81 -3.28
CA SER A 1520 -42.76 0.06 -3.85
C SER A 1520 -42.22 1.50 -3.78
N GLU A 1521 -43.10 2.47 -3.99
CA GLU A 1521 -42.72 3.87 -3.86
C GLU A 1521 -42.35 4.17 -2.40
N HIS A 1522 -41.66 5.29 -2.20
CA HIS A 1522 -41.17 5.64 -0.87
C HIS A 1522 -42.18 6.48 -0.08
N LEU A 1523 -42.56 7.63 -0.64
CA LEU A 1523 -43.36 8.62 0.09
C LEU A 1523 -44.69 8.05 0.57
N SER A 1524 -45.57 7.72 -0.37
CA SER A 1524 -46.91 7.25 -0.06
C SER A 1524 -46.86 6.08 0.91
N SER A 1525 -46.02 5.08 0.60
CA SER A 1525 -45.85 3.93 1.47
C SER A 1525 -45.62 4.37 2.91
N LEU A 1526 -44.71 5.32 3.13
CA LEU A 1526 -44.44 5.81 4.47
C LEU A 1526 -45.73 6.20 5.17
N SER A 1527 -46.56 7.01 4.51
CA SER A 1527 -47.83 7.42 5.10
C SER A 1527 -48.66 6.22 5.51
N ASN A 1528 -48.74 5.20 4.64
CA ASN A 1528 -49.48 3.99 5.00
C ASN A 1528 -48.90 3.33 6.24
N LEU A 1529 -47.56 3.29 6.36
CA LEU A 1529 -46.94 2.69 7.53
C LEU A 1529 -47.35 3.42 8.80
N CYS A 1530 -47.77 4.67 8.69
CA CYS A 1530 -48.25 5.39 9.86
C CYS A 1530 -49.71 5.06 10.15
N GLU A 1531 -50.52 4.86 9.11
CA GLU A 1531 -51.91 4.51 9.35
C GLU A 1531 -52.08 3.03 9.65
N LEU A 1532 -51.05 2.21 9.39
CA LEU A 1532 -51.05 0.83 9.86
C LEU A 1532 -51.07 0.76 11.38
N LEU A 1533 -50.70 1.84 12.06
CA LEU A 1533 -50.75 1.92 13.50
C LEU A 1533 -51.47 3.21 13.92
N GLY A 1534 -51.42 3.54 15.21
CA GLY A 1534 -52.12 4.71 15.70
C GLY A 1534 -51.23 5.89 16.02
N VAL A 1535 -50.25 6.15 15.17
CA VAL A 1535 -49.30 7.23 15.37
C VAL A 1535 -49.64 8.37 14.41
N GLU A 1536 -49.25 9.58 14.80
CA GLU A 1536 -49.48 10.73 13.94
C GLU A 1536 -48.57 10.66 12.71
N PRO A 1537 -49.08 11.06 11.54
CA PRO A 1537 -48.26 10.95 10.33
C PRO A 1537 -47.28 12.10 10.23
N PRO A 1538 -46.23 11.96 9.43
CA PRO A 1538 -45.32 13.09 9.22
C PRO A 1538 -45.99 14.22 8.46
N SER A 1539 -45.60 15.44 8.79
CA SER A 1539 -46.21 16.61 8.18
C SER A 1539 -45.90 16.68 6.69
N GLU A 1540 -46.61 17.57 6.00
CA GLU A 1540 -46.42 17.70 4.56
C GLU A 1540 -45.09 18.38 4.25
N SER A 1541 -44.67 19.33 5.07
CA SER A 1541 -43.35 19.94 4.91
C SER A 1541 -42.30 19.23 5.76
N ASP A 1542 -42.29 17.90 5.67
CA ASP A 1542 -41.26 17.08 6.29
C ASP A 1542 -40.65 16.17 5.24
N LEU A 1543 -41.48 15.71 4.31
CA LEU A 1543 -41.02 14.94 3.17
C LEU A 1543 -40.38 15.82 2.11
N GLU A 1544 -40.18 17.11 2.39
CA GLU A 1544 -39.55 18.00 1.42
C GLU A 1544 -38.03 17.95 1.52
N PHE A 1545 -37.51 17.59 2.69
CA PHE A 1545 -36.06 17.50 2.87
C PHE A 1545 -35.49 16.40 2.01
N SER A 1546 -34.37 16.70 1.36
CA SER A 1546 -33.74 15.73 0.46
C SER A 1546 -32.30 16.13 0.23
N TRP A 1547 -31.48 15.15 -0.12
CA TRP A 1547 -30.08 15.36 -0.44
C TRP A 1547 -29.83 15.00 -1.90
N LEU A 1548 -28.59 15.23 -2.33
CA LEU A 1548 -28.22 15.08 -3.73
C LEU A 1548 -27.22 13.94 -3.88
N ASN A 1549 -27.47 13.05 -4.83
CA ASN A 1549 -26.61 11.92 -5.11
C ASN A 1549 -26.16 11.99 -6.56
N LEU A 1550 -24.85 12.05 -6.77
CA LEU A 1550 -24.32 12.12 -8.13
C LEU A 1550 -24.28 10.76 -8.80
N ALA A 1551 -24.18 9.69 -8.02
CA ALA A 1551 -24.13 8.34 -8.58
C ALA A 1551 -25.52 7.70 -8.52
N ALA A 1552 -26.45 8.29 -9.26
CA ALA A 1552 -27.81 7.78 -9.32
C ALA A 1552 -28.05 6.83 -10.47
N HIS A 1553 -27.18 6.83 -11.48
CA HIS A 1553 -27.30 5.93 -12.62
C HIS A 1553 -26.10 5.00 -12.74
N HIS A 1554 -24.89 5.52 -12.65
CA HIS A 1554 -23.66 4.75 -12.67
C HIS A 1554 -22.63 5.45 -11.79
N PRO A 1555 -21.71 4.70 -11.19
CA PRO A 1555 -20.65 5.32 -10.40
C PRO A 1555 -19.76 6.20 -11.27
N LEU A 1556 -19.04 7.10 -10.60
CA LEU A 1556 -18.23 8.09 -11.30
C LEU A 1556 -17.09 7.43 -12.07
N ARG A 1557 -16.67 8.08 -13.14
CA ARG A 1557 -15.52 7.62 -13.93
C ARG A 1557 -14.23 8.13 -13.28
N MET A 1558 -13.17 7.32 -13.39
CA MET A 1558 -11.89 7.63 -12.79
C MET A 1558 -10.82 7.90 -13.83
N VAL A 1559 -10.60 6.98 -14.75
CA VAL A 1559 -9.57 7.16 -15.78
C VAL A 1559 -10.12 6.73 -17.14
N GLU A 1575 -27.07 -3.43 -17.10
CA GLU A 1575 -27.75 -2.39 -16.32
C GLU A 1575 -27.02 -2.15 -15.00
N LYS A 1576 -27.73 -1.54 -14.06
CA LYS A 1576 -27.21 -1.32 -12.71
C LYS A 1576 -27.77 -2.37 -11.77
N VAL A 1577 -26.95 -2.82 -10.83
CA VAL A 1577 -27.35 -3.84 -9.87
C VAL A 1577 -26.79 -3.46 -8.50
N PRO A 1578 -27.38 -3.98 -7.43
CA PRO A 1578 -26.87 -3.67 -6.08
C PRO A 1578 -25.41 -4.07 -5.92
N THR A 1579 -24.73 -3.38 -5.01
CA THR A 1579 -23.31 -3.64 -4.76
C THR A 1579 -23.07 -5.05 -4.24
N ILE A 1580 -24.05 -5.65 -3.56
CA ILE A 1580 -23.89 -7.02 -3.12
C ILE A 1580 -23.70 -7.94 -4.32
N VAL A 1581 -24.41 -7.67 -5.41
CA VAL A 1581 -24.23 -8.45 -6.63
C VAL A 1581 -22.83 -8.24 -7.18
N LYS A 1582 -22.32 -7.01 -7.10
CA LYS A 1582 -20.97 -6.73 -7.57
C LYS A 1582 -19.94 -7.55 -6.81
N THR A 1583 -20.00 -7.49 -5.47
CA THR A 1583 -19.00 -8.22 -4.70
C THR A 1583 -19.18 -9.72 -4.81
N ILE A 1584 -20.41 -10.21 -4.99
CA ILE A 1584 -20.64 -11.64 -5.15
C ILE A 1584 -20.03 -12.11 -6.46
N GLN A 1585 -20.35 -11.42 -7.57
CA GLN A 1585 -19.79 -11.80 -8.86
C GLN A 1585 -18.28 -11.57 -8.92
N ASN A 1586 -17.76 -10.71 -8.06
CA ASN A 1586 -16.31 -10.54 -7.98
C ASN A 1586 -15.67 -11.73 -7.28
N LYS A 1587 -16.11 -12.04 -6.06
CA LYS A 1587 -15.52 -13.11 -5.28
C LYS A 1587 -15.86 -14.50 -5.83
N LEU A 1588 -16.84 -14.62 -6.72
CA LEU A 1588 -17.24 -15.90 -7.29
C LEU A 1588 -16.58 -16.18 -8.63
N SER A 1589 -16.63 -15.22 -9.54
CA SER A 1589 -16.06 -15.40 -10.88
C SER A 1589 -14.56 -15.11 -10.90
N SER A 1590 -13.82 -15.75 -9.99
CA SER A 1590 -12.38 -15.52 -9.92
C SER A 1590 -11.57 -16.77 -9.59
N THR A 1591 -12.18 -17.95 -9.50
CA THR A 1591 -11.46 -19.11 -8.97
C THR A 1591 -10.30 -19.50 -9.87
N PHE A 1592 -10.57 -20.10 -11.04
CA PHE A 1592 -9.57 -20.19 -12.08
C PHE A 1592 -10.13 -19.88 -13.46
N THR A 1593 -11.36 -20.34 -13.73
CA THR A 1593 -11.92 -20.34 -15.07
C THR A 1593 -12.75 -19.10 -15.36
N ARG A 1594 -13.62 -18.69 -14.44
CA ARG A 1594 -14.39 -17.47 -14.63
C ARG A 1594 -13.57 -16.21 -14.40
N GLY A 1595 -12.35 -16.35 -13.88
CA GLY A 1595 -11.52 -15.20 -13.57
C GLY A 1595 -10.07 -15.36 -14.00
N ALA A 1596 -9.84 -16.01 -15.14
CA ALA A 1596 -8.48 -16.24 -15.61
C ALA A 1596 -7.89 -14.98 -16.24
N GLN A 1597 -8.55 -14.45 -17.27
CA GLN A 1597 -7.96 -13.38 -18.07
C GLN A 1597 -7.91 -12.06 -17.32
N LYS A 1598 -9.00 -11.71 -16.64
CA LYS A 1598 -9.17 -10.36 -16.12
C LYS A 1598 -8.15 -10.04 -15.03
N LEU A 1599 -7.93 -10.98 -14.10
CA LEU A 1599 -7.03 -10.72 -12.99
C LEU A 1599 -5.59 -10.53 -13.48
N LEU A 1600 -5.13 -11.41 -14.37
CA LEU A 1600 -3.77 -11.27 -14.87
C LEU A 1600 -3.62 -10.04 -15.74
N SER A 1601 -4.65 -9.68 -16.51
CA SER A 1601 -4.59 -8.47 -17.32
C SER A 1601 -4.48 -7.23 -16.44
N GLU A 1602 -5.31 -7.15 -15.40
CA GLU A 1602 -5.26 -5.98 -14.52
C GLU A 1602 -3.97 -5.95 -13.72
N ALA A 1603 -3.41 -7.11 -13.36
CA ALA A 1603 -2.11 -7.14 -12.70
C ALA A 1603 -1.02 -6.59 -13.62
N ILE A 1604 -1.03 -7.02 -14.89
CA ILE A 1604 -0.06 -6.52 -15.86
C ILE A 1604 -0.23 -5.01 -16.03
N ASN A 1605 -1.47 -4.53 -16.06
CA ASN A 1605 -1.71 -3.10 -16.22
C ASN A 1605 -1.22 -2.30 -15.01
N LYS A 1606 -1.47 -2.82 -13.81
CA LYS A 1606 -1.05 -2.11 -12.60
C LYS A 1606 0.47 -2.14 -12.43
N SER A 1607 1.13 -3.19 -12.92
CA SER A 1607 2.57 -3.29 -12.78
C SER A 1607 3.30 -2.15 -13.48
N ALA A 1608 2.66 -1.49 -14.44
CA ALA A 1608 3.28 -0.41 -15.19
C ALA A 1608 3.07 0.96 -14.55
N PHE A 1609 2.62 1.00 -13.30
CA PHE A 1609 2.33 2.25 -12.61
C PHE A 1609 3.19 2.37 -11.35
N GLN A 1610 3.74 3.56 -11.13
CA GLN A 1610 4.46 3.90 -9.91
C GLN A 1610 4.09 5.32 -9.52
N SER A 1611 3.62 5.50 -8.30
CA SER A 1611 3.09 6.79 -7.87
C SER A 1611 3.45 7.04 -6.42
N SER A 1612 2.98 8.17 -5.90
CA SER A 1612 3.23 8.60 -4.53
C SER A 1612 1.91 9.12 -3.96
N ILE A 1613 2.00 9.77 -2.80
CA ILE A 1613 0.79 10.30 -2.18
C ILE A 1613 0.46 11.68 -2.76
N ALA A 1614 1.48 12.52 -2.95
CA ALA A 1614 1.25 13.84 -3.51
C ALA A 1614 0.71 13.76 -4.93
N SER A 1615 1.33 12.91 -5.77
CA SER A 1615 0.82 12.72 -7.12
C SER A 1615 -0.59 12.18 -7.10
N GLY A 1616 -0.91 11.33 -6.11
CA GLY A 1616 -2.27 10.83 -6.00
C GLY A 1616 -3.26 11.92 -5.67
N PHE A 1617 -2.92 12.81 -4.74
CA PHE A 1617 -3.80 13.92 -4.42
C PHE A 1617 -3.98 14.85 -5.61
N VAL A 1618 -2.90 15.07 -6.37
CA VAL A 1618 -2.99 15.92 -7.56
C VAL A 1618 -3.91 15.28 -8.60
N GLY A 1619 -3.73 13.98 -8.84
CA GLY A 1619 -4.61 13.29 -9.77
C GLY A 1619 -6.06 13.33 -9.35
N LEU A 1620 -6.32 13.15 -8.04
CA LEU A 1620 -7.68 13.24 -7.54
C LEU A 1620 -8.26 14.62 -7.78
N CYS A 1621 -7.50 15.67 -7.49
CA CYS A 1621 -7.98 17.03 -7.72
C CYS A 1621 -8.22 17.27 -9.20
N ARG A 1622 -7.49 16.57 -10.07
CA ARG A 1622 -7.67 16.77 -11.51
C ARG A 1622 -8.91 16.06 -12.02
N THR A 1623 -9.10 14.79 -11.66
CA THR A 1623 -10.23 14.03 -12.19
C THR A 1623 -11.56 14.65 -11.79
N LEU A 1624 -11.66 15.14 -10.56
CA LEU A 1624 -12.90 15.78 -10.14
C LEU A 1624 -13.01 17.15 -10.80
N GLY A 1625 -13.61 17.19 -11.99
CA GLY A 1625 -13.73 18.44 -12.70
C GLY A 1625 -13.55 18.31 -14.20
N SER A 1626 -13.26 17.10 -14.70
CA SER A 1626 -13.16 16.93 -16.15
C SER A 1626 -14.49 16.46 -16.72
N LYS A 1627 -14.86 15.20 -16.44
CA LYS A 1627 -16.22 14.75 -16.70
C LYS A 1627 -16.84 14.07 -15.49
N CYS A 1628 -16.24 12.98 -15.00
CA CYS A 1628 -16.56 12.31 -13.74
C CYS A 1628 -18.05 12.17 -13.44
N VAL A 1629 -18.89 12.10 -14.47
CA VAL A 1629 -20.34 12.03 -14.28
C VAL A 1629 -20.94 11.36 -15.50
N ARG A 1630 -21.94 10.49 -15.26
CA ARG A 1630 -22.65 9.82 -16.33
C ARG A 1630 -24.13 10.19 -16.27
N GLY A 1631 -24.74 10.30 -17.45
CA GLY A 1631 -26.11 10.72 -17.56
C GLY A 1631 -27.10 9.58 -17.53
N PRO A 1632 -28.35 9.85 -17.89
CA PRO A 1632 -29.39 8.82 -17.83
C PRO A 1632 -29.10 7.60 -18.69
N ASN A 1633 -28.98 7.78 -20.00
CA ASN A 1633 -28.76 6.62 -20.88
C ASN A 1633 -27.27 6.26 -20.96
N LYS A 1634 -26.48 7.11 -21.62
CA LYS A 1634 -25.03 6.97 -21.68
C LYS A 1634 -24.49 8.31 -22.16
N GLU A 1635 -23.81 9.05 -21.28
CA GLU A 1635 -23.24 10.34 -21.63
C GLU A 1635 -22.37 10.81 -20.47
N SER A 1636 -21.71 11.95 -20.70
CA SER A 1636 -20.83 12.55 -19.70
C SER A 1636 -21.15 14.04 -19.58
N LEU A 1637 -20.96 14.57 -18.38
CA LEU A 1637 -21.33 15.95 -18.08
C LEU A 1637 -20.24 16.56 -17.18
N TYR A 1638 -20.55 17.73 -16.64
CA TYR A 1638 -19.69 18.41 -15.68
C TYR A 1638 -20.49 18.67 -14.41
N ILE A 1639 -19.79 18.79 -13.28
CA ILE A 1639 -20.46 19.06 -12.03
C ILE A 1639 -21.03 20.48 -12.03
N LYS A 1640 -20.28 21.43 -12.58
CA LYS A 1640 -20.76 22.81 -12.64
C LYS A 1640 -22.05 22.91 -13.44
N SER A 1641 -22.17 22.12 -14.50
CA SER A 1641 -23.41 22.12 -15.28
C SER A 1641 -24.58 21.63 -14.45
N ILE A 1642 -24.37 20.57 -13.66
CA ILE A 1642 -25.43 20.06 -12.80
C ILE A 1642 -25.85 21.12 -11.79
N GLN A 1643 -24.88 21.75 -11.14
CA GLN A 1643 -25.23 22.77 -10.15
C GLN A 1643 -25.91 23.97 -10.80
N SER A 1644 -25.55 24.30 -12.04
CA SER A 1644 -26.22 25.41 -12.73
C SER A 1644 -27.67 25.06 -13.02
N LEU A 1645 -27.90 23.88 -13.60
CA LEU A 1645 -29.28 23.45 -13.87
C LEU A 1645 -30.09 23.40 -12.58
N ILE A 1646 -29.45 23.05 -11.46
CA ILE A 1646 -30.13 23.05 -10.18
C ILE A 1646 -30.52 24.48 -9.78
N SER A 1647 -29.55 25.39 -9.80
CA SER A 1647 -29.79 26.77 -9.41
C SER A 1647 -30.72 27.50 -10.37
N ASP A 1648 -31.00 26.93 -11.54
CA ASP A 1648 -31.92 27.58 -12.47
C ASP A 1648 -33.31 27.70 -11.87
N ILE A 1649 -33.86 26.61 -11.35
CA ILE A 1649 -35.20 26.60 -10.77
C ILE A 1649 -35.17 27.35 -9.45
N GLN A 1650 -35.92 28.46 -9.38
CA GLN A 1650 -35.95 29.27 -8.17
C GLN A 1650 -37.09 28.86 -7.23
N GLY A 1651 -37.14 27.57 -6.91
CA GLY A 1651 -38.15 27.07 -5.98
C GLY A 1651 -37.58 26.16 -4.93
N ILE A 1652 -36.33 25.75 -5.10
CA ILE A 1652 -35.65 24.85 -4.19
C ILE A 1652 -34.65 25.66 -3.36
N GLU A 1653 -34.47 25.24 -2.10
CA GLU A 1653 -33.65 26.01 -1.18
C GLU A 1653 -32.51 25.16 -0.61
N PRO A 1654 -31.26 25.53 -0.84
CA PRO A 1654 -30.16 24.83 -0.17
C PRO A 1654 -29.97 25.34 1.25
N LEU A 1655 -29.30 24.50 2.06
CA LEU A 1655 -29.03 24.84 3.44
C LEU A 1655 -27.69 24.24 3.85
N ILE A 1656 -26.91 25.01 4.61
CA ILE A 1656 -25.59 24.63 5.06
C ILE A 1656 -25.55 24.67 6.57
N ASP A 1657 -24.72 23.81 7.17
CA ASP A 1657 -24.52 23.76 8.60
C ASP A 1657 -23.21 24.46 8.96
N SER A 1658 -22.83 24.39 10.24
CA SER A 1658 -21.62 25.05 10.71
C SER A 1658 -20.39 24.49 10.02
N HIS A 1659 -20.10 23.20 10.22
CA HIS A 1659 -18.96 22.59 9.57
C HIS A 1659 -19.16 22.54 8.06
N GLY A 1660 -20.41 22.48 7.61
CA GLY A 1660 -20.75 22.53 6.21
C GLY A 1660 -21.22 21.20 5.67
N VAL A 1661 -22.54 21.04 5.58
CA VAL A 1661 -23.16 19.86 5.00
C VAL A 1661 -24.38 20.33 4.23
N GLN A 1662 -24.29 20.34 2.91
CA GLN A 1662 -25.36 20.86 2.07
C GLN A 1662 -26.53 19.89 2.04
N TYR A 1663 -27.72 20.40 2.33
CA TYR A 1663 -28.94 19.63 2.13
C TYR A 1663 -30.03 20.56 1.64
N TRP A 1664 -30.92 20.03 0.81
CA TRP A 1664 -31.85 20.84 0.06
C TRP A 1664 -33.29 20.58 0.50
N ARG A 1665 -34.12 21.61 0.35
CA ARG A 1665 -35.57 21.49 0.49
C ARG A 1665 -36.21 21.73 -0.87
N VAL A 1666 -37.00 20.77 -1.33
CA VAL A 1666 -37.66 20.85 -2.63
C VAL A 1666 -39.16 20.71 -2.43
N PRO A 1667 -39.98 21.44 -3.16
CA PRO A 1667 -41.44 21.26 -3.06
C PRO A 1667 -41.92 20.08 -3.89
N LEU A 1668 -43.18 19.72 -3.66
CA LEU A 1668 -43.74 18.54 -4.29
C LEU A 1668 -44.22 18.82 -5.71
N ASN A 1669 -44.88 19.97 -5.92
CA ASN A 1669 -45.48 20.25 -7.22
C ASN A 1669 -44.42 20.47 -8.29
N ILE A 1670 -43.30 21.13 -7.93
CA ILE A 1670 -42.29 21.48 -8.92
C ILE A 1670 -41.62 20.29 -9.57
N ARG A 1671 -41.86 19.08 -9.06
CA ARG A 1671 -41.19 17.90 -9.60
C ARG A 1671 -41.60 17.64 -11.04
N ASP A 1672 -42.90 17.67 -11.32
CA ASP A 1672 -43.40 17.43 -12.66
C ASP A 1672 -43.22 18.68 -13.52
N GLY A 1673 -42.74 18.48 -14.74
CA GLY A 1673 -42.46 19.58 -15.65
C GLY A 1673 -41.02 19.58 -16.09
N ASN A 1674 -40.11 19.26 -15.17
CA ASN A 1674 -38.69 19.06 -15.47
C ASN A 1674 -38.23 17.86 -14.63
N GLU A 1675 -38.36 16.67 -15.21
CA GLU A 1675 -37.98 15.44 -14.52
C GLU A 1675 -36.62 14.93 -14.94
N GLY A 1676 -35.85 15.71 -15.69
CA GLY A 1676 -34.53 15.31 -16.11
C GLY A 1676 -33.41 15.64 -15.15
N VAL A 1677 -33.65 16.53 -14.18
CA VAL A 1677 -32.61 16.93 -13.24
C VAL A 1677 -33.03 16.56 -11.84
N ILE A 1678 -34.35 16.42 -11.60
CA ILE A 1678 -34.83 16.00 -10.30
C ILE A 1678 -34.60 14.51 -10.06
N SER A 1679 -34.24 13.77 -11.09
CA SER A 1679 -33.92 12.35 -10.93
C SER A 1679 -32.65 12.11 -10.13
N TYR A 1680 -31.98 13.17 -9.67
CA TYR A 1680 -30.77 13.02 -8.88
C TYR A 1680 -31.02 13.14 -7.38
N PHE A 1681 -32.06 13.84 -6.97
CA PHE A 1681 -32.31 14.03 -5.55
C PHE A 1681 -32.81 12.74 -4.92
N ARG A 1682 -32.79 12.72 -3.58
CA ARG A 1682 -33.22 11.55 -2.84
C ARG A 1682 -33.71 11.99 -1.48
N PRO A 1683 -34.88 11.51 -1.04
CA PRO A 1683 -35.42 11.95 0.26
C PRO A 1683 -34.53 11.51 1.42
N LEU A 1684 -34.88 11.98 2.61
CA LEU A 1684 -34.07 11.76 3.79
C LEU A 1684 -34.69 10.80 4.80
N LEU A 1685 -35.99 10.95 5.08
CA LEU A 1685 -36.61 10.12 6.11
C LEU A 1685 -36.59 8.65 5.73
N TRP A 1686 -36.73 8.35 4.44
CA TRP A 1686 -36.69 6.96 3.99
C TRP A 1686 -35.36 6.31 4.32
N ASP A 1687 -34.26 6.94 3.91
CA ASP A 1687 -32.94 6.40 4.20
C ASP A 1687 -32.68 6.35 5.70
N TYR A 1688 -33.14 7.37 6.43
CA TYR A 1688 -32.98 7.35 7.88
C TYR A 1688 -33.64 6.13 8.49
N MET A 1689 -34.89 5.85 8.09
CA MET A 1689 -35.60 4.69 8.62
C MET A 1689 -34.88 3.39 8.24
N CYS A 1690 -34.46 3.28 6.98
CA CYS A 1690 -33.72 2.09 6.55
C CYS A 1690 -32.52 1.84 7.45
N ILE A 1691 -31.64 2.83 7.57
CA ILE A 1691 -30.40 2.65 8.32
C ILE A 1691 -30.69 2.38 9.79
N SER A 1692 -31.65 3.12 10.36
CA SER A 1692 -31.96 2.95 11.77
C SER A 1692 -32.47 1.54 12.06
N LEU A 1693 -33.41 1.05 11.25
CA LEU A 1693 -33.93 -0.29 11.46
C LEU A 1693 -32.84 -1.35 11.28
N SER A 1694 -31.99 -1.17 10.27
CA SER A 1694 -30.92 -2.14 10.05
C SER A 1694 -29.97 -2.21 11.24
N THR A 1695 -29.51 -1.05 11.71
CA THR A 1695 -28.56 -1.08 12.83
C THR A 1695 -29.22 -1.51 14.13
N ALA A 1696 -30.53 -1.25 14.29
CA ALA A 1696 -31.23 -1.72 15.47
C ALA A 1696 -31.40 -3.23 15.43
N ILE A 1697 -31.53 -3.81 14.24
CA ILE A 1697 -31.48 -5.26 14.12
C ILE A 1697 -30.09 -5.77 14.46
N GLU A 1698 -29.05 -5.06 14.00
CA GLU A 1698 -27.68 -5.53 14.18
C GLU A 1698 -27.21 -5.40 15.62
N LEU A 1699 -27.73 -4.43 16.37
CA LEU A 1699 -27.33 -4.19 17.75
C LEU A 1699 -28.55 -4.36 18.66
N GLY A 1700 -28.39 -3.99 19.92
CA GLY A 1700 -29.49 -4.07 20.86
C GLY A 1700 -30.64 -3.17 20.49
N ALA A 1701 -31.75 -3.36 21.20
CA ALA A 1701 -32.96 -2.58 20.95
C ALA A 1701 -32.96 -1.23 21.68
N TRP A 1702 -31.87 -0.88 22.33
CA TRP A 1702 -31.78 0.43 22.97
C TRP A 1702 -31.63 1.56 21.96
N VAL A 1703 -31.19 1.25 20.74
CA VAL A 1703 -30.95 2.29 19.74
C VAL A 1703 -32.23 3.06 19.45
N LEU A 1704 -33.37 2.40 19.53
CA LEU A 1704 -34.64 3.09 19.24
C LEU A 1704 -35.11 3.96 20.38
N GLY A 1705 -34.32 4.12 21.45
CA GLY A 1705 -34.68 5.03 22.52
C GLY A 1705 -34.51 6.48 22.12
N GLU A 1706 -34.52 7.34 23.14
CA GLU A 1706 -34.35 8.77 22.93
C GLU A 1706 -33.07 9.22 23.60
N PRO A 1707 -32.06 9.67 22.85
CA PRO A 1707 -30.80 10.08 23.47
C PRO A 1707 -30.93 11.37 24.24
N LYS A 1708 -30.01 11.57 25.18
CA LYS A 1708 -29.97 12.82 25.95
C LYS A 1708 -28.59 12.98 26.57
N LYS A 1709 -28.07 14.20 26.55
CA LYS A 1709 -26.81 14.47 27.22
C LYS A 1709 -27.03 14.50 28.73
N VAL A 1710 -25.94 14.34 29.48
CA VAL A 1710 -25.99 14.47 30.92
C VAL A 1710 -25.50 15.86 31.30
N ARG A 1711 -26.39 16.64 31.91
CA ARG A 1711 -26.09 18.03 32.28
C ARG A 1711 -26.26 18.25 33.77
N VAL A 1712 -26.04 17.22 34.57
CA VAL A 1712 -26.24 17.30 36.01
C VAL A 1712 -24.94 17.11 36.79
N LEU A 1713 -23.98 16.38 36.27
CA LEU A 1713 -22.74 16.14 37.00
C LEU A 1713 -21.92 17.41 37.11
N GLU A 1714 -21.29 17.59 38.27
CA GLU A 1714 -20.50 18.77 38.56
C GLU A 1714 -19.09 18.63 37.96
N PHE A 1715 -18.27 19.66 38.13
CA PHE A 1715 -16.97 19.75 37.48
C PHE A 1715 -15.86 19.35 38.45
N PHE A 1716 -15.04 18.39 38.05
CA PHE A 1716 -13.91 17.94 38.84
C PHE A 1716 -12.60 18.46 38.25
N LYS A 1717 -11.52 18.25 38.99
CA LYS A 1717 -10.17 18.60 38.54
C LYS A 1717 -9.47 17.30 38.17
N HIS A 1718 -9.33 17.06 36.87
CA HIS A 1718 -8.84 15.79 36.36
C HIS A 1718 -7.35 15.85 36.08
N ASN A 1719 -6.69 14.72 36.28
CA ASN A 1719 -5.32 14.61 35.80
C ASN A 1719 -5.32 13.90 34.44
N PRO A 1720 -4.46 14.33 33.52
CA PRO A 1720 -4.50 13.77 32.16
C PRO A 1720 -3.98 12.35 32.06
N CYS A 1721 -3.51 11.75 33.15
CA CYS A 1721 -3.03 10.37 33.14
C CYS A 1721 -3.87 9.55 34.11
N ASP A 1722 -5.01 9.07 33.62
CA ASP A 1722 -5.88 8.20 34.42
C ASP A 1722 -6.79 7.46 33.45
N TYR A 1723 -6.60 6.14 33.35
CA TYR A 1723 -7.26 5.33 32.34
C TYR A 1723 -8.32 4.43 32.97
N PHE A 1724 -9.12 3.81 32.09
CA PHE A 1724 -10.17 2.90 32.50
C PHE A 1724 -10.45 1.95 31.36
N PRO A 1725 -10.60 0.65 31.63
CA PRO A 1725 -10.88 -0.32 30.57
C PRO A 1725 -12.38 -0.52 30.36
N LEU A 1726 -12.71 -0.98 29.15
CA LEU A 1726 -14.09 -1.14 28.74
C LEU A 1726 -14.22 -2.28 27.75
N LYS A 1727 -15.38 -2.93 27.77
CA LYS A 1727 -15.76 -3.98 26.84
C LYS A 1727 -17.06 -3.59 26.15
N PRO A 1728 -17.19 -3.81 24.85
CA PRO A 1728 -18.41 -3.39 24.15
C PRO A 1728 -19.59 -4.27 24.52
N ALA A 1729 -20.78 -3.69 24.41
CA ALA A 1729 -22.03 -4.42 24.69
C ALA A 1729 -22.35 -5.29 23.48
N ALA A 1730 -21.96 -6.56 23.54
CA ALA A 1730 -22.20 -7.49 22.45
C ALA A 1730 -23.68 -7.86 22.35
N ARG A 1737 -22.17 -19.11 12.46
CA ARG A 1737 -21.80 -17.75 12.09
C ARG A 1737 -22.50 -17.33 10.81
N VAL A 1738 -21.98 -16.28 10.17
CA VAL A 1738 -22.53 -15.79 8.92
C VAL A 1738 -21.71 -16.35 7.76
N GLY A 1739 -22.39 -16.80 6.71
CA GLY A 1739 -21.75 -17.41 5.58
C GLY A 1739 -22.24 -16.84 4.25
N LEU A 1740 -21.64 -17.35 3.18
CA LEU A 1740 -21.95 -16.85 1.84
C LEU A 1740 -23.11 -17.59 1.21
N ASN A 1741 -23.40 -18.80 1.68
CA ASN A 1741 -24.49 -19.58 1.09
C ASN A 1741 -25.85 -19.04 1.52
N HIS A 1742 -25.92 -18.45 2.72
CA HIS A 1742 -27.21 -17.99 3.25
C HIS A 1742 -27.75 -16.83 2.42
N ILE A 1743 -26.91 -15.87 2.07
CA ILE A 1743 -27.37 -14.74 1.26
C ILE A 1743 -27.83 -15.21 -0.10
N ILE A 1744 -27.14 -16.19 -0.68
CA ILE A 1744 -27.55 -16.74 -1.97
C ILE A 1744 -28.91 -17.40 -1.86
N HIS A 1745 -29.10 -18.24 -0.84
CA HIS A 1745 -30.37 -18.93 -0.67
C HIS A 1745 -31.51 -17.95 -0.41
N SER A 1746 -31.25 -16.87 0.34
CA SER A 1746 -32.29 -15.89 0.61
C SER A 1746 -32.64 -15.10 -0.64
N LEU A 1747 -31.63 -14.66 -1.40
CA LEU A 1747 -31.89 -13.99 -2.67
C LEU A 1747 -32.65 -14.89 -3.62
N ARG A 1748 -32.43 -16.20 -3.55
CA ARG A 1748 -33.20 -17.12 -4.37
C ARG A 1748 -34.66 -17.17 -3.91
N ARG A 1749 -34.88 -17.49 -2.64
CA ARG A 1749 -36.21 -17.71 -2.11
C ARG A 1749 -37.00 -16.42 -1.91
N LEU A 1750 -36.41 -15.26 -2.19
CA LEU A 1750 -37.13 -14.00 -2.08
C LEU A 1750 -37.23 -13.26 -3.41
N TYR A 1751 -36.12 -13.13 -4.14
CA TYR A 1751 -36.09 -12.42 -5.42
C TYR A 1751 -35.65 -13.41 -6.50
N PRO A 1752 -36.59 -14.23 -7.00
CA PRO A 1752 -36.21 -15.23 -8.00
C PRO A 1752 -35.80 -14.63 -9.34
N SER A 1753 -36.34 -13.46 -9.69
CA SER A 1753 -36.10 -12.89 -11.01
C SER A 1753 -34.61 -12.66 -11.26
N VAL A 1754 -33.96 -11.86 -10.42
CA VAL A 1754 -32.54 -11.61 -10.57
C VAL A 1754 -31.73 -12.89 -10.38
N PHE A 1755 -32.21 -13.79 -9.52
CA PHE A 1755 -31.45 -15.00 -9.22
C PHE A 1755 -31.34 -15.91 -10.43
N GLU A 1756 -32.45 -16.11 -11.14
CA GLU A 1756 -32.43 -17.04 -12.26
C GLU A 1756 -31.63 -16.53 -13.45
N LYS A 1757 -31.25 -15.26 -13.46
CA LYS A 1757 -30.50 -14.70 -14.56
C LYS A 1757 -29.09 -14.25 -14.20
N HIS A 1758 -28.74 -14.20 -12.91
CA HIS A 1758 -27.42 -13.75 -12.51
C HIS A 1758 -26.69 -14.71 -11.57
N ILE A 1759 -27.39 -15.47 -10.75
CA ILE A 1759 -26.73 -16.39 -9.83
C ILE A 1759 -26.91 -17.81 -10.35
N LEU A 1760 -28.03 -18.06 -11.01
CA LEU A 1760 -28.23 -19.37 -11.65
C LEU A 1760 -27.18 -19.67 -12.72
N PRO A 1761 -26.79 -18.75 -13.61
CA PRO A 1761 -25.74 -19.08 -14.58
C PRO A 1761 -24.37 -19.32 -13.97
N PHE A 1762 -24.23 -19.25 -12.65
CA PHE A 1762 -22.95 -19.50 -12.00
C PHE A 1762 -23.11 -20.43 -10.80
N SER A 1774 -33.59 -21.23 11.59
CA SER A 1774 -34.89 -20.62 11.33
C SER A 1774 -35.00 -19.18 11.88
N PRO A 1775 -34.61 -18.93 13.13
CA PRO A 1775 -34.66 -17.55 13.61
C PRO A 1775 -33.53 -16.69 13.09
N ARG A 1776 -32.34 -17.27 12.89
CA ARG A 1776 -31.19 -16.50 12.44
C ARG A 1776 -31.40 -15.98 11.02
N ILE A 1777 -31.74 -16.87 10.09
CA ILE A 1777 -31.90 -16.47 8.69
C ILE A 1777 -33.13 -15.61 8.48
N LYS A 1778 -34.13 -15.72 9.36
CA LYS A 1778 -35.34 -14.91 9.22
C LYS A 1778 -34.99 -13.42 9.24
N PHE A 1779 -34.02 -13.02 10.05
CA PHE A 1779 -33.61 -11.62 10.09
C PHE A 1779 -32.55 -11.31 9.06
N LEU A 1780 -31.76 -12.32 8.65
CA LEU A 1780 -30.80 -12.11 7.56
C LEU A 1780 -31.52 -11.75 6.27
N ASP A 1781 -32.69 -12.35 6.03
CA ASP A 1781 -33.48 -11.98 4.85
C ASP A 1781 -33.86 -10.51 4.90
N LEU A 1782 -34.37 -10.05 6.04
CA LEU A 1782 -34.73 -8.65 6.18
C LEU A 1782 -33.52 -7.74 6.02
N CYS A 1783 -32.37 -8.18 6.52
CA CYS A 1783 -31.15 -7.40 6.38
C CYS A 1783 -30.78 -7.23 4.91
N VAL A 1784 -30.77 -8.33 4.15
CA VAL A 1784 -30.40 -8.22 2.73
C VAL A 1784 -31.47 -7.44 1.97
N ALA A 1785 -32.73 -7.51 2.40
CA ALA A 1785 -33.78 -6.73 1.72
C ALA A 1785 -33.57 -5.24 1.95
N LEU A 1786 -33.32 -4.83 3.19
CA LEU A 1786 -33.04 -3.43 3.48
C LEU A 1786 -31.78 -2.97 2.76
N ASP A 1787 -30.80 -3.86 2.61
CA ASP A 1787 -29.59 -3.50 1.89
C ASP A 1787 -29.89 -3.26 0.41
N VAL A 1788 -30.72 -4.11 -0.19
CA VAL A 1788 -31.02 -3.97 -1.61
C VAL A 1788 -31.86 -2.73 -1.88
N ASN A 1789 -32.83 -2.46 -1.00
CA ASN A 1789 -33.80 -1.39 -1.27
C ASN A 1789 -33.30 -0.01 -0.89
N CYS A 1790 -32.38 0.09 0.07
CA CYS A 1790 -31.86 1.39 0.53
C CYS A 1790 -30.35 1.36 0.36
N GLU A 1791 -29.86 1.86 -0.77
CA GLU A 1791 -28.49 1.68 -1.20
C GLU A 1791 -27.61 2.88 -0.94
N ALA A 1792 -28.01 3.79 -0.06
CA ALA A 1792 -27.19 4.96 0.24
C ALA A 1792 -25.87 4.55 0.86
N LEU A 1793 -25.91 3.95 2.04
CA LEU A 1793 -24.71 3.50 2.73
C LEU A 1793 -24.87 2.15 3.40
N SER A 1794 -26.09 1.61 3.54
CA SER A 1794 -26.37 0.46 4.39
C SER A 1794 -25.67 -0.81 3.93
N LEU A 1795 -24.87 -0.73 2.86
CA LEU A 1795 -24.04 -1.86 2.46
C LEU A 1795 -23.14 -2.31 3.60
N VAL A 1796 -22.58 -1.35 4.35
CA VAL A 1796 -21.73 -1.68 5.48
C VAL A 1796 -22.48 -2.49 6.53
N SER A 1797 -23.81 -2.53 6.44
CA SER A 1797 -24.60 -3.36 7.33
C SER A 1797 -24.32 -4.84 7.15
N HIS A 1798 -23.60 -5.24 6.11
CA HIS A 1798 -23.25 -6.64 5.90
C HIS A 1798 -21.77 -6.88 5.58
N ILE A 1799 -21.04 -5.87 5.10
CA ILE A 1799 -19.66 -6.09 4.69
C ILE A 1799 -18.77 -6.34 5.90
N VAL A 1800 -19.17 -5.84 7.07
CA VAL A 1800 -18.39 -6.00 8.28
C VAL A 1800 -18.82 -7.24 9.04
N LYS A 1803 -12.18 -7.32 10.58
CA LYS A 1803 -11.84 -7.59 11.97
C LYS A 1803 -12.14 -6.37 12.84
N ARG A 1804 -12.68 -6.62 14.03
CA ARG A 1804 -13.11 -5.58 14.94
C ARG A 1804 -12.52 -5.81 16.33
N GLU A 1805 -11.82 -4.82 16.85
CA GLU A 1805 -11.23 -4.92 18.18
C GLU A 1805 -12.31 -5.00 19.25
N GLU A 1806 -11.93 -5.48 20.42
CA GLU A 1806 -12.87 -5.65 21.53
C GLU A 1806 -12.52 -4.76 22.72
N HIS A 1807 -11.32 -4.89 23.27
CA HIS A 1807 -10.99 -4.18 24.50
C HIS A 1807 -10.69 -2.72 24.21
N TYR A 1808 -11.18 -1.84 25.07
CA TYR A 1808 -10.94 -0.40 24.95
C TYR A 1808 -10.30 0.13 26.21
N ILE A 1809 -9.44 1.13 26.07
CA ILE A 1809 -8.81 1.83 27.18
C ILE A 1809 -8.99 3.32 26.96
N VAL A 1810 -9.77 3.96 27.82
CA VAL A 1810 -10.15 5.36 27.61
C VAL A 1810 -9.95 6.16 28.89
N LEU A 1811 -9.84 7.48 28.71
CA LEU A 1811 -9.70 8.37 29.84
C LEU A 1811 -10.97 8.35 30.70
N SER A 1812 -10.78 8.22 32.02
CA SER A 1812 -11.92 8.21 32.92
C SER A 1812 -12.60 9.56 33.03
N SER A 1813 -11.90 10.64 32.70
CA SER A 1813 -12.49 11.97 32.74
C SER A 1813 -13.38 12.26 31.55
N GLU A 1814 -13.40 11.38 30.55
CA GLU A 1814 -14.23 11.57 29.36
C GLU A 1814 -15.57 10.87 29.45
N LEU A 1815 -15.61 9.66 30.02
CA LEU A 1815 -16.86 8.92 30.11
C LEU A 1815 -17.94 9.68 30.86
N ARG A 1816 -17.55 10.48 31.85
CA ARG A 1816 -18.53 11.20 32.67
C ARG A 1816 -19.09 12.43 31.97
N LEU A 1817 -18.86 12.58 30.66
CA LEU A 1817 -19.42 13.68 29.89
C LEU A 1817 -20.04 13.19 28.59
N SER A 1818 -20.36 11.90 28.48
CA SER A 1818 -20.93 11.33 27.28
C SER A 1818 -22.44 11.49 27.30
N HIS A 1819 -23.13 10.79 26.41
CA HIS A 1819 -24.59 10.83 26.32
C HIS A 1819 -25.19 9.53 26.80
N THR A 1820 -26.47 9.57 27.15
CA THR A 1820 -27.19 8.43 27.67
C THR A 1820 -28.37 8.11 26.75
N ARG A 1821 -28.57 6.82 26.50
CA ARG A 1821 -29.68 6.31 25.71
C ARG A 1821 -30.52 5.39 26.58
N THR A 1822 -31.81 5.68 26.67
CA THR A 1822 -32.73 4.93 27.52
C THR A 1822 -33.59 4.01 26.68
N HIS A 1823 -33.66 2.74 27.07
CA HIS A 1823 -34.44 1.73 26.38
C HIS A 1823 -35.68 1.45 27.21
N GLU A 1824 -36.73 2.23 26.95
CA GLU A 1824 -37.99 2.08 27.67
C GLU A 1824 -39.11 1.61 26.74
ZN ZN B . -8.61 45.61 -8.58
MG MG C . 11.73 -7.47 20.92
#